data_5KH7
# 
_entry.id   5KH7 
# 
_audit_conform.dict_name       mmcif_pdbx.dic 
_audit_conform.dict_version    5.379 
_audit_conform.dict_location   http://mmcif.pdb.org/dictionaries/ascii/mmcif_pdbx.dic 
# 
loop_
_database_2.database_id 
_database_2.database_code 
_database_2.pdbx_database_accession 
_database_2.pdbx_DOI 
PDB   5KH7         pdb_00005kh7 10.2210/pdb5kh7/pdb 
WWPDB D_1000222208 ?            ?                   
# 
loop_
_pdbx_database_related.db_name 
_pdbx_database_related.details 
_pdbx_database_related.db_id 
_pdbx_database_related.content_type 
PDB . 5KH3 unspecified 
PDB . 5KH9 unspecified 
PDB . 5B8D unspecified 
# 
_pdbx_database_status.status_code                     REL 
_pdbx_database_status.status_code_sf                  REL 
_pdbx_database_status.status_code_mr                  ? 
_pdbx_database_status.entry_id                        5KH7 
_pdbx_database_status.recvd_initial_deposition_date   2016-06-14 
_pdbx_database_status.SG_entry                        Y 
_pdbx_database_status.deposit_site                    RCSB 
_pdbx_database_status.process_site                    RCSB 
_pdbx_database_status.status_code_cs                  ? 
_pdbx_database_status.methods_development_category    ? 
_pdbx_database_status.pdb_format_compatible           Y 
_pdbx_database_status.status_code_nmr_data            ? 
# 
loop_
_audit_author.name 
_audit_author.pdbx_ordinal 
'Harding, R.J.'                        1  
'Walker, J.'                           2  
'Ravichandran, M.'                     3  
'Ferreira de Freitas, R.'              4  
'Schapira, M.'                         5  
'Bountra, C.'                          6  
'Edwards, A.M.'                        7  
'Santhakumar, V.'                      8  
'Arrowsmith, C.M.'                     9  
'Structural Genomics Consortium (SGC)' 10 
# 
_citation.abstract                  ? 
_citation.abstract_id_CAS           ? 
_citation.book_id_ISBN              ? 
_citation.book_publisher            ? 
_citation.book_publisher_city       ? 
_citation.book_title                ? 
_citation.coordinate_linkage        ? 
_citation.country                   US 
_citation.database_id_Medline       ? 
_citation.details                   ? 
_citation.id                        primary 
_citation.journal_abbrev            'J. Med. Chem.' 
_citation.journal_id_ASTM           JMCMAR 
_citation.journal_id_CSD            0151 
_citation.journal_id_ISSN           1520-4804 
_citation.journal_full              ? 
_citation.journal_issue             ? 
_citation.journal_volume            60 
_citation.language                  ? 
_citation.page_first                9090 
_citation.page_last                 9096 
_citation.title                     
'Small Molecule Antagonists of the Interaction between the Histone Deacetylase 6 Zinc-Finger Domain and Ubiquitin.' 
_citation.year                      2017 
_citation.database_id_CSD           ? 
_citation.pdbx_database_id_DOI      10.1021/acs.jmedchem.7b00933 
_citation.pdbx_database_id_PubMed   29019676 
_citation.unpublished_flag          ? 
# 
loop_
_citation_author.citation_id 
_citation_author.name 
_citation_author.ordinal 
_citation_author.identifier_ORCID 
primary 'Harding, R.J.'           1  0000-0002-1134-391X 
primary 'Ferreira de Freitas, R.' 2  0000-0001-6195-4236 
primary 'Collins, P.'             3  0000-0002-6265-9922 
primary 'Franzoni, I.'            4  0000-0001-8110-6218 
primary 'Ravichandran, M.'        5  ?                   
primary 'Ouyang, H.'              6  ?                   
primary 'Juarez-Ornelas, K.A.'    7  ?                   
primary 'Lautens, M.'             8  ?                   
primary 'Schapira, M.'            9  0000-0002-1047-3309 
primary 'von Delft, F.'           10 ?                   
primary 'Santhakumar, V.'         11 ?                   
primary 'Arrowsmith, C.H.'        12 0000-0002-4971-3250 
# 
_cell.entry_id           5KH7 
_cell.length_a           40.719 
_cell.length_b           43.776 
_cell.length_c           55.924 
_cell.angle_alpha        90.000 
_cell.angle_beta         90.000 
_cell.angle_gamma        90.000 
_cell.Z_PDB              4 
_cell.pdbx_unique_axis   ? 
# 
_symmetry.entry_id                         5KH7 
_symmetry.Int_Tables_number                19 
_symmetry.space_group_name_H-M             'P 21 21 21' 
_symmetry.pdbx_full_space_group_name_H-M   ? 
_symmetry.cell_setting                     ? 
# 
loop_
_entity.id 
_entity.type 
_entity.src_method 
_entity.pdbx_description 
_entity.formula_weight 
_entity.pdbx_number_of_molecules 
_entity.pdbx_ec 
_entity.pdbx_mutation 
_entity.pdbx_fragment 
_entity.details 
1 polymer     man 'Histone deacetylase 6'                                           11932.607 1   3.5.1.98 ? ? ? 
2 non-polymer syn 'ZINC ION'                                                        65.409    3   ?        ? ? ? 
3 non-polymer syn '3-(6-oxidanylidene-3-pyridin-3-yl-pyridazin-1-yl)propanoic acid' 245.234   1   ?        ? ? ? 
4 non-polymer syn 'UNKNOWN ATOM OR ION'                                             ?         15  ?        ? ? ? 
5 water       nat water                                                             18.015    115 ?        ? ? ? 
# 
_entity_name_com.entity_id   1 
_entity_name_com.name        HD6 
# 
_entity_poly.entity_id                      1 
_entity_poly.type                           'polypeptide(L)' 
_entity_poly.nstd_linkage                   no 
_entity_poly.nstd_monomer                   no 
_entity_poly.pdbx_seq_one_letter_code       
;GSPLPWCPHLVAVCPIPAAGLDVTQPCGDCGTIQENWVCLSCYQVYCGRYINGHMLQHHGNSGHPLVLSYIDLSAWCYYC
QAYVHHQALLDVKNIAHQNKFGEDMPH
;
_entity_poly.pdbx_seq_one_letter_code_can   
;GSPLPWCPHLVAVCPIPAAGLDVTQPCGDCGTIQENWVCLSCYQVYCGRYINGHMLQHHGNSGHPLVLSYIDLSAWCYYC
QAYVHHQALLDVKNIAHQNKFGEDMPH
;
_entity_poly.pdbx_strand_id                 A 
_entity_poly.pdbx_target_identifier         ? 
# 
loop_
_entity_poly_seq.entity_id 
_entity_poly_seq.num 
_entity_poly_seq.mon_id 
_entity_poly_seq.hetero 
1 1   GLY n 
1 2   SER n 
1 3   PRO n 
1 4   LEU n 
1 5   PRO n 
1 6   TRP n 
1 7   CYS n 
1 8   PRO n 
1 9   HIS n 
1 10  LEU n 
1 11  VAL n 
1 12  ALA n 
1 13  VAL n 
1 14  CYS n 
1 15  PRO n 
1 16  ILE n 
1 17  PRO n 
1 18  ALA n 
1 19  ALA n 
1 20  GLY n 
1 21  LEU n 
1 22  ASP n 
1 23  VAL n 
1 24  THR n 
1 25  GLN n 
1 26  PRO n 
1 27  CYS n 
1 28  GLY n 
1 29  ASP n 
1 30  CYS n 
1 31  GLY n 
1 32  THR n 
1 33  ILE n 
1 34  GLN n 
1 35  GLU n 
1 36  ASN n 
1 37  TRP n 
1 38  VAL n 
1 39  CYS n 
1 40  LEU n 
1 41  SER n 
1 42  CYS n 
1 43  TYR n 
1 44  GLN n 
1 45  VAL n 
1 46  TYR n 
1 47  CYS n 
1 48  GLY n 
1 49  ARG n 
1 50  TYR n 
1 51  ILE n 
1 52  ASN n 
1 53  GLY n 
1 54  HIS n 
1 55  MET n 
1 56  LEU n 
1 57  GLN n 
1 58  HIS n 
1 59  HIS n 
1 60  GLY n 
1 61  ASN n 
1 62  SER n 
1 63  GLY n 
1 64  HIS n 
1 65  PRO n 
1 66  LEU n 
1 67  VAL n 
1 68  LEU n 
1 69  SER n 
1 70  TYR n 
1 71  ILE n 
1 72  ASP n 
1 73  LEU n 
1 74  SER n 
1 75  ALA n 
1 76  TRP n 
1 77  CYS n 
1 78  TYR n 
1 79  TYR n 
1 80  CYS n 
1 81  GLN n 
1 82  ALA n 
1 83  TYR n 
1 84  VAL n 
1 85  HIS n 
1 86  HIS n 
1 87  GLN n 
1 88  ALA n 
1 89  LEU n 
1 90  LEU n 
1 91  ASP n 
1 92  VAL n 
1 93  LYS n 
1 94  ASN n 
1 95  ILE n 
1 96  ALA n 
1 97  HIS n 
1 98  GLN n 
1 99  ASN n 
1 100 LYS n 
1 101 PHE n 
1 102 GLY n 
1 103 GLU n 
1 104 ASP n 
1 105 MET n 
1 106 PRO n 
1 107 HIS n 
# 
_entity_src_gen.entity_id                          1 
_entity_src_gen.pdbx_src_id                        1 
_entity_src_gen.pdbx_alt_source_flag               sample 
_entity_src_gen.pdbx_seq_type                      'Biological sequence' 
_entity_src_gen.pdbx_beg_seq_num                   1 
_entity_src_gen.pdbx_end_seq_num                   107 
_entity_src_gen.gene_src_common_name               Human 
_entity_src_gen.gene_src_genus                     ? 
_entity_src_gen.pdbx_gene_src_gene                 'HDAC6, KIAA0901, JM21' 
_entity_src_gen.gene_src_species                   ? 
_entity_src_gen.gene_src_strain                    ? 
_entity_src_gen.gene_src_tissue                    ? 
_entity_src_gen.gene_src_tissue_fraction           ? 
_entity_src_gen.gene_src_details                   ? 
_entity_src_gen.pdbx_gene_src_fragment             ? 
_entity_src_gen.pdbx_gene_src_scientific_name      'Homo sapiens' 
_entity_src_gen.pdbx_gene_src_ncbi_taxonomy_id     9606 
_entity_src_gen.pdbx_gene_src_variant              ? 
_entity_src_gen.pdbx_gene_src_cell_line            ? 
_entity_src_gen.pdbx_gene_src_atcc                 ? 
_entity_src_gen.pdbx_gene_src_organ                ? 
_entity_src_gen.pdbx_gene_src_organelle            ? 
_entity_src_gen.pdbx_gene_src_cell                 ? 
_entity_src_gen.pdbx_gene_src_cellular_location    ? 
_entity_src_gen.host_org_common_name               ? 
_entity_src_gen.pdbx_host_org_scientific_name      'Escherichia coli' 
_entity_src_gen.pdbx_host_org_ncbi_taxonomy_id     469008 
_entity_src_gen.host_org_genus                     ? 
_entity_src_gen.pdbx_host_org_gene                 ? 
_entity_src_gen.pdbx_host_org_organ                ? 
_entity_src_gen.host_org_species                   ? 
_entity_src_gen.pdbx_host_org_tissue               ? 
_entity_src_gen.pdbx_host_org_tissue_fraction      ? 
_entity_src_gen.pdbx_host_org_strain               'BL21 (DE3) codon plus' 
_entity_src_gen.pdbx_host_org_variant              ? 
_entity_src_gen.pdbx_host_org_cell_line            ? 
_entity_src_gen.pdbx_host_org_atcc                 ? 
_entity_src_gen.pdbx_host_org_culture_collection   ? 
_entity_src_gen.pdbx_host_org_cell                 ? 
_entity_src_gen.pdbx_host_org_organelle            ? 
_entity_src_gen.pdbx_host_org_cellular_location    ? 
_entity_src_gen.pdbx_host_org_vector_type          ? 
_entity_src_gen.pdbx_host_org_vector               ? 
_entity_src_gen.host_org_details                   ? 
_entity_src_gen.expression_system_id               ? 
_entity_src_gen.plasmid_name                       pET28-lic 
_entity_src_gen.plasmid_details                    ? 
_entity_src_gen.pdbx_description                   ? 
# 
_struct_ref.id                         1 
_struct_ref.db_name                    UNP 
_struct_ref.db_code                    HDAC6_HUMAN 
_struct_ref.pdbx_db_accession          Q9UBN7 
_struct_ref.pdbx_db_isoform            ? 
_struct_ref.entity_id                  1 
_struct_ref.pdbx_seq_one_letter_code   
;PLPWCPHLVAVCPIPAAGLDVTQPCGDCGTIQENWVCLSCYQVYCGRYINGHMLQHHGNSGHPLVLSYIDLSAWCYYCQA
YVHHQALLDVKNIAHQNKFGEDMPH
;
_struct_ref.pdbx_align_begin           1109 
# 
_struct_ref_seq.align_id                      1 
_struct_ref_seq.ref_id                        1 
_struct_ref_seq.pdbx_PDB_id_code              5KH7 
_struct_ref_seq.pdbx_strand_id                A 
_struct_ref_seq.seq_align_beg                 3 
_struct_ref_seq.pdbx_seq_align_beg_ins_code   ? 
_struct_ref_seq.seq_align_end                 107 
_struct_ref_seq.pdbx_seq_align_end_ins_code   ? 
_struct_ref_seq.pdbx_db_accession             Q9UBN7 
_struct_ref_seq.db_align_beg                  1109 
_struct_ref_seq.pdbx_db_align_beg_ins_code    ? 
_struct_ref_seq.db_align_end                  1213 
_struct_ref_seq.pdbx_db_align_end_ins_code    ? 
_struct_ref_seq.pdbx_auth_seq_align_beg       1109 
_struct_ref_seq.pdbx_auth_seq_align_end       1213 
# 
loop_
_struct_ref_seq_dif.align_id 
_struct_ref_seq_dif.pdbx_pdb_id_code 
_struct_ref_seq_dif.mon_id 
_struct_ref_seq_dif.pdbx_pdb_strand_id 
_struct_ref_seq_dif.seq_num 
_struct_ref_seq_dif.pdbx_pdb_ins_code 
_struct_ref_seq_dif.pdbx_seq_db_name 
_struct_ref_seq_dif.pdbx_seq_db_accession_code 
_struct_ref_seq_dif.db_mon_id 
_struct_ref_seq_dif.pdbx_seq_db_seq_num 
_struct_ref_seq_dif.details 
_struct_ref_seq_dif.pdbx_auth_seq_num 
_struct_ref_seq_dif.pdbx_ordinal 
1 5KH7 GLY A 1 ? UNP Q9UBN7 ? ? 'expression tag' 1107 1 
1 5KH7 SER A 2 ? UNP Q9UBN7 ? ? 'expression tag' 1108 2 
# 
loop_
_chem_comp.id 
_chem_comp.type 
_chem_comp.mon_nstd_flag 
_chem_comp.name 
_chem_comp.pdbx_synonyms 
_chem_comp.formula 
_chem_comp.formula_weight 
6T7 non-polymer         . '3-(6-oxidanylidene-3-pyridin-3-yl-pyridazin-1-yl)propanoic acid' ? 'C12 H11 N3 O3'  245.234 
ALA 'L-peptide linking' y ALANINE                                                           ? 'C3 H7 N O2'     89.093  
ARG 'L-peptide linking' y ARGININE                                                          ? 'C6 H15 N4 O2 1' 175.209 
ASN 'L-peptide linking' y ASPARAGINE                                                        ? 'C4 H8 N2 O3'    132.118 
ASP 'L-peptide linking' y 'ASPARTIC ACID'                                                   ? 'C4 H7 N O4'     133.103 
CYS 'L-peptide linking' y CYSTEINE                                                          ? 'C3 H7 N O2 S'   121.158 
GLN 'L-peptide linking' y GLUTAMINE                                                         ? 'C5 H10 N2 O3'   146.144 
GLU 'L-peptide linking' y 'GLUTAMIC ACID'                                                   ? 'C5 H9 N O4'     147.129 
GLY 'peptide linking'   y GLYCINE                                                           ? 'C2 H5 N O2'     75.067  
HIS 'L-peptide linking' y HISTIDINE                                                         ? 'C6 H10 N3 O2 1' 156.162 
HOH non-polymer         . WATER                                                             ? 'H2 O'           18.015  
ILE 'L-peptide linking' y ISOLEUCINE                                                        ? 'C6 H13 N O2'    131.173 
LEU 'L-peptide linking' y LEUCINE                                                           ? 'C6 H13 N O2'    131.173 
LYS 'L-peptide linking' y LYSINE                                                            ? 'C6 H15 N2 O2 1' 147.195 
MET 'L-peptide linking' y METHIONINE                                                        ? 'C5 H11 N O2 S'  149.211 
PHE 'L-peptide linking' y PHENYLALANINE                                                     ? 'C9 H11 N O2'    165.189 
PRO 'L-peptide linking' y PROLINE                                                           ? 'C5 H9 N O2'     115.130 
SER 'L-peptide linking' y SERINE                                                            ? 'C3 H7 N O3'     105.093 
THR 'L-peptide linking' y THREONINE                                                         ? 'C4 H9 N O3'     119.119 
TRP 'L-peptide linking' y TRYPTOPHAN                                                        ? 'C11 H12 N2 O2'  204.225 
TYR 'L-peptide linking' y TYROSINE                                                          ? 'C9 H11 N O3'    181.189 
UNX non-polymer         . 'UNKNOWN ATOM OR ION'                                             ? ?                ?       
VAL 'L-peptide linking' y VALINE                                                            ? 'C5 H11 N O2'    117.146 
ZN  non-polymer         . 'ZINC ION'                                                        ? 'Zn 2'           65.409  
# 
_exptl.absorpt_coefficient_mu     ? 
_exptl.absorpt_correction_T_max   ? 
_exptl.absorpt_correction_T_min   ? 
_exptl.absorpt_correction_type    ? 
_exptl.absorpt_process_details    ? 
_exptl.entry_id                   5KH7 
_exptl.crystals_number            1 
_exptl.details                    ? 
_exptl.method                     'X-RAY DIFFRACTION' 
_exptl.method_details             ? 
# 
_exptl_crystal.colour                      ? 
_exptl_crystal.density_diffrn              ? 
_exptl_crystal.density_Matthews            2.09 
_exptl_crystal.density_method              ? 
_exptl_crystal.density_percent_sol         41.11 
_exptl_crystal.description                 ? 
_exptl_crystal.F_000                       ? 
_exptl_crystal.id                          1 
_exptl_crystal.preparation                 ? 
_exptl_crystal.size_max                    ? 
_exptl_crystal.size_mid                    ? 
_exptl_crystal.size_min                    ? 
_exptl_crystal.size_rad                    ? 
_exptl_crystal.colour_lustre               ? 
_exptl_crystal.colour_modifier             ? 
_exptl_crystal.colour_primary              ? 
_exptl_crystal.density_meas                ? 
_exptl_crystal.density_meas_esd            ? 
_exptl_crystal.density_meas_gt             ? 
_exptl_crystal.density_meas_lt             ? 
_exptl_crystal.density_meas_temp           ? 
_exptl_crystal.density_meas_temp_esd       ? 
_exptl_crystal.density_meas_temp_gt        ? 
_exptl_crystal.density_meas_temp_lt        ? 
_exptl_crystal.pdbx_crystal_image_url      ? 
_exptl_crystal.pdbx_crystal_image_format   ? 
_exptl_crystal.pdbx_mosaicity              ? 
_exptl_crystal.pdbx_mosaicity_esd          ? 
# 
_exptl_crystal_grow.apparatus       ? 
_exptl_crystal_grow.atmosphere      ? 
_exptl_crystal_grow.crystal_id      1 
_exptl_crystal_grow.details         ? 
_exptl_crystal_grow.method          'VAPOR DIFFUSION, SITTING DROP' 
_exptl_crystal_grow.method_ref      ? 
_exptl_crystal_grow.pH              4.6 
_exptl_crystal_grow.pressure        ? 
_exptl_crystal_grow.pressure_esd    ? 
_exptl_crystal_grow.seeding         ? 
_exptl_crystal_grow.seeding_ref     ? 
_exptl_crystal_grow.temp            291 
_exptl_crystal_grow.temp_details    ? 
_exptl_crystal_grow.temp_esd        ? 
_exptl_crystal_grow.time            ? 
_exptl_crystal_grow.pdbx_details    '2M Na-formate, 0.2M Na-acetate pH4.6, 5% ethylene glycol' 
_exptl_crystal_grow.pdbx_pH_range   ? 
# 
_diffrn.ambient_environment    ? 
_diffrn.ambient_temp           100 
_diffrn.ambient_temp_details   ? 
_diffrn.ambient_temp_esd       ? 
_diffrn.crystal_id             1 
_diffrn.crystal_support        ? 
_diffrn.crystal_treatment      ? 
_diffrn.details                ? 
_diffrn.id                     1 
_diffrn.ambient_pressure       ? 
_diffrn.ambient_pressure_esd   ? 
_diffrn.ambient_pressure_gt    ? 
_diffrn.ambient_pressure_lt    ? 
_diffrn.ambient_temp_gt        ? 
_diffrn.ambient_temp_lt        ? 
# 
_diffrn_detector.details                      ? 
_diffrn_detector.detector                     CCD 
_diffrn_detector.diffrn_id                    1 
_diffrn_detector.type                         'RIGAKU SATURN A200' 
_diffrn_detector.area_resol_mean              ? 
_diffrn_detector.dtime                        ? 
_diffrn_detector.pdbx_frames_total            ? 
_diffrn_detector.pdbx_collection_time_total   ? 
_diffrn_detector.pdbx_collection_date         2016-05-18 
# 
_diffrn_radiation.collimation                      ? 
_diffrn_radiation.diffrn_id                        1 
_diffrn_radiation.filter_edge                      ? 
_diffrn_radiation.inhomogeneity                    ? 
_diffrn_radiation.monochromator                    ? 
_diffrn_radiation.polarisn_norm                    ? 
_diffrn_radiation.polarisn_ratio                   ? 
_diffrn_radiation.probe                            ? 
_diffrn_radiation.type                             ? 
_diffrn_radiation.xray_symbol                      ? 
_diffrn_radiation.wavelength_id                    1 
_diffrn_radiation.pdbx_monochromatic_or_laue_m_l   M 
_diffrn_radiation.pdbx_wavelength_list             ? 
_diffrn_radiation.pdbx_wavelength                  ? 
_diffrn_radiation.pdbx_diffrn_protocol             'SINGLE WAVELENGTH' 
_diffrn_radiation.pdbx_analyzer                    ? 
_diffrn_radiation.pdbx_scattering_type             x-ray 
# 
_diffrn_radiation_wavelength.id           1 
_diffrn_radiation_wavelength.wavelength   1.54178 
_diffrn_radiation_wavelength.wt           1.0 
# 
_diffrn_source.current                     ? 
_diffrn_source.details                     ? 
_diffrn_source.diffrn_id                   1 
_diffrn_source.power                       ? 
_diffrn_source.size                        ? 
_diffrn_source.source                      'ROTATING ANODE' 
_diffrn_source.target                      ? 
_diffrn_source.type                        'RIGAKU FR-E SUPERBRIGHT' 
_diffrn_source.voltage                     ? 
_diffrn_source.take-off_angle              ? 
_diffrn_source.pdbx_wavelength_list        1.54178 
_diffrn_source.pdbx_wavelength             ? 
_diffrn_source.pdbx_synchrotron_beamline   ? 
_diffrn_source.pdbx_synchrotron_site       ? 
# 
_reflns.d_resolution_high            1.600 
_reflns.d_resolution_low             34.47 
_reflns.pdbx_number_measured_all     91630 
_reflns.number_obs                   13752 
_reflns.pdbx_Rmerge_I_obs            0.030 
_reflns.pdbx_netI_over_sigmaI        43.500 
_reflns.pdbx_redundancy              6.700 
_reflns.percent_possible_obs         99.900 
_reflns.pdbx_Rrim_I_all              0.033 
_reflns.pdbx_Rpim_I_all              0.012 
_reflns.pdbx_CC_half                 1.000 
_reflns.pdbx_diffrn_id               1 
_reflns.pdbx_ordinal                 1 
_reflns.entry_id                     5KH7 
_reflns.observed_criterion_sigma_I   ? 
_reflns.observed_criterion_sigma_F   ? 
_reflns.number_all                   ? 
_reflns.pdbx_Rsym_value              ? 
_reflns.B_iso_Wilson_estimate        ? 
# 
loop_
_reflns_shell.pdbx_diffrn_id 
_reflns_shell.pdbx_ordinal 
_reflns_shell.d_res_high 
_reflns_shell.d_res_low 
_reflns_shell.number_measured_obs 
_reflns_shell.number_measured_all 
_reflns_shell.number_unique_obs 
_reflns_shell.pdbx_rejects 
_reflns_shell.Rmerge_I_obs 
_reflns_shell.meanI_over_sigI_obs 
_reflns_shell.pdbx_Rsym_value 
_reflns_shell.pdbx_chi_squared 
_reflns_shell.pdbx_redundancy 
_reflns_shell.percent_possible_obs 
_reflns_shell.pdbx_netI_over_sigmaI_obs 
_reflns_shell.number_possible 
_reflns_shell.number_unique_all 
_reflns_shell.Rmerge_F_all 
_reflns_shell.Rmerge_F_obs 
_reflns_shell.Rmerge_I_all 
_reflns_shell.meanI_over_sigI_all 
_reflns_shell.percent_possible_all 
_reflns_shell.pdbx_Rrim_I_all 
_reflns_shell.pdbx_Rpim_I_all 
_reflns_shell.pdbx_CC_half 
1 1 1.600 1.630  ? 4366 ? 0 0.093 18.200 ? ? 6.400 ? ? ? 678 ? ? ? ? 99.600 0.101 0.039 0.995 
1 2 8.760 27.960 ? 524  ? 0 0.020 71.800 ? ? 4.900 ? ? ? 106 ? ? ? ? 97.000 0.022 0.009 0.999 
# 
_refine.entry_id                                 5KH7 
_refine.pdbx_refine_id                           'X-RAY DIFFRACTION' 
_refine.ls_d_res_high                            1.7000 
_refine.ls_d_res_low                             34.4700 
_refine.pdbx_ls_sigma_F                          0.000 
_refine.pdbx_data_cutoff_high_absF               ? 
_refine.pdbx_data_cutoff_low_absF                ? 
_refine.ls_percent_reflns_obs                    99.9200 
_refine.ls_number_reflns_obs                     10932 
_refine.ls_number_reflns_all                     ? 
_refine.pdbx_ls_cross_valid_method               THROUGHOUT 
_refine.ls_matrix_type                           ? 
_refine.pdbx_R_Free_selection_details            RANDOM 
_refine.details                                  
;Amplitudes and unmerged intensities are included with this deposition. Diffraction images will be deposited in a public repository. Geometry restraints for the fragment candidate were prepared with GRADE.
;
_refine.ls_R_factor_all                          ? 
_refine.ls_R_factor_obs                          0.1479 
_refine.ls_R_factor_R_work                       0.1461 
_refine.ls_wR_factor_R_work                      ? 
_refine.ls_R_factor_R_free                       0.1827 
_refine.ls_wR_factor_R_free                      ? 
_refine.ls_percent_reflns_R_free                 4.7000 
_refine.ls_number_reflns_R_free                  544 
_refine.ls_number_reflns_R_work                  ? 
_refine.ls_R_factor_R_free_error                 ? 
_refine.B_iso_mean                               9.6280 
_refine.solvent_model_param_bsol                 ? 
_refine.solvent_model_param_ksol                 ? 
_refine.pdbx_isotropic_thermal_model             ? 
_refine.aniso_B[1][1]                            -0.0100 
_refine.aniso_B[2][2]                            0.4900 
_refine.aniso_B[3][3]                            -0.4800 
_refine.aniso_B[1][2]                            -0.0000 
_refine.aniso_B[1][3]                            0.0000 
_refine.aniso_B[2][3]                            0.0000 
_refine.correlation_coeff_Fo_to_Fc               0.9570 
_refine.correlation_coeff_Fo_to_Fc_free          0.9440 
_refine.overall_SU_R_Cruickshank_DPI             ? 
_refine.pdbx_overall_SU_R_free_Cruickshank_DPI   ? 
_refine.pdbx_overall_SU_R_Blow_DPI               ? 
_refine.pdbx_overall_SU_R_free_Blow_DPI          ? 
_refine.overall_SU_R_free                        ? 
_refine.pdbx_overall_ESU_R                       0.0930 
_refine.pdbx_overall_ESU_R_Free                  0.0940 
_refine.overall_SU_ML                            0.0470 
_refine.overall_SU_B                             1.3400 
_refine.solvent_model_details                    MASK 
_refine.pdbx_solvent_vdw_probe_radii             1.2000 
_refine.pdbx_solvent_ion_probe_radii             0.8000 
_refine.pdbx_solvent_shrinkage_radii             0.8000 
_refine.ls_number_parameters                     ? 
_refine.ls_number_restraints                     ? 
_refine.pdbx_starting_model                      'pdbid 3C5K' 
_refine.pdbx_method_to_determine_struct          ? 
_refine.pdbx_stereochemistry_target_values       'MAXIMUM LIKELIHOOD' 
_refine.pdbx_stereochem_target_val_spec_case     ? 
_refine.overall_FOM_work_R_set                   ? 
_refine.B_iso_max                                34.330 
_refine.B_iso_min                                3.950 
_refine.pdbx_overall_phase_error                 ? 
_refine.occupancy_max                            ? 
_refine.occupancy_min                            ? 
_refine.pdbx_diffrn_id                           1 
_refine.pdbx_TLS_residual_ADP_flag               ? 
_refine.pdbx_ls_sigma_I                          ? 
_refine.pdbx_data_cutoff_high_rms_absF           ? 
_refine.ls_R_factor_R_free_error_details         ? 
# 
_refine_hist.cycle_id                         final 
_refine_hist.pdbx_refine_id                   'X-RAY DIFFRACTION' 
_refine_hist.d_res_high                       1.7000 
_refine_hist.d_res_low                        34.4700 
_refine_hist.pdbx_number_atoms_ligand         36 
_refine_hist.number_atoms_solvent             117 
_refine_hist.number_atoms_total               932 
_refine_hist.pdbx_number_residues_total       101 
_refine_hist.pdbx_B_iso_mean_ligand           15.48 
_refine_hist.pdbx_B_iso_mean_solvent          20.36 
_refine_hist.pdbx_number_atoms_protein        779 
_refine_hist.pdbx_number_atoms_nucleic_acid   0 
# 
loop_
_refine_ls_restr.pdbx_refine_id 
_refine_ls_restr.type 
_refine_ls_restr.number 
_refine_ls_restr.dev_ideal 
_refine_ls_restr.dev_ideal_target 
_refine_ls_restr.weight 
_refine_ls_restr.pdbx_restraint_function 
'X-RAY DIFFRACTION' r_bond_refined_d       865  0.012  0.019  ? ? 
'X-RAY DIFFRACTION' r_bond_other_d         762  0.003  0.020  ? ? 
'X-RAY DIFFRACTION' r_angle_refined_deg    1189 1.489  1.893  ? ? 
'X-RAY DIFFRACTION' r_angle_other_deg      1748 1.068  3.000  ? ? 
'X-RAY DIFFRACTION' r_dihedral_angle_1_deg 105  6.388  5.000  ? ? 
'X-RAY DIFFRACTION' r_dihedral_angle_2_deg 39   34.966 24.103 ? ? 
'X-RAY DIFFRACTION' r_dihedral_angle_3_deg 114  11.206 15.000 ? ? 
'X-RAY DIFFRACTION' r_dihedral_angle_4_deg 1    15.452 15.000 ? ? 
'X-RAY DIFFRACTION' r_chiral_restr         122  0.111  0.200  ? ? 
'X-RAY DIFFRACTION' r_gen_planes_refined   1084 0.010  0.021  ? ? 
'X-RAY DIFFRACTION' r_gen_planes_other     225  0.003  0.020  ? ? 
'X-RAY DIFFRACTION' r_mcbond_it            417  0.740  0.810  ? ? 
'X-RAY DIFFRACTION' r_mcbond_other         418  0.740  0.813  ? ? 
'X-RAY DIFFRACTION' r_mcangle_it           524  1.237  1.211  ? ? 
# 
_refine_ls_shell.d_res_high                       1.7000 
_refine_ls_shell.d_res_low                        1.7440 
_refine_ls_shell.pdbx_total_number_of_bins_used   20 
_refine_ls_shell.percent_reflns_obs               99.8800 
_refine_ls_shell.number_reflns_R_work             796 
_refine_ls_shell.R_factor_all                     ? 
_refine_ls_shell.R_factor_R_work                  0.1120 
_refine_ls_shell.R_factor_R_free                  0.1560 
_refine_ls_shell.percent_reflns_R_free            ? 
_refine_ls_shell.number_reflns_R_free             37 
_refine_ls_shell.R_factor_R_free_error            ? 
_refine_ls_shell.number_reflns_all                833 
_refine_ls_shell.number_reflns_obs                ? 
_refine_ls_shell.pdbx_refine_id                   'X-RAY DIFFRACTION' 
_refine_ls_shell.R_factor_obs                     ? 
# 
_struct.entry_id                     5KH7 
_struct.title                        
;Crystal structure of fragment (3-[6-Oxo-3-(3-pyridinyl)-1(6H)-pyridazinyl]propanoic acid) bound in the ubiquitin binding pocket of the HDAC6 zinc-finger domain
;
_struct.pdbx_model_details           ? 
_struct.pdbx_formula_weight          ? 
_struct.pdbx_formula_weight_method   ? 
_struct.pdbx_model_type_details      ? 
_struct.pdbx_CASP_flag               N 
# 
_struct_keywords.entry_id        5KH7 
_struct_keywords.text            
'HISTONE DEACETYLASE, HDAC, HDAC6, FRAGMENT SCREENING, STRUCTURAL GENOMICS CONSORTIUM, SGC, HYDROLASE' 
_struct_keywords.pdbx_keywords   HYDROLASE 
# 
loop_
_struct_asym.id 
_struct_asym.pdbx_blank_PDB_chainid_flag 
_struct_asym.pdbx_modified 
_struct_asym.entity_id 
_struct_asym.details 
A N N 1 ? 
B N N 2 ? 
C N N 2 ? 
D N N 2 ? 
E N N 3 ? 
F N N 4 ? 
G N N 4 ? 
H N N 4 ? 
I N N 4 ? 
J N N 4 ? 
K N N 4 ? 
L N N 4 ? 
M N N 4 ? 
N N N 4 ? 
O N N 4 ? 
P N N 4 ? 
Q N N 4 ? 
R N N 4 ? 
S N N 4 ? 
T N N 4 ? 
U N N 5 ? 
# 
loop_
_struct_conf.conf_type_id 
_struct_conf.id 
_struct_conf.pdbx_PDB_helix_id 
_struct_conf.beg_label_comp_id 
_struct_conf.beg_label_asym_id 
_struct_conf.beg_label_seq_id 
_struct_conf.pdbx_beg_PDB_ins_code 
_struct_conf.end_label_comp_id 
_struct_conf.end_label_asym_id 
_struct_conf.end_label_seq_id 
_struct_conf.pdbx_end_PDB_ins_code 
_struct_conf.beg_auth_comp_id 
_struct_conf.beg_auth_asym_id 
_struct_conf.beg_auth_seq_id 
_struct_conf.end_auth_comp_id 
_struct_conf.end_auth_asym_id 
_struct_conf.end_auth_seq_id 
_struct_conf.pdbx_PDB_helix_class 
_struct_conf.details 
_struct_conf.pdbx_PDB_helix_length 
HELX_P HELX_P1 AA1 HIS A 9  ? VAL A 13  ? HIS A 1115 VAL A 1119 5 ? 5  
HELX_P HELX_P2 AA2 GLY A 53 ? GLY A 63  ? GLY A 1159 GLY A 1169 1 ? 11 
HELX_P HELX_P3 AA3 HIS A 86 ? ALA A 88  ? HIS A 1192 ALA A 1194 5 ? 3  
HELX_P HELX_P4 AA4 LEU A 89 ? GLY A 102 ? LEU A 1195 GLY A 1208 1 ? 14 
# 
_struct_conf_type.id          HELX_P 
_struct_conf_type.criteria    ? 
_struct_conf_type.reference   ? 
# 
loop_
_struct_conn.id 
_struct_conn.conn_type_id 
_struct_conn.pdbx_leaving_atom_flag 
_struct_conn.pdbx_PDB_id 
_struct_conn.ptnr1_label_asym_id 
_struct_conn.ptnr1_label_comp_id 
_struct_conn.ptnr1_label_seq_id 
_struct_conn.ptnr1_label_atom_id 
_struct_conn.pdbx_ptnr1_label_alt_id 
_struct_conn.pdbx_ptnr1_PDB_ins_code 
_struct_conn.pdbx_ptnr1_standard_comp_id 
_struct_conn.ptnr1_symmetry 
_struct_conn.ptnr2_label_asym_id 
_struct_conn.ptnr2_label_comp_id 
_struct_conn.ptnr2_label_seq_id 
_struct_conn.ptnr2_label_atom_id 
_struct_conn.pdbx_ptnr2_label_alt_id 
_struct_conn.pdbx_ptnr2_PDB_ins_code 
_struct_conn.ptnr1_auth_asym_id 
_struct_conn.ptnr1_auth_comp_id 
_struct_conn.ptnr1_auth_seq_id 
_struct_conn.ptnr2_auth_asym_id 
_struct_conn.ptnr2_auth_comp_id 
_struct_conn.ptnr2_auth_seq_id 
_struct_conn.ptnr2_symmetry 
_struct_conn.pdbx_ptnr3_label_atom_id 
_struct_conn.pdbx_ptnr3_label_seq_id 
_struct_conn.pdbx_ptnr3_label_comp_id 
_struct_conn.pdbx_ptnr3_label_asym_id 
_struct_conn.pdbx_ptnr3_label_alt_id 
_struct_conn.pdbx_ptnr3_PDB_ins_code 
_struct_conn.details 
_struct_conn.pdbx_dist_value 
_struct_conn.pdbx_value_order 
_struct_conn.pdbx_role 
metalc1  metalc ? ? A CYS 7  SG  ? ? ? 1_555 D ZN . ZN ? ? A CYS 1113 A ZN 1303 1_555 ? ? ? ? ? ? ? 2.329 ? ? 
metalc2  metalc ? ? A HIS 9  ND1 ? ? ? 1_555 D ZN . ZN ? ? A HIS 1115 A ZN 1303 1_555 ? ? ? ? ? ? ? 2.173 ? ? 
metalc3  metalc ? ? A CYS 27 SG  ? ? ? 1_555 C ZN . ZN ? ? A CYS 1133 A ZN 1302 1_555 ? ? ? ? ? ? ? 2.385 ? ? 
metalc4  metalc ? ? A CYS 30 SG  ? ? ? 1_555 C ZN . ZN ? ? A CYS 1136 A ZN 1302 1_555 ? ? ? ? ? ? ? 2.296 ? ? 
metalc5  metalc ? ? A CYS 39 SG  ? ? ? 1_555 B ZN . ZN ? ? A CYS 1145 A ZN 1301 1_555 ? ? ? ? ? ? ? 2.306 ? ? 
metalc6  metalc ? ? A CYS 42 SG  ? ? ? 1_555 B ZN . ZN ? ? A CYS 1148 A ZN 1301 1_555 ? ? ? ? ? ? ? 2.405 ? ? 
metalc7  metalc ? ? A CYS 47 SG  ? ? ? 1_555 C ZN . ZN ? ? A CYS 1153 A ZN 1302 1_555 ? ? ? ? ? ? ? 2.320 ? ? 
metalc8  metalc ? ? A HIS 54 ND1 ? ? ? 1_555 C ZN . ZN ? ? A HIS 1160 A ZN 1302 1_555 ? ? ? ? ? ? ? 2.094 ? ? 
metalc9  metalc ? ? A HIS 58 NE2 ? ? ? 1_555 B ZN . ZN ? ? A HIS 1164 A ZN 1301 1_555 ? ? ? ? ? ? ? 2.067 ? ? 
metalc10 metalc ? ? A HIS 64 ND1 ? ? ? 1_555 B ZN . ZN ? ? A HIS 1170 A ZN 1301 1_555 ? ? ? ? ? ? ? 2.128 ? ? 
metalc11 metalc ? ? A CYS 77 SG  ? ? ? 1_555 D ZN . ZN ? ? A CYS 1183 A ZN 1303 1_555 ? ? ? ? ? ? ? 2.324 ? ? 
metalc12 metalc ? ? A CYS 80 SG  ? ? ? 1_555 D ZN . ZN ? ? A CYS 1186 A ZN 1303 1_555 ? ? ? ? ? ? ? 2.340 ? ? 
# 
_struct_conn_type.id          metalc 
_struct_conn_type.criteria    ? 
_struct_conn_type.reference   ? 
# 
_struct_sheet.id               AA1 
_struct_sheet.type             ? 
_struct_sheet.number_strands   5 
_struct_sheet.details          ? 
# 
loop_
_struct_sheet_order.sheet_id 
_struct_sheet_order.range_id_1 
_struct_sheet_order.range_id_2 
_struct_sheet_order.offset 
_struct_sheet_order.sense 
AA1 1 2 ? anti-parallel 
AA1 2 3 ? anti-parallel 
AA1 3 4 ? anti-parallel 
AA1 4 5 ? anti-parallel 
# 
loop_
_struct_sheet_range.sheet_id 
_struct_sheet_range.id 
_struct_sheet_range.beg_label_comp_id 
_struct_sheet_range.beg_label_asym_id 
_struct_sheet_range.beg_label_seq_id 
_struct_sheet_range.pdbx_beg_PDB_ins_code 
_struct_sheet_range.end_label_comp_id 
_struct_sheet_range.end_label_asym_id 
_struct_sheet_range.end_label_seq_id 
_struct_sheet_range.pdbx_end_PDB_ins_code 
_struct_sheet_range.beg_auth_comp_id 
_struct_sheet_range.beg_auth_asym_id 
_struct_sheet_range.beg_auth_seq_id 
_struct_sheet_range.end_auth_comp_id 
_struct_sheet_range.end_auth_asym_id 
_struct_sheet_range.end_auth_seq_id 
AA1 1 VAL A 45 ? CYS A 47 ? VAL A 1151 CYS A 1153 
AA1 2 ASN A 36 ? CYS A 39 ? ASN A 1142 CYS A 1145 
AA1 3 LEU A 66 ? SER A 69 ? LEU A 1172 SER A 1175 
AA1 4 ALA A 75 ? CYS A 77 ? ALA A 1181 CYS A 1183 
AA1 5 ALA A 82 ? TYR A 83 ? ALA A 1188 TYR A 1189 
# 
loop_
_pdbx_struct_sheet_hbond.sheet_id 
_pdbx_struct_sheet_hbond.range_id_1 
_pdbx_struct_sheet_hbond.range_id_2 
_pdbx_struct_sheet_hbond.range_1_label_atom_id 
_pdbx_struct_sheet_hbond.range_1_label_comp_id 
_pdbx_struct_sheet_hbond.range_1_label_asym_id 
_pdbx_struct_sheet_hbond.range_1_label_seq_id 
_pdbx_struct_sheet_hbond.range_1_PDB_ins_code 
_pdbx_struct_sheet_hbond.range_1_auth_atom_id 
_pdbx_struct_sheet_hbond.range_1_auth_comp_id 
_pdbx_struct_sheet_hbond.range_1_auth_asym_id 
_pdbx_struct_sheet_hbond.range_1_auth_seq_id 
_pdbx_struct_sheet_hbond.range_2_label_atom_id 
_pdbx_struct_sheet_hbond.range_2_label_comp_id 
_pdbx_struct_sheet_hbond.range_2_label_asym_id 
_pdbx_struct_sheet_hbond.range_2_label_seq_id 
_pdbx_struct_sheet_hbond.range_2_PDB_ins_code 
_pdbx_struct_sheet_hbond.range_2_auth_atom_id 
_pdbx_struct_sheet_hbond.range_2_auth_comp_id 
_pdbx_struct_sheet_hbond.range_2_auth_asym_id 
_pdbx_struct_sheet_hbond.range_2_auth_seq_id 
AA1 1 2 O TYR A 46 ? O TYR A 1152 N TRP A 37 ? N TRP A 1143 
AA1 2 3 N VAL A 38 ? N VAL A 1144 O LEU A 68 ? O LEU A 1174 
AA1 3 4 N VAL A 67 ? N VAL A 1173 O TRP A 76 ? O TRP A 1182 
AA1 4 5 N CYS A 77 ? N CYS A 1183 O ALA A 82 ? O ALA A 1188 
# 
loop_
_struct_site.id 
_struct_site.pdbx_evidence_code 
_struct_site.pdbx_auth_asym_id 
_struct_site.pdbx_auth_comp_id 
_struct_site.pdbx_auth_seq_id 
_struct_site.pdbx_auth_ins_code 
_struct_site.pdbx_num_residues 
_struct_site.details 
AC1 Software A ZN  1301 ? 4 'binding site for residue ZN A 1301'  
AC2 Software A ZN  1302 ? 4 'binding site for residue ZN A 1302'  
AC3 Software A ZN  1303 ? 4 'binding site for residue ZN A 1303'  
AC4 Software A 6T7 1304 ? 8 'binding site for residue 6T7 A 1304' 
# 
loop_
_struct_site_gen.id 
_struct_site_gen.site_id 
_struct_site_gen.pdbx_num_res 
_struct_site_gen.label_comp_id 
_struct_site_gen.label_asym_id 
_struct_site_gen.label_seq_id 
_struct_site_gen.pdbx_auth_ins_code 
_struct_site_gen.auth_comp_id 
_struct_site_gen.auth_asym_id 
_struct_site_gen.auth_seq_id 
_struct_site_gen.label_atom_id 
_struct_site_gen.label_alt_id 
_struct_site_gen.symmetry 
_struct_site_gen.details 
1  AC1 4 CYS A 39 ? CYS A 1145 . ? 1_555 ? 
2  AC1 4 CYS A 42 ? CYS A 1148 . ? 1_555 ? 
3  AC1 4 HIS A 58 ? HIS A 1164 . ? 1_555 ? 
4  AC1 4 HIS A 64 ? HIS A 1170 . ? 1_555 ? 
5  AC2 4 CYS A 27 ? CYS A 1133 . ? 1_555 ? 
6  AC2 4 CYS A 30 ? CYS A 1136 . ? 1_555 ? 
7  AC2 4 CYS A 47 ? CYS A 1153 . ? 1_555 ? 
8  AC2 4 HIS A 54 ? HIS A 1160 . ? 1_555 ? 
9  AC3 4 CYS A 7  ? CYS A 1113 . ? 1_555 ? 
10 AC3 4 HIS A 9  ? HIS A 1115 . ? 1_555 ? 
11 AC3 4 CYS A 77 ? CYS A 1183 . ? 1_555 ? 
12 AC3 4 CYS A 80 ? CYS A 1186 . ? 1_555 ? 
13 AC4 8 TRP A 37 ? TRP A 1143 . ? 1_555 ? 
14 AC4 8 GLY A 48 ? GLY A 1154 . ? 1_555 ? 
15 AC4 8 ARG A 49 ? ARG A 1155 . ? 1_555 ? 
16 AC4 8 TRP A 76 ? TRP A 1182 . ? 1_555 ? 
17 AC4 8 TYR A 78 ? TYR A 1184 . ? 1_555 ? 
18 AC4 8 TYR A 83 ? TYR A 1189 . ? 1_555 ? 
19 AC4 8 HIS A 97 ? HIS A 1203 . ? 3_555 ? 
20 AC4 8 HOH U .  ? HOH A 1409 . ? 1_555 ? 
# 
_atom_sites.entry_id                    5KH7 
_atom_sites.fract_transf_matrix[1][1]   -0.00071128 
_atom_sites.fract_transf_matrix[1][2]   -0.01805195 
_atom_sites.fract_transf_matrix[1][3]   -0.01663628 
_atom_sites.fract_transf_matrix[2][1]   -0.02064823 
_atom_sites.fract_transf_matrix[2][2]   -0.00617022 
_atom_sites.fract_transf_matrix[2][3]   0.00757808 
_atom_sites.fract_transf_matrix[3][1]   -0.00763170 
_atom_sites.fract_transf_matrix[3][2]   0.01112013 
_atom_sites.fract_transf_matrix[3][3]   -0.01174011 
_atom_sites.fract_transf_vector[1]      0.179801 
_atom_sites.fract_transf_vector[2]      -0.098452 
_atom_sites.fract_transf_vector[3]      0.158006 
# 
loop_
_atom_type.symbol 
C  
H  
N  
O  
S  
X  
ZN 
# 
loop_
_atom_site.group_PDB 
_atom_site.id 
_atom_site.type_symbol 
_atom_site.label_atom_id 
_atom_site.label_alt_id 
_atom_site.label_comp_id 
_atom_site.label_asym_id 
_atom_site.label_entity_id 
_atom_site.label_seq_id 
_atom_site.pdbx_PDB_ins_code 
_atom_site.Cartn_x 
_atom_site.Cartn_y 
_atom_site.Cartn_z 
_atom_site.occupancy 
_atom_site.B_iso_or_equiv 
_atom_site.pdbx_formal_charge 
_atom_site.auth_seq_id 
_atom_site.auth_comp_id 
_atom_site.auth_asym_id 
_atom_site.auth_atom_id 
_atom_site.pdbx_PDB_model_num 
ATOM   1   C  C   . SER A 1 2   ? 2.901   11.771  12.459  1.00 24.07 ? 1108 SER A C   1 
ATOM   2   O  O   . SER A 1 2   ? 3.542   11.045  13.230  1.00 26.62 ? 1108 SER A O   1 
ATOM   3   N  N   . PRO A 1 3   ? 3.095   11.764  11.133  1.00 21.60 ? 1109 PRO A N   1 
ATOM   4   C  CA  . PRO A 1 3   ? 3.640   10.564  10.475  1.00 18.47 ? 1109 PRO A CA  1 
ATOM   5   C  C   . PRO A 1 3   ? 5.107   10.289  10.790  1.00 16.65 ? 1109 PRO A C   1 
ATOM   6   O  O   . PRO A 1 3   ? 5.933   11.220  10.865  1.00 16.80 ? 1109 PRO A O   1 
ATOM   7   C  CB  . PRO A 1 3   ? 3.599   10.916  9.010   1.00 20.15 ? 1109 PRO A CB  1 
ATOM   8   C  CG  . PRO A 1 3   ? 3.762   12.388  8.991   1.00 21.93 ? 1109 PRO A CG  1 
ATOM   9   C  CD  . PRO A 1 3   ? 3.077   12.916  10.232  1.00 21.97 ? 1109 PRO A CD  1 
ATOM   10  N  N   . LEU A 1 4   ? 5.446   9.014   10.880  1.00 11.70 ? 1110 LEU A N   1 
ATOM   11  C  CA  . LEU A 1 4   ? 6.791   8.615   11.339  1.00 10.94 ? 1110 LEU A CA  1 
ATOM   12  C  C   . LEU A 1 4   ? 7.817   8.768   10.242  1.00 10.40 ? 1110 LEU A C   1 
ATOM   13  O  O   . LEU A 1 4   ? 7.534   8.454   9.097   1.00 10.16 ? 1110 LEU A O   1 
ATOM   14  C  CB  . LEU A 1 4   ? 6.743   7.162   11.808  1.00 10.82 ? 1110 LEU A CB  1 
ATOM   15  C  CG  . LEU A 1 4   ? 5.825   6.783   12.968  1.00 11.25 ? 1110 LEU A CG  1 
ATOM   16  C  CD1 . LEU A 1 4   ? 5.657   5.266   13.070  1.00 11.27 ? 1110 LEU A CD1 1 
ATOM   17  C  CD2 . LEU A 1 4   ? 6.374   7.369   14.251  1.00 12.49 ? 1110 LEU A CD2 1 
ATOM   18  N  N   . PRO A 1 5   ? 9.061   9.181   10.589  1.00 9.12  ? 1111 PRO A N   1 
ATOM   19  C  CA  . PRO A 1 5   ? 10.116  9.264   9.593   1.00 9.38  ? 1111 PRO A CA  1 
ATOM   20  C  C   . PRO A 1 5   ? 10.846  7.952   9.355   1.00 8.69  ? 1111 PRO A C   1 
ATOM   21  O  O   . PRO A 1 5   ? 11.783  7.901   8.536   1.00 9.43  ? 1111 PRO A O   1 
ATOM   22  C  CB  . PRO A 1 5   ? 11.094  10.287  10.231  1.00 9.52  ? 1111 PRO A CB  1 
ATOM   23  C  CG  . PRO A 1 5   ? 10.943  10.009  11.677  1.00 9.11  ? 1111 PRO A CG  1 
ATOM   24  C  CD  . PRO A 1 5   ? 9.489   9.712   11.901  1.00 9.67  ? 1111 PRO A CD  1 
ATOM   25  N  N   . TRP A 1 6   ? 10.421  6.895   10.049  1.00 7.88  ? 1112 TRP A N   1 
ATOM   26  C  CA  . TRP A 1 6   ? 10.988  5.543   9.895   1.00 7.62  ? 1112 TRP A CA  1 
ATOM   27  C  C   . TRP A 1 6   ? 10.057  4.601   10.617  1.00 7.37  ? 1112 TRP A C   1 
ATOM   28  O  O   . TRP A 1 6   ? 9.352   4.982   11.556  1.00 7.94  ? 1112 TRP A O   1 
ATOM   29  C  CB  . TRP A 1 6   ? 12.363  5.469   10.561  1.00 7.60  ? 1112 TRP A CB  1 
ATOM   30  C  CG  . TRP A 1 6   ? 13.126  4.191   10.372  1.00 7.36  ? 1112 TRP A CG  1 
ATOM   31  C  CD1 . TRP A 1 6   ? 13.953  3.844   9.321   1.00 7.70  ? 1112 TRP A CD1 1 
ATOM   32  C  CD2 . TRP A 1 6   ? 13.186  3.121   11.291  1.00 7.46  ? 1112 TRP A CD2 1 
ATOM   33  N  NE1 . TRP A 1 6   ? 14.445  2.574   9.515   1.00 8.00  ? 1112 TRP A NE1 1 
ATOM   34  C  CE2 . TRP A 1 6   ? 14.048  2.143   10.753  1.00 7.69  ? 1112 TRP A CE2 1 
ATOM   35  C  CE3 . TRP A 1 6   ? 12.638  2.915   12.571  1.00 7.36  ? 1112 TRP A CE3 1 
ATOM   36  C  CZ2 . TRP A 1 6   ? 14.331  0.947   11.425  1.00 7.44  ? 1112 TRP A CZ2 1 
ATOM   37  C  CZ3 . TRP A 1 6   ? 12.887  1.720   13.211  1.00 7.74  ? 1112 TRP A CZ3 1 
ATOM   38  C  CH2 . TRP A 1 6   ? 13.757  0.762   12.647  1.00 7.47  ? 1112 TRP A CH2 1 
ATOM   39  N  N   . CYS A 1 7   ? 10.075  3.336   10.241  1.00 6.90  ? 1113 CYS A N   1 
ATOM   40  C  CA  . CYS A 1 7   ? 9.516   2.311   11.114  1.00 6.72  ? 1113 CYS A CA  1 
ATOM   41  C  C   . CYS A 1 7   ? 10.281  1.009   10.884  1.00 6.56  ? 1113 CYS A C   1 
ATOM   42  O  O   . CYS A 1 7   ? 10.960  0.847   9.863   1.00 6.44  ? 1113 CYS A O   1 
ATOM   43  C  CB  . CYS A 1 7   ? 7.996   2.154   10.948  1.00 6.56  ? 1113 CYS A CB  1 
ATOM   44  S  SG  . CYS A 1 7   ? 7.451   0.780   9.866   1.00 6.47  ? 1113 CYS A SG  1 
ATOM   45  N  N   . PRO A 1 8   ? 10.226  0.104   11.871  1.00 6.88  ? 1114 PRO A N   1 
ATOM   46  C  CA  . PRO A 1 8   ? 11.021  -1.123  11.852  1.00 7.02  ? 1114 PRO A CA  1 
ATOM   47  C  C   . PRO A 1 8   ? 10.501  -2.191  10.866  1.00 6.97  ? 1114 PRO A C   1 
ATOM   48  O  O   . PRO A 1 8   ? 11.110  -3.243  10.718  1.00 7.33  ? 1114 PRO A O   1 
ATOM   49  C  CB  . PRO A 1 8   ? 10.999  -1.581  13.307  1.00 7.33  ? 1114 PRO A CB  1 
ATOM   50  C  CG  . PRO A 1 8   ? 9.723   -1.019  13.879  1.00 7.30  ? 1114 PRO A CG  1 
ATOM   51  C  CD  . PRO A 1 8   ? 9.496   0.277   13.144  1.00 7.12  ? 1114 PRO A CD  1 
ATOM   52  N  N   . HIS A 1 9   ? 9.436   -1.854  10.138  1.00 6.28  ? 1115 HIS A N   1 
ATOM   53  C  CA  . HIS A 1 9   ? 8.916   -2.715  9.080   1.00 6.51  ? 1115 HIS A CA  1 
ATOM   54  C  C   . HIS A 1 9   ? 9.281   -2.324  7.681   1.00 6.54  ? 1115 HIS A C   1 
ATOM   55  O  O   . HIS A 1 9   ? 8.913   -3.042  6.756   1.00 6.63  ? 1115 HIS A O   1 
ATOM   56  C  CB  . HIS A 1 9   ? 7.401   -2.847  9.243   1.00 6.19  ? 1115 HIS A CB  1 
ATOM   57  C  CG  . HIS A 1 9   ? 7.042   -3.266  10.628  1.00 6.25  ? 1115 HIS A CG  1 
ATOM   58  N  ND1 . HIS A 1 9   ? 6.710   -2.369  11.623  1.00 6.20  ? 1115 HIS A ND1 1 
ATOM   59  C  CD2 . HIS A 1 9   ? 7.101   -4.479  11.232  1.00 6.29  ? 1115 HIS A CD2 1 
ATOM   60  C  CE1 . HIS A 1 9   ? 6.531   -3.012  12.760  1.00 6.13  ? 1115 HIS A CE1 1 
ATOM   61  N  NE2 . HIS A 1 9   ? 6.756   -4.296  12.548  1.00 6.30  ? 1115 HIS A NE2 1 
ATOM   62  N  N   . LEU A 1 10  ? 10.003  -1.228  7.495   1.00 6.69  ? 1116 LEU A N   1 
ATOM   63  C  CA  . LEU A 1 10  ? 10.497  -0.801  6.158   1.00 7.65  ? 1116 LEU A CA  1 
ATOM   64  C  C   . LEU A 1 10  ? 11.330  -1.846  5.486   1.00 7.94  ? 1116 LEU A C   1 
ATOM   65  O  O   . LEU A 1 10  ? 11.279  -1.954  4.264   1.00 7.78  ? 1116 LEU A O   1 
ATOM   66  C  CB  . LEU A 1 10  ? 11.206  0.556   6.218   1.00 7.38  ? 1116 LEU A CB  1 
ATOM   67  C  CG  . LEU A 1 10  ? 10.299  1.737   6.530   1.00 7.51  ? 1116 LEU A CG  1 
ATOM   68  C  CD1 . LEU A 1 10  ? 11.136  2.977   6.836   1.00 7.46  ? 1116 LEU A CD1 1 
ATOM   69  C  CD2 . LEU A 1 10  ? 9.336   2.032   5.384   1.00 7.38  ? 1116 LEU A CD2 1 
ATOM   70  N  N   . VAL A 1 11  ? 11.985  -2.689  6.283   1.00 9.06  ? 1117 VAL A N   1 
ATOM   71  C  CA  . VAL A 1 11  ? 12.759  -3.789  5.732   1.00 10.10 ? 1117 VAL A CA  1 
ATOM   72  C  C   . VAL A 1 11  ? 11.913  -4.800  4.948   1.00 10.70 ? 1117 VAL A C   1 
ATOM   73  O  O   . VAL A 1 11  ? 12.464  -5.588  4.203   1.00 11.08 ? 1117 VAL A O   1 
ATOM   74  C  CB  . VAL A 1 11  ? 13.529  -4.554  6.822   1.00 11.01 ? 1117 VAL A CB  1 
ATOM   75  C  CG1 . VAL A 1 11  ? 14.682  -3.713  7.342   1.00 11.79 ? 1117 VAL A CG1 1 
ATOM   76  C  CG2 . VAL A 1 11  ? 12.625  -4.991  7.974   1.00 12.00 ? 1117 VAL A CG2 1 
ATOM   77  N  N   . ALA A 1 12  ? 10.596  -4.779  5.137   1.00 9.78  ? 1118 ALA A N   1 
ATOM   78  C  CA  . ALA A 1 12  ? 9.689   -5.718  4.454   1.00 9.55  ? 1118 ALA A CA  1 
ATOM   79  C  C   . ALA A 1 12  ? 9.158   -5.157  3.149   1.00 8.88  ? 1118 ALA A C   1 
ATOM   80  O  O   . ALA A 1 12  ? 8.392   -5.865  2.429   1.00 9.31  ? 1118 ALA A O   1 
ATOM   81  C  CB  . ALA A 1 12  ? 8.538   -6.112  5.398   1.00 9.71  ? 1118 ALA A CB  1 
ATOM   82  N  N   . VAL A 1 13  ? 9.508   -3.918  2.806   1.00 8.61  ? 1119 VAL A N   1 
ATOM   83  C  CA  . VAL A 1 13  ? 9.124   -3.326  1.503   1.00 8.79  ? 1119 VAL A CA  1 
ATOM   84  C  C   . VAL A 1 13  ? 9.943   -4.018  0.425   1.00 9.07  ? 1119 VAL A C   1 
ATOM   85  O  O   . VAL A 1 13  ? 11.196  -4.054  0.515   1.00 10.37 ? 1119 VAL A O   1 
ATOM   86  C  CB  . VAL A 1 13  ? 9.344   -1.791  1.472   1.00 9.24  ? 1119 VAL A CB  1 
ATOM   87  C  CG1 . VAL A 1 13  ? 9.142   -1.189  0.086   1.00 9.54  ? 1119 VAL A CG1 1 
ATOM   88  C  CG2 . VAL A 1 13  ? 8.427   -1.134  2.514   1.00 9.32  ? 1119 VAL A CG2 1 
ATOM   89  N  N   . CYS A 1 14  ? 9.249   -4.540  -0.590  1.00 8.38  ? 1120 CYS A N   1 
ATOM   90  C  CA  . CYS A 1 14  ? 9.915   -5.360  -1.626  1.00 8.58  ? 1120 CYS A CA  1 
ATOM   91  C  C   . CYS A 1 14  ? 10.020  -4.625  -2.961  1.00 8.87  ? 1120 CYS A C   1 
ATOM   92  O  O   . CYS A 1 14  ? 9.410   -3.579  -3.188  1.00 9.07  ? 1120 CYS A O   1 
ATOM   93  C  CB  . CYS A 1 14  ? 9.186   -6.701  -1.743  1.00 8.64  ? 1120 CYS A CB  1 
ATOM   94  S  SG  . CYS A 1 14  ? 9.306   -7.701  -0.270  1.00 9.21  ? 1120 CYS A SG  1 
ATOM   95  N  N   . PRO A 1 15  ? 10.823  -5.170  -3.884  1.00 8.69  ? 1121 PRO A N   1 
ATOM   96  C  CA  . PRO A 1 15  ? 11.000  -4.447  -5.124  1.00 8.84  ? 1121 PRO A CA  1 
ATOM   97  C  C   . PRO A 1 15  ? 9.721   -4.338  -5.919  1.00 9.21  ? 1121 PRO A C   1 
ATOM   98  O  O   . PRO A 1 15  ? 8.918   -5.266  -5.919  1.00 9.56  ? 1121 PRO A O   1 
ATOM   99  C  CB  . PRO A 1 15  ? 12.025  -5.325  -5.871  1.00 8.67  ? 1121 PRO A CB  1 
ATOM   100 C  CG  . PRO A 1 15  ? 12.814  -5.913  -4.782  1.00 8.44  ? 1121 PRO A CG  1 
ATOM   101 C  CD  . PRO A 1 15  ? 11.801  -6.267  -3.743  1.00 8.68  ? 1121 PRO A CD  1 
ATOM   102 N  N   . ILE A 1 16  ? 9.569   -3.209  -6.596  1.00 9.57  ? 1122 ILE A N   1 
ATOM   103 C  CA  . ILE A 1 16  ? 8.390   -2.945  -7.374  1.00 10.81 ? 1122 ILE A CA  1 
ATOM   104 C  C   . ILE A 1 16  ? 8.404   -3.876  -8.580  1.00 10.63 ? 1122 ILE A C   1 
ATOM   105 O  O   . ILE A 1 16  ? 9.460   -3.946  -9.267  1.00 12.35 ? 1122 ILE A O   1 
ATOM   106 C  CB  . ILE A 1 16  ? 8.310   -1.482  -7.867  1.00 11.92 ? 1122 ILE A CB  1 
ATOM   107 C  CG1 . ILE A 1 16  ? 8.369   -0.461  -6.717  1.00 13.50 ? 1122 ILE A CG1 1 
ATOM   108 C  CG2 . ILE A 1 16  ? 7.025   -1.257  -8.635  1.00 12.31 ? 1122 ILE A CG2 1 
ATOM   109 C  CD1 . ILE A 1 16  ? 9.092   0.837   -7.098  1.00 14.44 ? 1122 ILE A CD1 1 
ATOM   110 N  N   . PRO A 1 17  ? 7.262   -4.551  -8.869  1.00 10.04 ? 1123 PRO A N   1 
ATOM   111 C  CA  . PRO A 1 17  ? 7.158   -5.383  -10.061 1.00 9.74  ? 1123 PRO A CA  1 
ATOM   112 C  C   . PRO A 1 17  ? 7.458   -4.598  -11.343 1.00 9.55  ? 1123 PRO A C   1 
ATOM   113 O  O   . PRO A 1 17  ? 7.082   -3.451  -11.458 1.00 9.07  ? 1123 PRO A O   1 
ATOM   114 C  CB  . PRO A 1 17  ? 5.702   -5.889  -10.042 1.00 10.21 ? 1123 PRO A CB  1 
ATOM   115 C  CG  . PRO A 1 17  ? 5.258   -5.732  -8.613  1.00 10.05 ? 1123 PRO A CG  1 
ATOM   116 C  CD  . PRO A 1 17  ? 6.018   -4.573  -8.078  1.00 10.55 ? 1123 PRO A CD  1 
ATOM   117 N  N   . ALA A 1 18  ? 8.135   -5.238  -12.293 1.00 9.88  ? 1124 ALA A N   1 
ATOM   118 C  CA  . ALA A 1 18  ? 8.497   -4.606  -13.559 1.00 9.80  ? 1124 ALA A CA  1 
ATOM   119 C  C   . ALA A 1 18  ? 7.259   -4.215  -14.346 1.00 10.75 ? 1124 ALA A C   1 
ATOM   120 O  O   . ALA A 1 18  ? 7.316   -3.292  -15.137 1.00 11.63 ? 1124 ALA A O   1 
ATOM   121 C  CB  . ALA A 1 18  ? 9.369   -5.532  -14.386 1.00 9.99  ? 1124 ALA A CB  1 
ATOM   122 N  N   . ALA A 1 19  ? 6.127   -4.855  -14.071 1.00 10.55 ? 1125 ALA A N   1 
ATOM   123 C  CA  . ALA A 1 19  ? 4.856   -4.422  -14.657 1.00 11.47 ? 1125 ALA A CA  1 
ATOM   124 C  C   . ALA A 1 19  ? 4.384   -3.053  -14.153 1.00 12.84 ? 1125 ALA A C   1 
ATOM   125 O  O   . ALA A 1 19  ? 3.511   -2.414  -14.774 1.00 15.49 ? 1125 ALA A O   1 
ATOM   126 C  CB  . ALA A 1 19  ? 3.778   -5.454  -14.423 1.00 11.40 ? 1125 ALA A CB  1 
ATOM   127 N  N   . GLY A 1 20  ? 4.944   -2.585  -13.053 1.00 11.13 ? 1126 GLY A N   1 
ATOM   128 C  CA  . GLY A 1 20  ? 4.579   -1.291  -12.484 1.00 10.95 ? 1126 GLY A CA  1 
ATOM   129 C  C   . GLY A 1 20  ? 3.286   -1.426  -11.685 1.00 10.66 ? 1126 GLY A C   1 
ATOM   130 O  O   . GLY A 1 20  ? 2.842   -2.516  -11.359 1.00 10.57 ? 1126 GLY A O   1 
ATOM   131 N  N   . LEU A 1 21  ? 2.711   -0.290  -11.351 1.00 9.51  ? 1127 LEU A N   1 
ATOM   132 C  CA  . LEU A 1 21  ? 1.498   -0.243  -10.527 1.00 9.63  ? 1127 LEU A CA  1 
ATOM   133 C  C   . LEU A 1 21  ? 0.375   0.286   -11.373 1.00 9.39  ? 1127 LEU A C   1 
ATOM   134 O  O   . LEU A 1 21  ? 0.595   1.158   -12.200 1.00 9.61  ? 1127 LEU A O   1 
ATOM   135 C  CB  . LEU A 1 21  ? 1.707   0.689   -9.331  1.00 10.15 ? 1127 LEU A CB  1 
ATOM   136 C  CG  . LEU A 1 21  ? 2.865   0.341   -8.412  1.00 10.72 ? 1127 LEU A CG  1 
ATOM   137 C  CD1 . LEU A 1 21  ? 3.091   1.375   -7.327  1.00 11.12 ? 1127 LEU A CD1 1 
ATOM   138 C  CD2 . LEU A 1 21  ? 2.658   -1.038  -7.832  1.00 10.78 ? 1127 LEU A CD2 1 
ATOM   139 N  N   . ASP A 1 22  ? -0.849  -0.163  -11.056 1.00 8.56  ? 1128 ASP A N   1 
ATOM   140 C  CA  . ASP A 1 22  ? -2.080  0.331   -11.660 1.00 8.47  ? 1128 ASP A CA  1 
ATOM   141 C  C   . ASP A 1 22  ? -2.978  0.825   -10.512 1.00 7.62  ? 1128 ASP A C   1 
ATOM   142 O  O   . ASP A 1 22  ? -3.612  0.048   -9.804  1.00 7.50  ? 1128 ASP A O   1 
ATOM   143 C  CB  . ASP A 1 22  ? -2.749  -0.776  -12.454 1.00 9.19  ? 1128 ASP A CB  1 
ATOM   144 C  CG  . ASP A 1 22  ? -4.085  -0.371  -13.021 1.00 10.50 ? 1128 ASP A CG  1 
ATOM   145 O  OD1 . ASP A 1 22  ? -4.493  0.804   -12.912 1.00 9.99  ? 1128 ASP A OD1 1 
ATOM   146 O  OD2 . ASP A 1 22  ? -4.685  -1.256  -13.642 1.00 13.16 ? 1128 ASP A OD2 1 
ATOM   147 N  N   . VAL A 1 23  ? -3.028  2.142   -10.371 1.00 6.84  ? 1129 VAL A N   1 
ATOM   148 C  CA  . VAL A 1 23  ? -3.772  2.740   -9.282  1.00 6.91  ? 1129 VAL A CA  1 
ATOM   149 C  C   . VAL A 1 23  ? -5.283  2.575   -9.443  1.00 6.64  ? 1129 VAL A C   1 
ATOM   150 O  O   . VAL A 1 23  ? -6.012  2.820   -8.498  1.00 6.24  ? 1129 VAL A O   1 
ATOM   151 C  CB  . VAL A 1 23  ? -3.436  4.233   -9.055  1.00 7.15  ? 1129 VAL A CB  1 
ATOM   152 C  CG1 . VAL A 1 23  ? -1.938  4.401   -8.819  1.00 7.20  ? 1129 VAL A CG1 1 
ATOM   153 C  CG2 . VAL A 1 23  ? -3.934  5.112   -10.196 1.00 7.59  ? 1129 VAL A CG2 1 
ATOM   154 N  N   . THR A 1 24  ? -5.744  2.158   -10.634 1.00 6.79  ? 1130 THR A N   1 
ATOM   155 C  CA  . THR A 1 24  ? -7.172  1.832   -10.843 1.00 7.11  ? 1130 THR A CA  1 
ATOM   156 C  C   . THR A 1 24  ? -7.487  0.354   -10.668 1.00 7.26  ? 1130 THR A C   1 
ATOM   157 O  O   . THR A 1 24  ? -8.608  -0.093  -10.939 1.00 7.96  ? 1130 THR A O   1 
ATOM   158 C  CB  . THR A 1 24  ? -7.672  2.311   -12.210 1.00 7.08  ? 1130 THR A CB  1 
ATOM   159 O  OG1 . THR A 1 24  ? -7.068  1.542   -13.259 1.00 7.26  ? 1130 THR A OG1 1 
ATOM   160 C  CG2 . THR A 1 24  ? -7.313  3.756   -12.418 1.00 7.55  ? 1130 THR A CG2 1 
ATOM   161 N  N   . GLN A 1 25  ? -6.518  -0.434  -10.210 1.00 6.84  ? 1131 GLN A N   1 
ATOM   162 C  CA  . GLN A 1 25  ? -6.721  -1.863  -10.035 1.00 6.77  ? 1131 GLN A CA  1 
ATOM   163 C  C   . GLN A 1 25  ? -7.783  -2.106  -8.967  1.00 6.90  ? 1131 GLN A C   1 
ATOM   164 O  O   . GLN A 1 25  ? -7.752  -1.469  -7.900  1.00 6.61  ? 1131 GLN A O   1 
ATOM   165 C  CB  . GLN A 1 25  ? -5.409  -2.523  -9.635  1.00 7.01  ? 1131 GLN A CB  1 
ATOM   166 C  CG  . GLN A 1 25  ? -5.462  -4.021  -9.538  1.00 7.05  ? 1131 GLN A CG  1 
ATOM   167 C  CD  . GLN A 1 25  ? -4.103  -4.666  -9.446  1.00 7.15  ? 1131 GLN A CD  1 
ATOM   168 O  OE1 . GLN A 1 25  ? -3.089  -4.138  -9.929  1.00 7.84  ? 1131 GLN A OE1 1 
ATOM   169 N  NE2 . GLN A 1 25  ? -4.073  -5.837  -8.863  1.00 7.32  ? 1131 GLN A NE2 1 
ATOM   170 N  N   . PRO A 1 26  ? -8.744  -2.998  -9.238  1.00 6.78  ? 1132 PRO A N   1 
ATOM   171 C  CA  . PRO A 1 26  ? -9.803  -3.244  -8.234  1.00 6.68  ? 1132 PRO A CA  1 
ATOM   172 C  C   . PRO A 1 26  ? -9.344  -4.147  -7.105  1.00 6.39  ? 1132 PRO A C   1 
ATOM   173 O  O   . PRO A 1 26  ? -8.278  -4.800  -7.203  1.00 6.35  ? 1132 PRO A O   1 
ATOM   174 C  CB  . PRO A 1 26  ? -10.895 -3.937  -9.047  1.00 6.98  ? 1132 PRO A CB  1 
ATOM   175 C  CG  . PRO A 1 26  ? -10.133 -4.624  -10.105 1.00 7.19  ? 1132 PRO A CG  1 
ATOM   176 C  CD  . PRO A 1 26  ? -8.980  -3.740  -10.481 1.00 7.06  ? 1132 PRO A CD  1 
ATOM   177 N  N   . CYS A 1 27  ? -10.140 -4.196  -6.045  1.00 6.18  ? 1133 CYS A N   1 
ATOM   178 C  CA  . CYS A 1 27  ? -9.846  -5.088  -4.923  1.00 6.17  ? 1133 CYS A CA  1 
ATOM   179 C  C   . CYS A 1 27  ? -9.791  -6.530  -5.407  1.00 6.56  ? 1133 CYS A C   1 
ATOM   180 O  O   . CYS A 1 27  ? -10.734 -7.015  -6.058  1.00 6.34  ? 1133 CYS A O   1 
ATOM   181 C  CB  . CYS A 1 27  ? -10.897 -4.993  -3.836  1.00 6.23  ? 1133 CYS A CB  1 
ATOM   182 S  SG  . CYS A 1 27  ? -10.618 -6.102  -2.441  1.00 6.03  ? 1133 CYS A SG  1 
ATOM   183 N  N   . GLY A 1 28  ? -8.736  -7.232  -5.034  1.00 6.74  ? 1134 GLY A N   1 
ATOM   184 C  CA  . GLY A 1 28  ? -8.567  -8.630  -5.395  1.00 7.69  ? 1134 GLY A CA  1 
ATOM   185 C  C   . GLY A 1 28  ? -9.579  -9.599  -4.828  1.00 8.31  ? 1134 GLY A C   1 
ATOM   186 O  O   . GLY A 1 28  ? -9.720  -10.733 -5.366  1.00 9.60  ? 1134 GLY A O   1 
ATOM   187 N  N   A ASP A 1 29  ? -10.294 -9.201  -3.799  0.70 8.98  ? 1135 ASP A N   1 
ATOM   188 N  N   B ASP A 1 29  ? -10.297 -9.199  -3.777  0.30 7.86  ? 1135 ASP A N   1 
ATOM   189 C  CA  A ASP A 1 29  ? -11.332 -10.023 -3.206  0.70 9.57  ? 1135 ASP A CA  1 
ATOM   190 C  CA  B ASP A 1 29  ? -11.337 -10.023 -3.136  0.30 7.58  ? 1135 ASP A CA  1 
ATOM   191 C  C   A ASP A 1 29  ? -12.683 -9.620  -3.787  0.70 8.80  ? 1135 ASP A C   1 
ATOM   192 C  C   B ASP A 1 29  ? -12.763 -9.674  -3.564  0.30 7.66  ? 1135 ASP A C   1 
ATOM   193 O  O   A ASP A 1 29  ? -13.289 -10.402 -4.562  0.70 9.05  ? 1135 ASP A O   1 
ATOM   194 O  O   B ASP A 1 29  ? -13.541 -10.568 -3.895  0.30 7.78  ? 1135 ASP A O   1 
ATOM   195 C  CB  A ASP A 1 29  ? -11.288 -9.895  -1.681  0.70 10.86 ? 1135 ASP A CB  1 
ATOM   196 C  CB  B ASP A 1 29  ? -11.259 -9.894  -1.614  0.30 7.26  ? 1135 ASP A CB  1 
ATOM   197 C  CG  A ASP A 1 29  ? -12.106 -10.949 -0.976  0.70 13.21 ? 1135 ASP A CG  1 
ATOM   198 C  CG  B ASP A 1 29  ? -10.164 -10.733 -1.006  0.30 7.17  ? 1135 ASP A CG  1 
ATOM   199 O  OD1 A ASP A 1 29  ? -13.286 -11.138 -1.311  0.70 15.73 ? 1135 ASP A OD1 1 
ATOM   200 O  OD1 B ASP A 1 29  ? -9.702  -11.694 -1.659  0.30 7.11  ? 1135 ASP A OD1 1 
ATOM   201 O  OD2 A ASP A 1 29  ? -11.572 -11.551 -0.032  0.70 16.89 ? 1135 ASP A OD2 1 
ATOM   202 O  OD2 B ASP A 1 29  ? -9.769  -10.414 0.137   0.30 6.81  ? 1135 ASP A OD2 1 
ATOM   203 N  N   . CYS A 1 30  ? -13.136 -8.398  -3.508  1.00 7.79  ? 1136 CYS A N   1 
ATOM   204 C  CA  . CYS A 1 30  ? -14.544 -7.992  -3.829  1.00 7.61  ? 1136 CYS A CA  1 
ATOM   205 C  C   . CYS A 1 30  ? -14.701 -7.203  -5.125  1.00 7.59  ? 1136 CYS A C   1 
ATOM   206 O  O   . CYS A 1 30  ? -15.833 -6.916  -5.526  1.00 7.88  ? 1136 CYS A O   1 
ATOM   207 C  CB  . CYS A 1 30  ? -15.152 -7.167  -2.710  1.00 7.68  ? 1136 CYS A CB  1 
ATOM   208 S  SG  . CYS A 1 30  ? -14.394 -5.567  -2.416  1.00 6.78  ? 1136 CYS A SG  1 
ATOM   209 N  N   . GLY A 1 31  ? -13.593 -6.846  -5.765  1.00 7.50  ? 1137 GLY A N   1 
ATOM   210 C  CA  . GLY A 1 31  ? -13.627 -6.162  -7.056  1.00 7.18  ? 1137 GLY A CA  1 
ATOM   211 C  C   . GLY A 1 31  ? -14.006 -4.703  -7.017  1.00 7.52  ? 1137 GLY A C   1 
ATOM   212 O  O   . GLY A 1 31  ? -14.194 -4.081  -8.059  1.00 7.48  ? 1137 GLY A O   1 
ATOM   213 N  N   . THR A 1 32  ? -14.100 -4.116  -5.828  1.00 7.46  ? 1138 THR A N   1 
ATOM   214 C  CA  . THR A 1 32  ? -14.530 -2.748  -5.751  1.00 8.19  ? 1138 THR A CA  1 
ATOM   215 C  C   . THR A 1 32  ? -13.442 -1.880  -6.343  1.00 8.39  ? 1138 THR A C   1 
ATOM   216 O  O   . THR A 1 32  ? -12.259 -2.219  -6.273  1.00 7.43  ? 1138 THR A O   1 
ATOM   217 C  CB  . THR A 1 32  ? -14.850 -2.284  -4.307  1.00 8.99  ? 1138 THR A CB  1 
ATOM   218 O  OG1 . THR A 1 32  ? -15.311 -0.940  -4.335  1.00 10.44 ? 1138 THR A OG1 1 
ATOM   219 C  CG2 . THR A 1 32  ? -13.637 -2.320  -3.416  1.00 8.67  ? 1138 THR A CG2 1 
ATOM   220 N  N   . ILE A 1 33  ? -13.842 -0.763  -6.918  1.00 9.20  ? 1139 ILE A N   1 
ATOM   221 C  CA  . ILE A 1 33  ? -12.862 0.211   -7.386  1.00 11.08 ? 1139 ILE A CA  1 
ATOM   222 C  C   . ILE A 1 33  ? -12.620 1.339   -6.393  1.00 11.32 ? 1139 ILE A C   1 
ATOM   223 O  O   . ILE A 1 33  ? -11.804 2.176   -6.679  1.00 12.52 ? 1139 ILE A O   1 
ATOM   224 C  CB  . ILE A 1 33  ? -13.156 0.696   -8.806  1.00 13.58 ? 1139 ILE A CB  1 
ATOM   225 C  CG1 . ILE A 1 33  ? -14.499 1.394   -8.874  1.00 15.67 ? 1139 ILE A CG1 1 
ATOM   226 C  CG2 . ILE A 1 33  ? -13.085 -0.495  -9.776  1.00 15.42 ? 1139 ILE A CG2 1 
ATOM   227 C  CD1 . ILE A 1 33  ? -14.817 1.965   -10.266 1.00 17.00 ? 1139 ILE A CD1 1 
ATOM   228 N  N   . GLN A 1 34  ? -13.233 1.278   -5.210  1.00 11.30 ? 1140 GLN A N   1 
ATOM   229 C  CA  . GLN A 1 34  ? -13.178 2.339   -4.233  1.00 11.62 ? 1140 GLN A CA  1 
ATOM   230 C  C   . GLN A 1 34  ? -12.101 2.088   -3.148  1.00 10.57 ? 1140 GLN A C   1 
ATOM   231 O  O   . GLN A 1 34  ? -12.042 1.011   -2.585  1.00 11.51 ? 1140 GLN A O   1 
ATOM   232 C  CB  . GLN A 1 34  ? -14.541 2.418   -3.540  1.00 13.20 ? 1140 GLN A CB  1 
ATOM   233 C  CG  . GLN A 1 34  ? -15.684 2.542   -4.532  1.00 15.95 ? 1140 GLN A CG  1 
ATOM   234 C  CD  . GLN A 1 34  ? -16.952 2.995   -3.861  1.00 17.76 ? 1140 GLN A CD  1 
ATOM   235 O  OE1 . GLN A 1 34  ? -16.913 3.912   -3.075  1.00 21.70 ? 1140 GLN A OE1 1 
ATOM   236 N  NE2 . GLN A 1 34  ? -18.075 2.381   -4.186  1.00 20.42 ? 1140 GLN A NE2 1 
ATOM   237 N  N   . GLU A 1 35  ? -11.341 3.105   -2.833  1.00 9.75  ? 1141 GLU A N   1 
ATOM   238 C  CA  . GLU A 1 35  ? -10.468 3.107   -1.703  1.00 8.87  ? 1141 GLU A CA  1 
ATOM   239 C  C   . GLU A 1 35  ? -9.568  1.880   -1.603  1.00 8.02  ? 1141 GLU A C   1 
ATOM   240 O  O   . GLU A 1 35  ? -9.474  1.254   -0.553  1.00 7.25  ? 1141 GLU A O   1 
ATOM   241 C  CB  . GLU A 1 35  ? -11.262 3.332   -0.422  1.00 9.41  ? 1141 GLU A CB  1 
ATOM   242 C  CG  . GLU A 1 35  ? -11.910 4.703   -0.418  1.00 11.13 ? 1141 GLU A CG  1 
ATOM   243 N  N   . ASN A 1 36  ? -8.854  1.567   -2.670  1.00 6.83  ? 1142 ASN A N   1 
ATOM   244 C  CA  . ASN A 1 36  ? -7.910  0.455   -2.611  1.00 6.25  ? 1142 ASN A CA  1 
ATOM   245 C  C   . ASN A 1 36  ? -6.508  0.886   -2.213  1.00 5.77  ? 1142 ASN A C   1 
ATOM   246 O  O   . ASN A 1 36  ? -6.133  2.057   -2.292  1.00 5.22  ? 1142 ASN A O   1 
ATOM   247 C  CB  . ASN A 1 36  ? -7.892  -0.256  -3.984  1.00 6.62  ? 1142 ASN A CB  1 
ATOM   248 C  CG  . ASN A 1 36  ? -9.192  -0.992  -4.257  1.00 6.93  ? 1142 ASN A CG  1 
ATOM   249 O  OD1 . ASN A 1 36  ? -9.649  -1.725  -3.406  1.00 8.11  ? 1142 ASN A OD1 1 
ATOM   250 N  ND2 . ASN A 1 36  ? -9.825  -0.748  -5.405  1.00 6.94  ? 1142 ASN A ND2 1 
ATOM   251 N  N   . TRP A 1 37  ? -5.794  -0.101  -1.728  1.00 5.52  ? 1143 TRP A N   1 
ATOM   252 C  CA  . TRP A 1 37  ? -4.432  0.000   -1.244  1.00 5.31  ? 1143 TRP A CA  1 
ATOM   253 C  C   . TRP A 1 37  ? -3.628  -1.100  -1.930  1.00 4.85  ? 1143 TRP A C   1 
ATOM   254 O  O   . TRP A 1 37  ? -4.181  -2.121  -2.306  1.00 4.79  ? 1143 TRP A O   1 
ATOM   255 C  CB  . TRP A 1 37  ? -4.395  -0.243  0.264   1.00 5.96  ? 1143 TRP A CB  1 
ATOM   256 C  CG  . TRP A 1 37  ? -5.108  0.813   1.053   1.00 6.55  ? 1143 TRP A CG  1 
ATOM   257 C  CD1 . TRP A 1 37  ? -6.454  1.053   1.085   1.00 6.97  ? 1143 TRP A CD1 1 
ATOM   258 C  CD2 . TRP A 1 37  ? -4.508  1.830   1.846   1.00 6.86  ? 1143 TRP A CD2 1 
ATOM   259 N  NE1 . TRP A 1 37  ? -6.729  2.123   1.891   1.00 8.06  ? 1143 TRP A NE1 1 
ATOM   260 C  CE2 . TRP A 1 37  ? -5.547  2.627   2.356   1.00 7.12  ? 1143 TRP A CE2 1 
ATOM   261 C  CE3 . TRP A 1 37  ? -3.195  2.156   2.158   1.00 6.78  ? 1143 TRP A CE3 1 
ATOM   262 C  CZ2 . TRP A 1 37  ? -5.309  3.708   3.197   1.00 7.31  ? 1143 TRP A CZ2 1 
ATOM   263 C  CZ3 . TRP A 1 37  ? -2.937  3.235   2.971   1.00 6.93  ? 1143 TRP A CZ3 1 
ATOM   264 C  CH2 . TRP A 1 37  ? -4.003  3.984   3.520   1.00 7.21  ? 1143 TRP A CH2 1 
ATOM   265 N  N   . VAL A 1 38  ? -2.330  -0.884  -2.076  1.00 4.42  ? 1144 VAL A N   1 
ATOM   266 C  CA  . VAL A 1 38  ? -1.433  -1.904  -2.603  1.00 4.33  ? 1144 VAL A CA  1 
ATOM   267 C  C   . VAL A 1 38  ? -0.459  -2.328  -1.496  1.00 4.15  ? 1144 VAL A C   1 
ATOM   268 O  O   . VAL A 1 38  ? 0.075   -1.488  -0.762  1.00 4.39  ? 1144 VAL A O   1 
ATOM   269 C  CB  . VAL A 1 38  ? -0.675  -1.465  -3.869  1.00 4.22  ? 1144 VAL A CB  1 
ATOM   270 C  CG1 . VAL A 1 38  ? 0.220   -0.222  -3.668  1.00 4.20  ? 1144 VAL A CG1 1 
ATOM   271 C  CG2 . VAL A 1 38  ? 0.093   -2.633  -4.465  1.00 4.18  ? 1144 VAL A CG2 1 
ATOM   272 N  N   . CYS A 1 39  ? -0.252  -3.642  -1.369  1.00 4.31  ? 1145 CYS A N   1 
ATOM   273 C  CA  . CYS A 1 39  ? 0.667   -4.170  -0.380  1.00 4.48  ? 1145 CYS A CA  1 
ATOM   274 C  C   . CYS A 1 39  ? 2.111   -3.951  -0.834  1.00 4.54  ? 1145 CYS A C   1 
ATOM   275 O  O   . CYS A 1 39  ? 2.493   -4.385  -1.912  1.00 3.95  ? 1145 CYS A O   1 
ATOM   276 C  CB  . CYS A 1 39  ? 0.409   -5.663  -0.145  1.00 4.75  ? 1145 CYS A CB  1 
ATOM   277 S  SG  . CYS A 1 39  ? 1.497   -6.296  1.139   1.00 5.19  ? 1145 CYS A SG  1 
ATOM   278 N  N   . LEU A 1 40  ? 2.948   -3.361  0.015   1.00 4.45  ? 1146 LEU A N   1 
ATOM   279 C  CA  . LEU A 1 40  ? 4.320   -3.061  -0.372  1.00 4.68  ? 1146 LEU A CA  1 
ATOM   280 C  C   . LEU A 1 40  ? 5.243   -4.245  -0.177  1.00 4.96  ? 1146 LEU A C   1 
ATOM   281 O  O   . LEU A 1 40  ? 6.412   -4.095  -0.466  1.00 5.08  ? 1146 LEU A O   1 
ATOM   282 C  CB  . LEU A 1 40  ? 4.825   -1.811  0.344   1.00 4.63  ? 1146 LEU A CB  1 
ATOM   283 C  CG  . LEU A 1 40  ? 4.088   -0.523  -0.022  1.00 4.48  ? 1146 LEU A CG  1 
ATOM   284 C  CD1 . LEU A 1 40  ? 4.659   0.673   0.724   1.00 4.63  ? 1146 LEU A CD1 1 
ATOM   285 C  CD2 . LEU A 1 40  ? 4.046   -0.275  -1.504  1.00 4.46  ? 1146 LEU A CD2 1 
ATOM   286 N  N   . SER A 1 41  ? 4.710   -5.393  0.264   1.00 4.98  ? 1147 SER A N   1 
ATOM   287 C  CA  . SER A 1 41  ? 5.520   -6.629  0.265   1.00 5.24  ? 1147 SER A CA  1 
ATOM   288 C  C   . SER A 1 41  ? 5.218   -7.433  -1.003  1.00 5.76  ? 1147 SER A C   1 
ATOM   289 O  O   . SER A 1 41  ? 6.124   -7.742  -1.760  1.00 7.00  ? 1147 SER A O   1 
ATOM   290 C  CB  . SER A 1 41  ? 5.339   -7.422  1.536   1.00 5.07  ? 1147 SER A CB  1 
ATOM   291 O  OG  . SER A 1 41  ? 5.835   -6.702  2.669   1.00 4.97  ? 1147 SER A OG  1 
ATOM   292 N  N   . CYS A 1 42  ? 3.951   -7.719  -1.276  1.00 5.55  ? 1148 CYS A N   1 
ATOM   293 C  CA  . CYS A 1 42  ? 3.570   -8.651  -2.378  1.00 5.79  ? 1148 CYS A CA  1 
ATOM   294 C  C   . CYS A 1 42  ? 2.801   -8.002  -3.527  1.00 5.50  ? 1148 CYS A C   1 
ATOM   295 O  O   . CYS A 1 42  ? 2.488   -8.681  -4.518  1.00 5.53  ? 1148 CYS A O   1 
ATOM   296 C  CB  . CYS A 1 42  ? 2.786   -9.850  -1.809  1.00 6.15  ? 1148 CYS A CB  1 
ATOM   297 S  SG  . CYS A 1 42  ? 1.097   -9.454  -1.285  1.00 7.43  ? 1148 CYS A SG  1 
ATOM   298 N  N   . TYR A 1 43  ? 2.420   -6.726  -3.376  1.00 5.14  ? 1149 TYR A N   1 
ATOM   299 C  CA  . TYR A 1 43  ? 1.837   -5.935  -4.455  1.00 5.15  ? 1149 TYR A CA  1 
ATOM   300 C  C   . TYR A 1 43  ? 0.464   -6.398  -4.920  1.00 5.22  ? 1149 TYR A C   1 
ATOM   301 O  O   . TYR A 1 43  ? 0.012   -6.034  -6.008  1.00 5.04  ? 1149 TYR A O   1 
ATOM   302 C  CB  . TYR A 1 43  ? 2.871   -5.761  -5.588  1.00 5.33  ? 1149 TYR A CB  1 
ATOM   303 C  CG  . TYR A 1 43  ? 3.972   -4.862  -5.146  1.00 5.26  ? 1149 TYR A CG  1 
ATOM   304 C  CD1 . TYR A 1 43  ? 3.868   -3.466  -5.275  1.00 5.63  ? 1149 TYR A CD1 1 
ATOM   305 C  CD2 . TYR A 1 43  ? 5.106   -5.376  -4.505  1.00 5.43  ? 1149 TYR A CD2 1 
ATOM   306 C  CE1 . TYR A 1 43  ? 4.868   -2.630  -4.809  1.00 5.75  ? 1149 TYR A CE1 1 
ATOM   307 C  CE2 . TYR A 1 43  ? 6.109   -4.543  -4.046  1.00 5.65  ? 1149 TYR A CE2 1 
ATOM   308 C  CZ  . TYR A 1 43  ? 6.013   -3.188  -4.189  1.00 5.87  ? 1149 TYR A CZ  1 
ATOM   309 O  OH  . TYR A 1 43  ? 7.018   -2.389  -3.703  1.00 6.14  ? 1149 TYR A OH  1 
ATOM   310 N  N   . GLN A 1 44  ? -0.200  -7.172  -4.063  1.00 5.42  ? 1150 GLN A N   1 
ATOM   311 C  CA  . GLN A 1 44  ? -1.626  -7.407  -4.193  1.00 5.92  ? 1150 GLN A CA  1 
ATOM   312 C  C   . GLN A 1 44  ? -2.405  -6.151  -3.776  1.00 5.32  ? 1150 GLN A C   1 
ATOM   313 O  O   . GLN A 1 44  ? -1.893  -5.305  -3.008  1.00 5.06  ? 1150 GLN A O   1 
ATOM   314 C  CB  . GLN A 1 44  ? -2.075  -8.634  -3.436  1.00 7.29  ? 1150 GLN A CB  1 
ATOM   315 C  CG  . GLN A 1 44  ? -1.471  -9.871  -4.025  1.00 8.56  ? 1150 GLN A CG  1 
ATOM   316 C  CD  . GLN A 1 44  ? -1.579  -11.071 -3.136  1.00 11.32 ? 1150 GLN A CD  1 
ATOM   317 O  OE1 . GLN A 1 44  ? -2.396  -11.118 -2.242  1.00 14.49 ? 1150 GLN A OE1 1 
ATOM   318 N  NE2 . GLN A 1 44  ? -0.708  -12.061 -3.369  1.00 14.45 ? 1150 GLN A NE2 1 
ATOM   319 N  N   . VAL A 1 45  ? -3.575  -5.996  -4.371  1.00 4.74  ? 1151 VAL A N   1 
ATOM   320 C  CA  . VAL A 1 45  ? -4.415  -4.809  -4.199  1.00 4.73  ? 1151 VAL A CA  1 
ATOM   321 C  C   . VAL A 1 45  ? -5.715  -5.233  -3.516  1.00 4.79  ? 1151 VAL A C   1 
ATOM   322 O  O   . VAL A 1 45  ? -6.395  -6.121  -4.003  1.00 4.90  ? 1151 VAL A O   1 
ATOM   323 C  CB  . VAL A 1 45  ? -4.694  -4.133  -5.575  1.00 4.81  ? 1151 VAL A CB  1 
ATOM   324 C  CG1 . VAL A 1 45  ? -5.650  -2.963  -5.411  1.00 4.90  ? 1151 VAL A CG1 1 
ATOM   325 C  CG2 . VAL A 1 45  ? -3.385  -3.629  -6.191  1.00 4.68  ? 1151 VAL A CG2 1 
ATOM   326 N  N   . TYR A 1 46  ? -6.049  -4.544  -2.432  1.00 4.77  ? 1152 TYR A N   1 
ATOM   327 C  CA  . TYR A 1 46  ? -7.212  -4.820  -1.618  1.00 4.80  ? 1152 TYR A CA  1 
ATOM   328 C  C   . TYR A 1 46  ? -7.837  -3.530  -1.050  1.00 4.73  ? 1152 TYR A C   1 
ATOM   329 O  O   . TYR A 1 46  ? -7.142  -2.541  -0.828  1.00 4.75  ? 1152 TYR A O   1 
ATOM   330 C  CB  . TYR A 1 46  ? -6.873  -5.765  -0.477  1.00 4.94  ? 1152 TYR A CB  1 
ATOM   331 C  CG  . TYR A 1 46  ? -6.418  -7.144  -0.923  1.00 5.19  ? 1152 TYR A CG  1 
ATOM   332 C  CD1 . TYR A 1 46  ? -7.330  -8.025  -1.521  1.00 5.38  ? 1152 TYR A CD1 1 
ATOM   333 C  CD2 . TYR A 1 46  ? -5.109  -7.559  -0.721  1.00 5.44  ? 1152 TYR A CD2 1 
ATOM   334 C  CE1 . TYR A 1 46  ? -6.924  -9.283  -1.924  1.00 5.88  ? 1152 TYR A CE1 1 
ATOM   335 C  CE2 . TYR A 1 46  ? -4.695  -8.811  -1.104  1.00 5.66  ? 1152 TYR A CE2 1 
ATOM   336 C  CZ  . TYR A 1 46  ? -5.609  -9.674  -1.693  1.00 6.30  ? 1152 TYR A CZ  1 
ATOM   337 O  OH  . TYR A 1 46  ? -5.222  -10.960 -2.124  1.00 7.26  ? 1152 TYR A OH  1 
ATOM   338 N  N   . CYS A 1 47  ? -9.140  -3.582  -0.748  1.00 4.80  ? 1153 CYS A N   1 
ATOM   339 C  CA  . CYS A 1 47  ? -9.872  -2.381  -0.357  1.00 4.94  ? 1153 CYS A CA  1 
ATOM   340 C  C   . CYS A 1 47  ? -9.625  -1.978  1.094   1.00 5.00  ? 1153 CYS A C   1 
ATOM   341 O  O   . CYS A 1 47  ? -9.254  -2.805  1.961   1.00 4.70  ? 1153 CYS A O   1 
ATOM   342 C  CB  . CYS A 1 47  ? -11.377 -2.524  -0.644  1.00 5.21  ? 1153 CYS A CB  1 
ATOM   343 S  SG  . CYS A 1 47  ? -12.211 -3.793  0.292   1.00 5.87  ? 1153 CYS A SG  1 
ATOM   344 N  N   . GLY A 1 48  ? -9.819  -0.687  1.333   1.00 5.04  ? 1154 GLY A N   1 
ATOM   345 C  CA  . GLY A 1 48  ? -9.635  -0.127  2.664   1.00 5.66  ? 1154 GLY A CA  1 
ATOM   346 C  C   . GLY A 1 48  ? -10.728 -0.417  3.688   1.00 5.96  ? 1154 GLY A C   1 
ATOM   347 O  O   . GLY A 1 48  ? -11.780 -1.026  3.420   1.00 5.68  ? 1154 GLY A O   1 
ATOM   348 N  N   . ARG A 1 49  ? -10.486 0.077   4.891   1.00 7.00  ? 1155 ARG A N   1 
ATOM   349 C  CA  . ARG A 1 49  ? -11.261 -0.276  6.059   1.00 7.95  ? 1155 ARG A CA  1 
ATOM   350 C  C   . ARG A 1 49  ? -12.691 0.222   5.960   1.00 7.83  ? 1155 ARG A C   1 
ATOM   351 O  O   . ARG A 1 49  ? -13.598 -0.374  6.575   1.00 9.01  ? 1155 ARG A O   1 
ATOM   352 C  CB  . ARG A 1 49  ? -10.597 0.252   7.352   1.00 8.86  ? 1155 ARG A CB  1 
ATOM   353 C  CG  . ARG A 1 49  ? -10.482 1.760   7.415   1.00 9.82  ? 1155 ARG A CG  1 
ATOM   354 C  CD  . ARG A 1 49  ? -9.264  2.242   8.225   1.00 10.79 ? 1155 ARG A CD  1 
ATOM   355 N  NE  . ARG A 1 49  ? -9.038  3.693   8.127   1.00 11.47 ? 1155 ARG A NE  1 
ATOM   356 C  CZ  . ARG A 1 49  ? -8.536  4.339   7.075   1.00 12.16 ? 1155 ARG A CZ  1 
ATOM   357 N  NH1 . ARG A 1 49  ? -8.359  5.652   7.128   1.00 12.86 ? 1155 ARG A NH1 1 
ATOM   358 N  NH2 . ARG A 1 49  ? -8.156  3.690   5.970   1.00 13.23 ? 1155 ARG A NH2 1 
ATOM   359 N  N   . TYR A 1 50  ? -12.914 1.293   5.203   1.00 8.06  ? 1156 TYR A N   1 
ATOM   360 C  CA  . TYR A 1 50  ? -14.250 1.849   5.082   1.00 8.57  ? 1156 TYR A CA  1 
ATOM   361 C  C   . TYR A 1 50  ? -15.064 1.205   3.986   1.00 8.78  ? 1156 TYR A C   1 
ATOM   362 O  O   . TYR A 1 50  ? -16.268 1.482   3.887   1.00 9.26  ? 1156 TYR A O   1 
ATOM   363 C  CB  . TYR A 1 50  ? -14.206 3.342   4.918   1.00 9.22  ? 1156 TYR A CB  1 
ATOM   364 C  CG  . TYR A 1 50  ? -13.586 4.037   6.104   1.00 9.62  ? 1156 TYR A CG  1 
ATOM   365 C  CD1 . TYR A 1 50  ? -14.047 3.797   7.395   1.00 9.93  ? 1156 TYR A CD1 1 
ATOM   366 C  CD2 . TYR A 1 50  ? -12.560 4.917   5.950   1.00 9.56  ? 1156 TYR A CD2 1 
ATOM   367 C  CE1 . TYR A 1 50  ? -13.462 4.414   8.496   1.00 10.00 ? 1156 TYR A CE1 1 
ATOM   368 C  CE2 . TYR A 1 50  ? -11.970 5.552   7.052   1.00 9.68  ? 1156 TYR A CE2 1 
ATOM   369 C  CZ  . TYR A 1 50  ? -12.422 5.291   8.313   1.00 9.98  ? 1156 TYR A CZ  1 
ATOM   370 O  OH  . TYR A 1 50  ? -11.831 5.927   9.386   1.00 10.86 ? 1156 TYR A OH  1 
ATOM   371 N  N   . ILE A 1 51  ? -14.464 0.350   3.167   1.00 7.80  ? 1157 ILE A N   1 
ATOM   372 C  CA  . ILE A 1 51  ? -15.211 -0.385  2.158   1.00 7.84  ? 1157 ILE A CA  1 
ATOM   373 C  C   . ILE A 1 51  ? -15.489 -1.777  2.741   1.00 7.72  ? 1157 ILE A C   1 
ATOM   374 O  O   . ILE A 1 51  ? -16.376 -1.882  3.601   1.00 8.30  ? 1157 ILE A O   1 
ATOM   375 C  CB  . ILE A 1 51  ? -14.491 -0.393  0.804   1.00 7.92  ? 1157 ILE A CB  1 
ATOM   376 C  CG1 . ILE A 1 51  ? -14.040 1.026   0.442   1.00 8.53  ? 1157 ILE A CG1 1 
ATOM   377 C  CG2 . ILE A 1 51  ? -15.402 -1.017  -0.257  1.00 7.84  ? 1157 ILE A CG2 1 
ATOM   378 C  CD1 . ILE A 1 51  ? -15.149 2.012   0.235   1.00 8.86  ? 1157 ILE A CD1 1 
ATOM   379 N  N   . ASN A 1 52  ? -14.751 -2.821  2.375   1.00 7.57  ? 1158 ASN A N   1 
ATOM   380 C  CA  . ASN A 1 52  ? -14.962 -4.159  2.907   1.00 7.71  ? 1158 ASN A CA  1 
ATOM   381 C  C   . ASN A 1 52  ? -13.773 -4.711  3.698   1.00 7.47  ? 1158 ASN A C   1 
ATOM   382 O  O   . ASN A 1 52  ? -13.800 -5.865  4.146   1.00 7.37  ? 1158 ASN A O   1 
ATOM   383 C  CB  . ASN A 1 52  ? -15.337 -5.089  1.772   1.00 8.33  ? 1158 ASN A CB  1 
ATOM   384 C  CG  . ASN A 1 52  ? -16.680 -4.700  1.129   1.00 8.99  ? 1158 ASN A CG  1 
ATOM   385 O  OD1 . ASN A 1 52  ? -17.657 -4.447  1.862   1.00 11.17 ? 1158 ASN A OD1 1 
ATOM   386 N  ND2 . ASN A 1 52  ? -16.742 -4.639  -0.187  1.00 8.85  ? 1158 ASN A ND2 1 
ATOM   387 N  N   . GLY A 1 53  ? -12.774 -3.868  3.934   1.00 6.76  ? 1159 GLY A N   1 
ATOM   388 C  CA  . GLY A 1 53  ? -11.692 -4.202  4.861   1.00 6.29  ? 1159 GLY A CA  1 
ATOM   389 C  C   . GLY A 1 53  ? -10.793 -5.325  4.390   1.00 5.95  ? 1159 GLY A C   1 
ATOM   390 O  O   . GLY A 1 53  ? -10.161 -6.012  5.220   1.00 6.11  ? 1159 GLY A O   1 
ATOM   391 N  N   . HIS A 1 54  ? -10.668 -5.522  3.073   1.00 5.87  ? 1160 HIS A N   1 
ATOM   392 C  CA  . HIS A 1 54  ? -9.865  -6.636  2.586   1.00 5.80  ? 1160 HIS A CA  1 
ATOM   393 C  C   . HIS A 1 54  ? -8.358  -6.433  2.754   1.00 5.55  ? 1160 HIS A C   1 
ATOM   394 O  O   . HIS A 1 54  ? -7.654  -7.421  2.974   1.00 5.64  ? 1160 HIS A O   1 
ATOM   395 C  CB  . HIS A 1 54  ? -10.237 -7.031  1.170   1.00 6.00  ? 1160 HIS A CB  1 
ATOM   396 C  CG  . HIS A 1 54  ? -11.585 -7.643  1.119   1.00 6.16  ? 1160 HIS A CG  1 
ATOM   397 N  ND1 . HIS A 1 54  ? -12.605 -7.162  0.343   1.00 6.70  ? 1160 HIS A ND1 1 
ATOM   398 C  CD2 . HIS A 1 54  ? -12.107 -8.660  1.845   1.00 6.81  ? 1160 HIS A CD2 1 
ATOM   399 C  CE1 . HIS A 1 54  ? -13.703 -7.865  0.568   1.00 6.71  ? 1160 HIS A CE1 1 
ATOM   400 N  NE2 . HIS A 1 54  ? -13.428 -8.788  1.473   1.00 6.79  ? 1160 HIS A NE2 1 
ATOM   401 N  N   . MET A 1 55  ? -7.860  -5.201  2.721   1.00 5.30  ? 1161 MET A N   1 
ATOM   402 C  CA  . MET A 1 55  ? -6.410  -5.050  2.997   1.00 5.33  ? 1161 MET A CA  1 
ATOM   403 C  C   . MET A 1 55  ? -6.082  -5.373  4.484   1.00 5.39  ? 1161 MET A C   1 
ATOM   404 O  O   . MET A 1 55  ? -5.071  -6.007  4.783   1.00 5.11  ? 1161 MET A O   1 
ATOM   405 C  CB  . MET A 1 55  ? -5.857  -3.646  2.680   1.00 4.95  ? 1161 MET A CB  1 
ATOM   406 C  CG  . MET A 1 55  ? -4.335  -3.592  2.717   1.00 4.82  ? 1161 MET A CG  1 
ATOM   407 S  SD  . MET A 1 55  ? -3.535  -4.848  1.683   1.00 4.69  ? 1161 MET A SD  1 
ATOM   408 C  CE  . MET A 1 55  ? -3.401  -3.985  0.124   1.00 4.75  ? 1161 MET A CE  1 
ATOM   409 N  N   . LEU A 1 56  ? -6.957  -4.979  5.400   1.00 6.51  ? 1162 LEU A N   1 
ATOM   410 C  CA  . LEU A 1 56  ? -6.800  -5.348  6.790   1.00 7.69  ? 1162 LEU A CA  1 
ATOM   411 C  C   . LEU A 1 56  ? -6.823  -6.881  6.945   1.00 7.62  ? 1162 LEU A C   1 
ATOM   412 O  O   . LEU A 1 56  ? -6.001  -7.468  7.645   1.00 7.22  ? 1162 LEU A O   1 
ATOM   413 C  CB  . LEU A 1 56  ? -7.932  -4.743  7.656   1.00 9.31  ? 1162 LEU A CB  1 
ATOM   414 C  CG  . LEU A 1 56  ? -7.861  -5.051  9.152   1.00 11.46 ? 1162 LEU A CG  1 
ATOM   415 C  CD1 . LEU A 1 56  ? -6.533  -4.633  9.811   1.00 11.68 ? 1162 LEU A CD1 1 
ATOM   416 C  CD2 . LEU A 1 56  ? -9.068  -4.405  9.836   1.00 12.91 ? 1162 LEU A CD2 1 
ATOM   417 N  N   . GLN A 1 57  ? -7.745  -7.559  6.269   1.00 7.58  ? 1163 GLN A N   1 
ATOM   418 C  CA  . GLN A 1 57  ? -7.725  -9.010  6.229   1.00 8.21  ? 1163 GLN A CA  1 
ATOM   419 C  C   . GLN A 1 57  ? -6.415  -9.562  5.660   1.00 7.31  ? 1163 GLN A C   1 
ATOM   420 O  O   . GLN A 1 57  ? -5.874  -10.544 6.168   1.00 7.01  ? 1163 GLN A O   1 
ATOM   421 C  CB  . GLN A 1 57  ? -8.916  -9.504  5.415   1.00 10.46 ? 1163 GLN A CB  1 
ATOM   422 C  CG  . GLN A 1 57  ? -9.049  -10.994 5.265   1.00 13.73 ? 1163 GLN A CG  1 
ATOM   423 C  CD  . GLN A 1 57  ? -10.243 -11.320 4.396   1.00 17.97 ? 1163 GLN A CD  1 
ATOM   424 O  OE1 . GLN A 1 57  ? -10.109 -11.692 3.218   1.00 26.09 ? 1163 GLN A OE1 1 
ATOM   425 N  NE2 . GLN A 1 57  ? -11.391 -11.081 4.925   1.00 19.84 ? 1163 GLN A NE2 1 
ATOM   426 N  N   . HIS A 1 58  ? -5.911  -8.970  4.589   1.00 6.28  ? 1164 HIS A N   1 
ATOM   427 C  CA  . HIS A 1 58  ? -4.636  -9.401  4.031   1.00 6.16  ? 1164 HIS A CA  1 
ATOM   428 C  C   . HIS A 1 58  ? -3.520  -9.244  5.032   1.00 6.07  ? 1164 HIS A C   1 
ATOM   429 O  O   . HIS A 1 58  ? -2.655  -10.140 5.156   1.00 6.58  ? 1164 HIS A O   1 
ATOM   430 C  CB  . HIS A 1 58  ? -4.326  -8.610  2.770   1.00 5.89  ? 1164 HIS A CB  1 
ATOM   431 C  CG  . HIS A 1 58  ? -2.996  -8.929  2.171   1.00 6.00  ? 1164 HIS A CG  1 
ATOM   432 N  ND1 . HIS A 1 58  ? -2.698  -10.159 1.619   1.00 6.10  ? 1164 HIS A ND1 1 
ATOM   433 C  CD2 . HIS A 1 58  ? -1.867  -8.199  2.109   1.00 5.94  ? 1164 HIS A CD2 1 
ATOM   434 C  CE1 . HIS A 1 58  ? -1.451  -10.142 1.170   1.00 6.08  ? 1164 HIS A CE1 1 
ATOM   435 N  NE2 . HIS A 1 58  ? -0.922  -8.969  1.464   1.00 6.05  ? 1164 HIS A NE2 1 
ATOM   436 N  N   . HIS A 1 59  ? -3.478  -8.096  5.710   1.00 5.93  ? 1165 HIS A N   1 
ATOM   437 C  CA  . HIS A 1 59  ? -2.484  -7.912  6.776   1.00 5.99  ? 1165 HIS A CA  1 
ATOM   438 C  C   . HIS A 1 59  ? -2.563  -9.077  7.806   1.00 6.49  ? 1165 HIS A C   1 
ATOM   439 O  O   . HIS A 1 59  ? -1.528  -9.663  8.223   1.00 6.59  ? 1165 HIS A O   1 
ATOM   440 C  CB  . HIS A 1 59  ? -2.642  -6.580  7.498   1.00 6.18  ? 1165 HIS A CB  1 
ATOM   441 C  CG  . HIS A 1 59  ? -1.862  -6.545  8.744   1.00 6.22  ? 1165 HIS A CG  1 
ATOM   442 N  ND1 . HIS A 1 59  ? -0.490  -6.521  8.735   1.00 6.67  ? 1165 HIS A ND1 1 
ATOM   443 C  CD2 . HIS A 1 59  ? -2.244  -6.663  10.041  1.00 6.83  ? 1165 HIS A CD2 1 
ATOM   444 C  CE1 . HIS A 1 59  ? -0.052  -6.594  9.980   1.00 7.17  ? 1165 HIS A CE1 1 
ATOM   445 N  NE2 . HIS A 1 59  ? -1.089  -6.671  10.787  1.00 6.53  ? 1165 HIS A NE2 1 
ATOM   446 N  N   . GLY A 1 60  ? -3.780  -9.440  8.159   1.00 6.65  ? 1166 GLY A N   1 
ATOM   447 C  CA  . GLY A 1 60  ? -3.979  -10.499 9.156   1.00 6.91  ? 1166 GLY A CA  1 
ATOM   448 C  C   . GLY A 1 60  ? -3.504  -11.845 8.692   1.00 7.41  ? 1166 GLY A C   1 
ATOM   449 O  O   . GLY A 1 60  ? -2.923  -12.586 9.473   1.00 7.31  ? 1166 GLY A O   1 
ATOM   450 N  N   . ASN A 1 61  ? -3.769  -12.173 7.426   1.00 8.31  ? 1167 ASN A N   1 
ATOM   451 C  CA  . ASN A 1 61  ? -3.484  -13.520 6.923   1.00 9.06  ? 1167 ASN A CA  1 
ATOM   452 C  C   . ASN A 1 61  ? -2.097  -13.707 6.339   1.00 8.62  ? 1167 ASN A C   1 
ATOM   453 O  O   . ASN A 1 61  ? -1.679  -14.863 6.079   1.00 9.07  ? 1167 ASN A O   1 
ATOM   454 C  CB  . ASN A 1 61  ? -4.606  -14.055 6.017   1.00 10.91 ? 1167 ASN A CB  1 
ATOM   455 C  CG  . ASN A 1 61  ? -4.683  -13.370 4.662   1.00 11.98 ? 1167 ASN A CG  1 
ATOM   456 O  OD1 . ASN A 1 61  ? -3.683  -13.096 4.053   1.00 13.64 ? 1167 ASN A OD1 1 
ATOM   457 N  ND2 . ASN A 1 61  ? -5.913  -13.122 4.189   1.00 13.38 ? 1167 ASN A ND2 1 
ATOM   458 N  N   . SER A 1 62  ? -1.382  -12.593 6.114   1.00 7.56  ? 1168 SER A N   1 
ATOM   459 C  CA  . SER A 1 62  ? -0.038  -12.605 5.588   1.00 7.64  ? 1168 SER A CA  1 
ATOM   460 C  C   . SER A 1 62  ? 1.034   -12.056 6.550   1.00 7.49  ? 1168 SER A C   1 
ATOM   461 O  O   . SER A 1 62  ? 2.236   -12.407 6.420   1.00 7.60  ? 1168 SER A O   1 
ATOM   462 C  CB  . SER A 1 62  ? 0.035   -11.777 4.302   1.00 7.40  ? 1168 SER A CB  1 
ATOM   463 O  OG  . SER A 1 62  ? 0.006   -10.388 4.635   1.00 7.35  ? 1168 SER A OG  1 
ATOM   464 N  N   . GLY A 1 63  ? 0.616   -11.151 7.443   1.00 6.90  ? 1169 GLY A N   1 
ATOM   465 C  CA  . GLY A 1 63  ? 1.515   -10.397 8.303   1.00 6.85  ? 1169 GLY A CA  1 
ATOM   466 C  C   . GLY A 1 63  ? 2.217   -9.239  7.613   1.00 6.53  ? 1169 GLY A C   1 
ATOM   467 O  O   . GLY A 1 63  ? 3.051   -8.534  8.236   1.00 6.78  ? 1169 GLY A O   1 
ATOM   468 N  N   . HIS A 1 64  ? 1.922   -9.024  6.321   1.00 6.00  ? 1170 HIS A N   1 
ATOM   469 C  CA  . HIS A 1 64  ? 2.626   -7.974  5.596   1.00 5.64  ? 1170 HIS A CA  1 
ATOM   470 C  C   . HIS A 1 64  ? 2.298   -6.613  6.227   1.00 5.26  ? 1170 HIS A C   1 
ATOM   471 O  O   . HIS A 1 64  ? 1.133   -6.348  6.545   1.00 5.20  ? 1170 HIS A O   1 
ATOM   472 C  CB  . HIS A 1 64  ? 2.292   -7.990  4.104   1.00 5.52  ? 1170 HIS A CB  1 
ATOM   473 C  CG  . HIS A 1 64  ? 2.798   -9.222  3.414   1.00 5.68  ? 1170 HIS A CG  1 
ATOM   474 N  ND1 . HIS A 1 64  ? 2.373   -9.638  2.180   1.00 5.73  ? 1170 HIS A ND1 1 
ATOM   475 C  CD2 . HIS A 1 64  ? 3.647   -10.186 3.850   1.00 5.76  ? 1170 HIS A CD2 1 
ATOM   476 C  CE1 . HIS A 1 64  ? 2.959   -10.773 1.855   1.00 5.83  ? 1170 HIS A CE1 1 
ATOM   477 N  NE2 . HIS A 1 64  ? 3.776   -11.108 2.834   1.00 5.94  ? 1170 HIS A NE2 1 
ATOM   478 N  N   . PRO A 1 65  ? 3.331   -5.791  6.486   1.00 5.01  ? 1171 PRO A N   1 
ATOM   479 C  CA  . PRO A 1 65  ? 3.145   -4.627  7.364   1.00 4.87  ? 1171 PRO A CA  1 
ATOM   480 C  C   . PRO A 1 65  ? 2.601   -3.337  6.726   1.00 4.64  ? 1171 PRO A C   1 
ATOM   481 O  O   . PRO A 1 65  ? 1.789   -2.663  7.347   1.00 4.38  ? 1171 PRO A O   1 
ATOM   482 C  CB  . PRO A 1 65  ? 4.582   -4.349  7.867   1.00 4.94  ? 1171 PRO A CB  1 
ATOM   483 C  CG  . PRO A 1 65  ? 5.480   -4.864  6.799   1.00 5.10  ? 1171 PRO A CG  1 
ATOM   484 C  CD  . PRO A 1 65  ? 4.770   -6.065  6.261   1.00 5.08  ? 1171 PRO A CD  1 
ATOM   485 N  N   . LEU A 1 66  ? 3.143   -2.995  5.555   1.00 4.64  ? 1172 LEU A N   1 
ATOM   486 C  CA  . LEU A 1 66  ? 3.018   -1.670  4.952   1.00 4.65  ? 1172 LEU A CA  1 
ATOM   487 C  C   . LEU A 1 66  ? 2.235   -1.692  3.660   1.00 4.54  ? 1172 LEU A C   1 
ATOM   488 O  O   . LEU A 1 66  ? 2.482   -2.524  2.788   1.00 4.35  ? 1172 LEU A O   1 
ATOM   489 C  CB  . LEU A 1 66  ? 4.415   -1.087  4.708   1.00 4.69  ? 1172 LEU A CB  1 
ATOM   490 C  CG  . LEU A 1 66  ? 5.102   -0.479  5.938   1.00 4.92  ? 1172 LEU A CG  1 
ATOM   491 C  CD1 . LEU A 1 66  ? 6.599   -0.692  5.870   1.00 5.12  ? 1172 LEU A CD1 1 
ATOM   492 C  CD2 . LEU A 1 66  ? 4.742   0.994   6.073   1.00 5.08  ? 1172 LEU A CD2 1 
ATOM   493 N  N   . VAL A 1 67  ? 1.297   -0.756  3.547   1.00 4.47  ? 1173 VAL A N   1 
ATOM   494 C  CA  . VAL A 1 67  ? 0.408   -0.669  2.396   1.00 4.56  ? 1173 VAL A CA  1 
ATOM   495 C  C   . VAL A 1 67  ? 0.323   0.789   1.921   1.00 4.84  ? 1173 VAL A C   1 
ATOM   496 O  O   . VAL A 1 67  ? 0.409   1.718   2.739   1.00 4.88  ? 1173 VAL A O   1 
ATOM   497 C  CB  . VAL A 1 67  ? -0.988  -1.242  2.769   1.00 4.44  ? 1173 VAL A CB  1 
ATOM   498 C  CG1 . VAL A 1 67  ? -0.859  -2.720  3.064   1.00 4.56  ? 1173 VAL A CG1 1 
ATOM   499 C  CG2 . VAL A 1 67  ? -1.645  -0.508  3.958   1.00 4.43  ? 1173 VAL A CG2 1 
ATOM   500 N  N   . LEU A 1 68  ? 0.111   0.979   0.620   1.00 4.96  ? 1174 LEU A N   1 
ATOM   501 C  CA  . LEU A 1 68  ? 0.115   2.292   -0.037  1.00 5.29  ? 1174 LEU A CA  1 
ATOM   502 C  C   . LEU A 1 68  ? -1.271  2.605   -0.568  1.00 5.26  ? 1174 LEU A C   1 
ATOM   503 O  O   . LEU A 1 68  ? -1.896  1.755   -1.235  1.00 5.12  ? 1174 LEU A O   1 
ATOM   504 C  CB  . LEU A 1 68  ? 1.141   2.306   -1.146  1.00 5.82  ? 1174 LEU A CB  1 
ATOM   505 C  CG  . LEU A 1 68  ? 1.209   3.582   -1.971  1.00 6.37  ? 1174 LEU A CG  1 
ATOM   506 C  CD1 . LEU A 1 68  ? 1.806   4.729   -1.162  1.00 6.86  ? 1174 LEU A CD1 1 
ATOM   507 C  CD2 . LEU A 1 68  ? 1.984   3.314   -3.239  1.00 6.84  ? 1174 LEU A CD2 1 
ATOM   508 N  N   . SER A 1 69  ? -1.787  3.783   -0.218  1.00 5.36  ? 1175 SER A N   1 
ATOM   509 C  CA  . SER A 1 69  ? -3.131  4.184   -0.657  1.00 5.34  ? 1175 SER A CA  1 
ATOM   510 C  C   . SER A 1 69  ? -3.143  4.662   -2.095  1.00 5.46  ? 1175 SER A C   1 
ATOM   511 O  O   . SER A 1 69  ? -2.373  5.551   -2.470  1.00 5.09  ? 1175 SER A O   1 
ATOM   512 C  CB  . SER A 1 69  ? -3.643  5.354   0.187   1.00 5.40  ? 1175 SER A CB  1 
ATOM   513 O  OG  . SER A 1 69  ? -4.886  5.848   -0.331  1.00 5.53  ? 1175 SER A OG  1 
ATOM   514 N  N   . TYR A 1 70  ? -4.089  4.132   -2.876  1.00 5.62  ? 1176 TYR A N   1 
ATOM   515 C  CA  . TYR A 1 70  ? -4.269  4.600   -4.229  1.00 6.13  ? 1176 TYR A CA  1 
ATOM   516 C  C   . TYR A 1 70  ? -5.124  5.861   -4.328  1.00 7.61  ? 1176 TYR A C   1 
ATOM   517 O  O   . TYR A 1 70  ? -5.198  6.416   -5.429  1.00 8.13  ? 1176 TYR A O   1 
ATOM   518 C  CB  . TYR A 1 70  ? -4.789  3.486   -5.115  1.00 5.63  ? 1176 TYR A CB  1 
ATOM   519 C  CG  . TYR A 1 70  ? -3.786  2.460   -5.550  1.00 5.46  ? 1176 TYR A CG  1 
ATOM   520 C  CD1 . TYR A 1 70  ? -2.407  2.743   -5.597  1.00 5.25  ? 1176 TYR A CD1 1 
ATOM   521 C  CD2 . TYR A 1 70  ? -4.194  1.204   -5.990  1.00 5.15  ? 1176 TYR A CD2 1 
ATOM   522 C  CE1 . TYR A 1 70  ? -1.488  1.834   -6.070  1.00 5.26  ? 1176 TYR A CE1 1 
ATOM   523 C  CE2 . TYR A 1 70  ? -3.256  0.284   -6.472  1.00 5.33  ? 1176 TYR A CE2 1 
ATOM   524 C  CZ  . TYR A 1 70  ? -1.914  0.623   -6.543  1.00 5.32  ? 1176 TYR A CZ  1 
ATOM   525 O  OH  . TYR A 1 70  ? -0.939  -0.243  -7.030  1.00 5.89  ? 1176 TYR A OH  1 
ATOM   526 N  N   . ILE A 1 71  ? -5.691  6.314   -3.195  1.00 8.91  ? 1177 ILE A N   1 
ATOM   527 C  CA  . ILE A 1 71  ? -6.379  7.598   -3.117  1.00 10.60 ? 1177 ILE A CA  1 
ATOM   528 C  C   . ILE A 1 71  ? -5.423  8.749   -2.890  1.00 10.95 ? 1177 ILE A C   1 
ATOM   529 O  O   . ILE A 1 71  ? -5.505  9.754   -3.604  1.00 11.31 ? 1177 ILE A O   1 
ATOM   530 C  CB  . ILE A 1 71  ? -7.428  7.634   -1.993  1.00 13.21 ? 1177 ILE A CB  1 
ATOM   531 C  CG1 . ILE A 1 71  ? -8.505  6.576   -2.225  1.00 15.92 ? 1177 ILE A CG1 1 
ATOM   532 C  CG2 . ILE A 1 71  ? -8.053  9.032   -1.885  1.00 14.16 ? 1177 ILE A CG2 1 
ATOM   533 C  CD1 . ILE A 1 71  ? -9.435  6.884   -3.368  1.00 18.72 ? 1177 ILE A CD1 1 
ATOM   534 N  N   . ASP A 1 72  ? -4.536  8.638   -1.892  1.00 10.14 ? 1178 ASP A N   1 
ATOM   535 C  CA  . ASP A 1 72  ? -3.687  9.788   -1.533  1.00 11.29 ? 1178 ASP A CA  1 
ATOM   536 C  C   . ASP A 1 72  ? -2.214  9.481   -1.396  1.00 10.01 ? 1178 ASP A C   1 
ATOM   537 O  O   . ASP A 1 72  ? -1.474  10.348  -0.947  1.00 10.26 ? 1178 ASP A O   1 
ATOM   538 C  CB  . ASP A 1 72  ? -4.216  10.441  -0.232  1.00 12.74 ? 1178 ASP A CB  1 
ATOM   539 C  CG  . ASP A 1 72  ? -3.849  9.669   0.997   1.00 15.45 ? 1178 ASP A CG  1 
ATOM   540 O  OD1 . ASP A 1 72  ? -3.465  8.489   0.865   1.00 13.06 ? 1178 ASP A OD1 1 
ATOM   541 O  OD2 . ASP A 1 72  ? -3.903  10.262  2.114   1.00 19.83 ? 1178 ASP A OD2 1 
ATOM   542 N  N   . LEU A 1 73  ? -1.771  8.276   -1.781  1.00 8.57  ? 1179 LEU A N   1 
ATOM   543 C  CA  . LEU A 1 73  ? -0.386  7.832   -1.736  1.00 8.99  ? 1179 LEU A CA  1 
ATOM   544 C  C   . LEU A 1 73  ? 0.260   7.914   -0.362  1.00 8.57  ? 1179 LEU A C   1 
ATOM   545 O  O   . LEU A 1 73  ? 1.505   7.990   -0.287  1.00 9.76  ? 1179 LEU A O   1 
ATOM   546 C  CB  . LEU A 1 73  ? 0.512   8.536   -2.776  1.00 9.36  ? 1179 LEU A CB  1 
ATOM   547 C  CG  . LEU A 1 73  ? -0.049  8.649   -4.189  1.00 9.89  ? 1179 LEU A CG  1 
ATOM   548 C  CD1 . LEU A 1 73  ? 0.902   9.391   -5.142  1.00 10.13 ? 1179 LEU A CD1 1 
ATOM   549 C  CD2 . LEU A 1 73  ? -0.396  7.301   -4.749  1.00 10.35 ? 1179 LEU A CD2 1 
ATOM   550 N  N   . SER A 1 74  ? -0.532  7.849   0.678   1.00 8.79  ? 1180 SER A N   1 
ATOM   551 C  CA  . SER A 1 74  ? -0.004  7.614   2.042   1.00 8.24  ? 1180 SER A CA  1 
ATOM   552 C  C   . SER A 1 74  ? 0.374   6.152   2.209   1.00 7.55  ? 1180 SER A C   1 
ATOM   553 O  O   . SER A 1 74  ? -0.227  5.279   1.569   1.00 7.70  ? 1180 SER A O   1 
ATOM   554 C  CB  . SER A 1 74  ? -0.973  8.047   3.109   1.00 9.21  ? 1180 SER A CB  1 
ATOM   555 O  OG  . SER A 1 74  ? -2.196  7.378   3.077   1.00 10.45 ? 1180 SER A OG  1 
ATOM   556 N  N   . ALA A 1 75  ? 1.322   5.910   3.104   1.00 6.56  ? 1181 ALA A N   1 
ATOM   557 C  CA  . ALA A 1 75  ? 1.721   4.561   3.487   1.00 6.10  ? 1181 ALA A CA  1 
ATOM   558 C  C   . ALA A 1 75  ? 1.431   4.330   4.947   1.00 5.66  ? 1181 ALA A C   1 
ATOM   559 O  O   . ALA A 1 75  ? 1.899   5.094   5.806   1.00 5.49  ? 1181 ALA A O   1 
ATOM   560 C  CB  . ALA A 1 75  ? 3.181   4.333   3.244   1.00 6.24  ? 1181 ALA A CB  1 
ATOM   561 N  N   . TRP A 1 76  ? 0.686   3.273   5.247   1.00 5.05  ? 1182 TRP A N   1 
ATOM   562 C  CA  . TRP A 1 76  ? 0.268   2.916   6.593   1.00 5.07  ? 1182 TRP A CA  1 
ATOM   563 C  C   . TRP A 1 76  ? 0.945   1.636   6.986   1.00 4.94  ? 1182 TRP A C   1 
ATOM   564 O  O   . TRP A 1 76  ? 1.017   0.693   6.172   1.00 4.80  ? 1182 TRP A O   1 
ATOM   565 C  CB  . TRP A 1 76  ? -1.249  2.662   6.613   1.00 4.90  ? 1182 TRP A CB  1 
ATOM   566 C  CG  . TRP A 1 76  ? -1.838  2.215   7.927   1.00 5.02  ? 1182 TRP A CG  1 
ATOM   567 C  CD1 . TRP A 1 76  ? -2.156  0.965   8.278   1.00 5.16  ? 1182 TRP A CD1 1 
ATOM   568 C  CD2 . TRP A 1 76  ? -2.122  3.040   9.062   1.00 5.20  ? 1182 TRP A CD2 1 
ATOM   569 N  NE1 . TRP A 1 76  ? -2.643  0.922   9.562   1.00 5.19  ? 1182 TRP A NE1 1 
ATOM   570 C  CE2 . TRP A 1 76  ? -2.635  2.194   10.066  1.00 5.35  ? 1182 TRP A CE2 1 
ATOM   571 C  CE3 . TRP A 1 76  ? -2.025  4.410   9.308   1.00 5.31  ? 1182 TRP A CE3 1 
ATOM   572 C  CZ2 . TRP A 1 76  ? -3.052  2.682   11.289  1.00 5.56  ? 1182 TRP A CZ2 1 
ATOM   573 C  CZ3 . TRP A 1 76  ? -2.424  4.893   10.519  1.00 5.50  ? 1182 TRP A CZ3 1 
ATOM   574 C  CH2 . TRP A 1 76  ? -2.953  4.021   11.491  1.00 5.66  ? 1182 TRP A CH2 1 
ATOM   575 N  N   . CYS A 1 77  ? 1.438   1.595   8.223   1.00 4.71  ? 1183 CYS A N   1 
ATOM   576 C  CA  . CYS A 1 77  ? 1.980   0.381   8.791   1.00 4.77  ? 1183 CYS A CA  1 
ATOM   577 C  C   . CYS A 1 77  ? 0.979   -0.147  9.801   1.00 4.79  ? 1183 CYS A C   1 
ATOM   578 O  O   . CYS A 1 77  ? 0.700   0.512   10.816  1.00 4.67  ? 1183 CYS A O   1 
ATOM   579 C  CB  . CYS A 1 77  ? 3.311   0.591   9.498   1.00 4.83  ? 1183 CYS A CB  1 
ATOM   580 S  SG  . CYS A 1 77  ? 3.931   -0.938  10.269  1.00 4.84  ? 1183 CYS A SG  1 
ATOM   581 N  N   . TYR A 1 78  ? 0.487   -1.352  9.577   1.00 4.80  ? 1184 TYR A N   1 
ATOM   582 C  CA  . TYR A 1 78  ? -0.505  -1.939  10.467  1.00 5.10  ? 1184 TYR A CA  1 
ATOM   583 C  C   . TYR A 1 78  ? 0.045   -2.307  11.854  1.00 5.65  ? 1184 TYR A C   1 
ATOM   584 O  O   . TYR A 1 78  ? -0.724  -2.317  12.826  1.00 6.35  ? 1184 TYR A O   1 
ATOM   585 C  CB  . TYR A 1 78  ? -1.114  -3.206  9.861   1.00 5.37  ? 1184 TYR A CB  1 
ATOM   586 C  CG  . TYR A 1 78  ? -2.060  -2.957  8.745   1.00 5.42  ? 1184 TYR A CG  1 
ATOM   587 C  CD1 . TYR A 1 78  ? -3.373  -2.555  8.985   1.00 5.60  ? 1184 TYR A CD1 1 
ATOM   588 C  CD2 . TYR A 1 78  ? -1.670  -3.168  7.419   1.00 5.61  ? 1184 TYR A CD2 1 
ATOM   589 C  CE1 . TYR A 1 78  ? -4.258  -2.350  7.924   1.00 5.70  ? 1184 TYR A CE1 1 
ATOM   590 C  CE2 . TYR A 1 78  ? -2.535  -2.974  6.371   1.00 5.71  ? 1184 TYR A CE2 1 
ATOM   591 C  CZ  . TYR A 1 78  ? -3.829  -2.558  6.633   1.00 5.89  ? 1184 TYR A CZ  1 
ATOM   592 O  OH  . TYR A 1 78  ? -4.725  -2.362  5.644   1.00 6.30  ? 1184 TYR A OH  1 
ATOM   593 N  N   . TYR A 1 79  ? 1.347   -2.597  11.955  1.00 5.62  ? 1185 TYR A N   1 
ATOM   594 C  CA  . TYR A 1 79  ? 1.956   -2.903  13.265  1.00 6.16  ? 1185 TYR A CA  1 
ATOM   595 C  C   . TYR A 1 79  ? 2.179   -1.639  14.072  1.00 6.55  ? 1185 TYR A C   1 
ATOM   596 O  O   . TYR A 1 79  ? 1.822   -1.580  15.243  1.00 7.11  ? 1185 TYR A O   1 
ATOM   597 C  CB  . TYR A 1 79  ? 3.284   -3.577  13.083  1.00 6.35  ? 1185 TYR A CB  1 
ATOM   598 C  CG  . TYR A 1 79  ? 3.250   -4.969  12.499  1.00 6.75  ? 1185 TYR A CG  1 
ATOM   599 C  CD1 . TYR A 1 79  ? 3.015   -6.071  13.294  1.00 7.65  ? 1185 TYR A CD1 1 
ATOM   600 C  CD2 . TYR A 1 79  ? 3.511   -5.186  11.167  1.00 7.10  ? 1185 TYR A CD2 1 
ATOM   601 C  CE1 . TYR A 1 79  ? 3.002   -7.360  12.759  1.00 7.94  ? 1185 TYR A CE1 1 
ATOM   602 C  CE2 . TYR A 1 79  ? 3.517   -6.453  10.621  1.00 7.36  ? 1185 TYR A CE2 1 
ATOM   603 C  CZ  . TYR A 1 79  ? 3.233   -7.545  11.409  1.00 8.22  ? 1185 TYR A CZ  1 
ATOM   604 O  OH  . TYR A 1 79  ? 3.253   -8.824  10.871  1.00 8.71  ? 1185 TYR A OH  1 
ATOM   605 N  N   . CYS A 1 80  ? 2.777   -0.628  13.451  1.00 6.76  ? 1186 CYS A N   1 
ATOM   606 C  CA  . CYS A 1 80  ? 3.023   0.637   14.123  1.00 6.68  ? 1186 CYS A CA  1 
ATOM   607 C  C   . CYS A 1 80  ? 1.755   1.493   14.288  1.00 7.25  ? 1186 CYS A C   1 
ATOM   608 O  O   . CYS A 1 80  ? 1.753   2.437   15.090  1.00 7.29  ? 1186 CYS A O   1 
ATOM   609 C  CB  . CYS A 1 80  ? 4.111   1.410   13.367  1.00 6.58  ? 1186 CYS A CB  1 
ATOM   610 S  SG  . CYS A 1 80  ? 5.733   0.581   13.371  1.00 6.25  ? 1186 CYS A SG  1 
ATOM   611 N  N   . GLN A 1 81  ? 0.695   1.173   13.552  1.00 7.79  ? 1187 GLN A N   1 
ATOM   612 C  CA  . GLN A 1 81  ? -0.548  1.914   13.587  1.00 9.02  ? 1187 GLN A CA  1 
ATOM   613 C  C   . GLN A 1 81  ? -0.271  3.388   13.321  1.00 8.10  ? 1187 GLN A C   1 
ATOM   614 O  O   . GLN A 1 81  ? -0.715  4.295   14.055  1.00 8.43  ? 1187 GLN A O   1 
ATOM   615 C  CB  . GLN A 1 81  ? -1.287  1.696   14.908  1.00 11.10 ? 1187 GLN A CB  1 
ATOM   616 C  CG  . GLN A 1 81  ? -1.509  0.245   15.261  1.00 14.33 ? 1187 GLN A CG  1 
ATOM   617 C  CD  . GLN A 1 81  ? -2.222  0.113   16.600  1.00 19.03 ? 1187 GLN A CD  1 
ATOM   618 O  OE1 . GLN A 1 81  ? -3.440  0.276   16.684  1.00 24.85 ? 1187 GLN A OE1 1 
ATOM   619 N  NE2 . GLN A 1 81  ? -1.453  -0.089  17.657  1.00 22.99 ? 1187 GLN A NE2 1 
ATOM   620 N  N   . ALA A 1 82  ? 0.457   3.627   12.244  1.00 7.21  ? 1188 ALA A N   1 
ATOM   621 C  CA  . ALA A 1 82  ? 0.860   4.957   11.847  1.00 7.28  ? 1188 ALA A CA  1 
ATOM   622 C  C   . ALA A 1 82  ? 1.182   5.053   10.384  1.00 7.13  ? 1188 ALA A C   1 
ATOM   623 O  O   . ALA A 1 82  ? 1.513   4.033   9.715   1.00 6.63  ? 1188 ALA A O   1 
ATOM   624 C  CB  . ALA A 1 82  ? 2.089   5.382   12.627  1.00 7.41  ? 1188 ALA A CB  1 
ATOM   625 N  N   . TYR A 1 83  ? 1.086   6.275   9.857   1.00 7.19  ? 1189 TYR A N   1 
ATOM   626 C  CA  . TYR A 1 83  ? 1.653   6.563   8.549   1.00 7.63  ? 1189 TYR A CA  1 
ATOM   627 C  C   . TYR A 1 83  ? 3.161   6.750   8.652   1.00 7.51  ? 1189 TYR A C   1 
ATOM   628 O  O   . TYR A 1 83  ? 3.690   7.213   9.666   1.00 7.03  ? 1189 TYR A O   1 
ATOM   629 C  CB  . TYR A 1 83  ? 1.059   7.816   7.925   1.00 8.43  ? 1189 TYR A CB  1 
ATOM   630 C  CG  . TYR A 1 83  ? -0.446  7.690   7.715   1.00 9.06  ? 1189 TYR A CG  1 
ATOM   631 C  CD1 . TYR A 1 83  ? -0.952  6.963   6.652   1.00 10.56 ? 1189 TYR A CD1 1 
ATOM   632 C  CD2 . TYR A 1 83  ? -1.334  8.249   8.630   1.00 10.60 ? 1189 TYR A CD2 1 
ATOM   633 C  CE1 . TYR A 1 83  ? -2.335  6.859   6.459   1.00 10.82 ? 1189 TYR A CE1 1 
ATOM   634 C  CE2 . TYR A 1 83  ? -2.717  8.109   8.481   1.00 11.70 ? 1189 TYR A CE2 1 
ATOM   635 C  CZ  . TYR A 1 83  ? -3.190  7.413   7.404   1.00 11.35 ? 1189 TYR A CZ  1 
ATOM   636 O  OH  . TYR A 1 83  ? -4.552  7.286   7.256   1.00 15.05 ? 1189 TYR A OH  1 
ATOM   637 N  N   A VAL A 1 84  ? 3.856   6.392   7.582   0.70 7.53  ? 1190 VAL A N   1 
ATOM   638 N  N   B VAL A 1 84  ? 3.854   6.345   7.596   0.30 7.47  ? 1190 VAL A N   1 
ATOM   639 C  CA  A VAL A 1 84  ? 5.317   6.409   7.566   0.70 7.86  ? 1190 VAL A CA  1 
ATOM   640 C  CA  B VAL A 1 84  ? 5.308   6.315   7.584   0.30 7.62  ? 1190 VAL A CA  1 
ATOM   641 C  C   A VAL A 1 84  ? 5.759   7.177   6.328   0.70 8.85  ? 1190 VAL A C   1 
ATOM   642 C  C   B VAL A 1 84  ? 5.780   6.870   6.267   0.30 8.00  ? 1190 VAL A C   1 
ATOM   643 O  O   A VAL A 1 84  ? 5.167   7.020   5.259   0.70 7.83  ? 1190 VAL A O   1 
ATOM   644 O  O   B VAL A 1 84  ? 5.342   6.434   5.212   0.30 7.59  ? 1190 VAL A O   1 
ATOM   645 C  CB  A VAL A 1 84  ? 5.899   4.969   7.564   0.70 7.81  ? 1190 VAL A CB  1 
ATOM   646 C  CB  B VAL A 1 84  ? 5.841   4.874   7.710   0.30 7.60  ? 1190 VAL A CB  1 
ATOM   647 C  CG1 A VAL A 1 84  ? 7.433   4.977   7.518   0.70 7.80  ? 1190 VAL A CG1 1 
ATOM   648 C  CG1 B VAL A 1 84  ? 7.362   4.846   7.605   0.30 7.61  ? 1190 VAL A CG1 1 
ATOM   649 C  CG2 A VAL A 1 84  ? 5.381   4.199   8.772   0.70 7.77  ? 1190 VAL A CG2 1 
ATOM   650 C  CG2 B VAL A 1 84  ? 5.368   4.248   9.010   0.30 7.60  ? 1190 VAL A CG2 1 
ATOM   651 N  N   A HIS A 1 85  ? 6.819   7.978   6.489   0.70 9.66  ? 1191 HIS A N   1 
ATOM   652 N  N   B HIS A 1 85  ? 6.680   7.842   6.314   0.30 8.28  ? 1191 HIS A N   1 
ATOM   653 C  CA  A HIS A 1 85  ? 7.483   8.696   5.381   0.70 11.06 ? 1191 HIS A CA  1 
ATOM   654 C  CA  B HIS A 1 85  ? 7.391   8.167   5.104   0.30 8.66  ? 1191 HIS A CA  1 
ATOM   655 C  C   A HIS A 1 85  ? 8.952   8.349   5.463   0.70 10.81 ? 1191 HIS A C   1 
ATOM   656 C  C   B HIS A 1 85  ? 8.873   8.007   5.348   0.30 9.24  ? 1191 HIS A C   1 
ATOM   657 O  O   A HIS A 1 85  ? 9.563   8.608   6.496   0.70 11.54 ? 1191 HIS A O   1 
ATOM   658 O  O   B HIS A 1 85  ? 9.368   8.088   6.478   0.30 9.48  ? 1191 HIS A O   1 
ATOM   659 C  CB  A HIS A 1 85  ? 7.407   10.214  5.558   0.70 12.27 ? 1191 HIS A CB  1 
ATOM   660 C  CB  B HIS A 1 85  ? 7.079   9.561   4.553   0.30 8.49  ? 1191 HIS A CB  1 
ATOM   661 C  CG  A HIS A 1 85  ? 6.062   10.784  5.318   0.70 13.62 ? 1191 HIS A CG  1 
ATOM   662 C  CG  B HIS A 1 85  ? 7.872   9.887   3.324   0.30 8.54  ? 1191 HIS A CG  1 
ATOM   663 N  ND1 A HIS A 1 85  ? 5.396   10.644  4.127   0.70 14.54 ? 1191 HIS A ND1 1 
ATOM   664 N  ND1 B HIS A 1 85  ? 7.559   9.360   2.090   0.30 8.33  ? 1191 HIS A ND1 1 
ATOM   665 C  CD2 A HIS A 1 85  ? 5.263   11.525  6.118   0.70 14.72 ? 1191 HIS A CD2 1 
ATOM   666 C  CD2 B HIS A 1 85  ? 8.990   10.626  3.148   0.30 8.59  ? 1191 HIS A CD2 1 
ATOM   667 C  CE1 A HIS A 1 85  ? 4.216   11.236  4.215   0.70 14.90 ? 1191 HIS A CE1 1 
ATOM   668 C  CE1 B HIS A 1 85  ? 8.430   9.783   1.203   0.30 8.53  ? 1191 HIS A CE1 1 
ATOM   669 N  NE2 A HIS A 1 85  ? 4.119   11.791  5.407   0.70 15.01 ? 1191 HIS A NE2 1 
ATOM   670 N  NE2 B HIS A 1 85  ? 9.328   10.533  1.820   0.30 8.71  ? 1191 HIS A NE2 1 
ATOM   671 N  N   A HIS A 1 86  ? 9.504   7.764   4.414   0.70 9.96  ? 1192 HIS A N   1 
ATOM   672 N  N   B HIS A 1 86  ? 9.571   7.755   4.268   0.30 9.87  ? 1192 HIS A N   1 
ATOM   673 C  CA  A HIS A 1 86  ? 10.935  7.471   4.386   0.70 10.33 ? 1192 HIS A CA  1 
ATOM   674 C  CA  B HIS A 1 86  ? 10.969  7.483   4.351   0.30 10.72 ? 1192 HIS A CA  1 
ATOM   675 C  C   A HIS A 1 86  ? 11.443  7.422   2.944   0.70 11.13 ? 1192 HIS A C   1 
ATOM   676 C  C   B HIS A 1 86  ? 11.445  7.471   2.928   0.30 11.36 ? 1192 HIS A C   1 
ATOM   677 O  O   A HIS A 1 86  ? 10.699  7.052   2.021   0.70 11.30 ? 1192 HIS A O   1 
ATOM   678 O  O   B HIS A 1 86  ? 10.665  7.205   2.007   0.30 11.49 ? 1192 HIS A O   1 
ATOM   679 C  CB  A HIS A 1 86  ? 11.210  6.148   5.151   0.70 10.00 ? 1192 HIS A CB  1 
ATOM   680 C  CB  B HIS A 1 86  ? 11.190  6.127   5.028   0.30 11.05 ? 1192 HIS A CB  1 
ATOM   681 C  CG  A HIS A 1 86  ? 12.662  5.901   5.400   0.70 9.58  ? 1192 HIS A CG  1 
ATOM   682 C  CG  B HIS A 1 86  ? 12.624  5.816   5.298   0.30 11.29 ? 1192 HIS A CG  1 
ATOM   683 N  ND1 A HIS A 1 86  ? 13.493  5.406   4.428   0.70 9.50  ? 1192 HIS A ND1 1 
ATOM   684 N  ND1 B HIS A 1 86  ? 13.395  6.556   6.168   0.30 11.85 ? 1192 HIS A ND1 1 
ATOM   685 C  CD2 A HIS A 1 86  ? 13.444  6.106   6.492   0.70 9.76  ? 1192 HIS A CD2 1 
ATOM   686 C  CD2 B HIS A 1 86  ? 13.428  4.836   4.824   0.30 11.67 ? 1192 HIS A CD2 1 
ATOM   687 C  CE1 A HIS A 1 86  ? 14.724  5.323   4.887   0.70 9.54  ? 1192 HIS A CE1 1 
ATOM   688 C  CE1 B HIS A 1 86  ? 14.617  6.055   6.200   0.30 11.80 ? 1192 HIS A CE1 1 
ATOM   689 N  NE2 A HIS A 1 86  ? 14.730  5.759   6.139   0.70 9.77  ? 1192 HIS A NE2 1 
ATOM   690 N  NE2 B HIS A 1 86  ? 14.661  5.005   5.399   0.30 11.89 ? 1192 HIS A NE2 1 
ATOM   691 N  N   . GLN A 1 87  ? 12.723  7.777   2.743   1.00 11.95 ? 1193 GLN A N   1 
ATOM   692 C  CA  . GLN A 1 87  ? 13.367  7.706   1.428   1.00 13.34 ? 1193 GLN A CA  1 
ATOM   693 C  C   . GLN A 1 87  ? 13.101  6.358   0.727   1.00 12.86 ? 1193 GLN A C   1 
ATOM   694 O  O   . GLN A 1 87  ? 12.893  6.325   -0.452  1.00 14.27 ? 1193 GLN A O   1 
ATOM   695 C  CB  . GLN A 1 87  ? 14.894  7.945   1.570   1.00 15.43 ? 1193 GLN A CB  1 
ATOM   696 C  CG  . GLN A 1 87  ? 15.600  8.110   0.230   1.00 17.52 ? 1193 GLN A CG  1 
ATOM   697 C  CD  . GLN A 1 87  ? 17.078  8.435   0.374   1.00 19.32 ? 1193 GLN A CD  1 
ATOM   698 O  OE1 . GLN A 1 87  ? 17.643  8.392   1.480   1.00 22.82 ? 1193 GLN A OE1 1 
ATOM   699 N  NE2 . GLN A 1 87  ? 17.713  8.769   -0.751  1.00 20.89 ? 1193 GLN A NE2 1 
ATOM   700 N  N   . ALA A 1 88  ? 13.118  5.246   1.464   1.00 12.98 ? 1194 ALA A N   1 
ATOM   701 C  CA  . ALA A 1 88  ? 12.748  3.892   0.982   1.00 12.53 ? 1194 ALA A CA  1 
ATOM   702 C  C   . ALA A 1 88  ? 11.399  3.730   0.317   1.00 11.96 ? 1194 ALA A C   1 
ATOM   703 O  O   . ALA A 1 88  ? 11.201  2.777   -0.413  1.00 12.89 ? 1194 ALA A O   1 
ATOM   704 C  CB  . ALA A 1 88  ? 12.904  2.830   2.055   1.00 13.52 ? 1194 ALA A CB  1 
ATOM   705 N  N   . LEU A 1 89  ? 10.493  4.633   0.592   1.00 11.06 ? 1195 LEU A N   1 
ATOM   706 C  CA  . LEU A 1 89  ? 9.150   4.620   -0.016  1.00 10.17 ? 1195 LEU A CA  1 
ATOM   707 C  C   . LEU A 1 89  ? 9.034   5.561   -1.203  1.00 10.40 ? 1195 LEU A C   1 
ATOM   708 O  O   . LEU A 1 89  ? 8.014   5.543   -1.911  1.00 10.20 ? 1195 LEU A O   1 
ATOM   709 C  CB  . LEU A 1 89  ? 8.121   5.025   1.027   1.00 10.41 ? 1195 LEU A CB  1 
ATOM   710 C  CG  . LEU A 1 89  ? 8.068   4.127   2.254   1.00 10.10 ? 1195 LEU A CG  1 
ATOM   711 C  CD1 . LEU A 1 89  ? 7.003   4.615   3.212   1.00 10.24 ? 1195 LEU A CD1 1 
ATOM   712 C  CD2 . LEU A 1 89  ? 7.828   2.704   1.843   1.00 10.72 ? 1195 LEU A CD2 1 
ATOM   713 N  N   . LEU A 1 90  ? 10.080  6.334   -1.502  1.00 10.95 ? 1196 LEU A N   1 
ATOM   714 C  CA  . LEU A 1 90  ? 9.949   7.318   -2.601  1.00 11.74 ? 1196 LEU A CA  1 
ATOM   715 C  C   . LEU A 1 90  ? 9.779   6.685   -3.961  1.00 12.53 ? 1196 LEU A C   1 
ATOM   716 O  O   . LEU A 1 90  ? 8.962   7.137   -4.745  1.00 12.29 ? 1196 LEU A O   1 
ATOM   717 C  CB  . LEU A 1 90  ? 11.085  8.372   -2.618  1.00 12.84 ? 1196 LEU A CB  1 
ATOM   718 C  CG  . LEU A 1 90  ? 10.989  9.372   -1.450  1.00 13.83 ? 1196 LEU A CG  1 
ATOM   719 C  CD1 . LEU A 1 90  ? 12.305  10.141  -1.273  1.00 14.43 ? 1196 LEU A CD1 1 
ATOM   720 C  CD2 . LEU A 1 90  ? 9.871   10.392  -1.625  1.00 13.83 ? 1196 LEU A CD2 1 
ATOM   721 N  N   . ASP A 1 91  ? 10.539  5.645   -4.264  1.00 12.59 ? 1197 ASP A N   1 
ATOM   722 C  CA  . ASP A 1 91  ? 10.433  5.022   -5.582  1.00 13.57 ? 1197 ASP A CA  1 
ATOM   723 C  C   . ASP A 1 91  ? 9.002   4.525   -5.839  1.00 11.97 ? 1197 ASP A C   1 
ATOM   724 O  O   . ASP A 1 91  ? 8.424   4.797   -6.894  1.00 11.39 ? 1197 ASP A O   1 
ATOM   725 C  CB  . ASP A 1 91  ? 11.427  3.873   -5.727  1.00 16.83 ? 1197 ASP A CB  1 
ATOM   726 C  CG  . ASP A 1 91  ? 12.854  4.331   -5.987  1.00 20.98 ? 1197 ASP A CG  1 
ATOM   727 O  OD1 . ASP A 1 91  ? 13.054  5.490   -6.369  1.00 24.90 ? 1197 ASP A OD1 1 
ATOM   728 O  OD2 . ASP A 1 91  ? 13.782  3.504   -5.835  1.00 25.82 ? 1197 ASP A OD2 1 
ATOM   729 N  N   . VAL A 1 92  ? 8.419   3.808   -4.889  1.00 10.14 ? 1198 VAL A N   1 
ATOM   730 C  CA  . VAL A 1 92  ? 7.117   3.267   -5.130  1.00 9.75  ? 1198 VAL A CA  1 
ATOM   731 C  C   . VAL A 1 92  ? 6.044   4.373   -5.181  1.00 8.96  ? 1198 VAL A C   1 
ATOM   732 O  O   . VAL A 1 92  ? 5.105   4.303   -5.954  1.00 9.16  ? 1198 VAL A O   1 
ATOM   733 C  CB  . VAL A 1 92  ? 6.773   2.166   -4.101  1.00 10.09 ? 1198 VAL A CB  1 
ATOM   734 C  CG1 . VAL A 1 92  ? 6.511   2.738   -2.724  1.00 9.99  ? 1198 VAL A CG1 1 
ATOM   735 C  CG2 . VAL A 1 92  ? 5.560   1.387   -4.594  1.00 10.19 ? 1198 VAL A CG2 1 
ATOM   736 N  N   . LYS A 1 93  ? 6.144   5.386   -4.311  1.00 8.09  ? 1199 LYS A N   1 
ATOM   737 C  CA  . LYS A 1 93  ? 5.176   6.504   -4.366  1.00 8.06  ? 1199 LYS A CA  1 
ATOM   738 C  C   . LYS A 1 93  ? 5.276   7.222   -5.690  1.00 7.77  ? 1199 LYS A C   1 
ATOM   739 O  O   . LYS A 1 93  ? 4.263   7.568   -6.312  1.00 7.70  ? 1199 LYS A O   1 
ATOM   740 C  CB  . LYS A 1 93  ? 5.367   7.484   -3.220  1.00 8.08  ? 1199 LYS A CB  1 
ATOM   741 C  CG  . LYS A 1 93  ? 4.929   6.899   -1.880  1.00 8.74  ? 1199 LYS A CG  1 
ATOM   742 C  CD  . LYS A 1 93  ? 5.007   7.886   -0.749  1.00 9.01  ? 1199 LYS A CD  1 
ATOM   743 C  CE  . LYS A 1 93  ? 4.524   7.307   0.556   1.00 10.08 ? 1199 LYS A CE  1 
ATOM   744 N  NZ  . LYS A 1 93  ? 4.490   8.422   1.562   1.00 10.67 ? 1199 LYS A NZ  1 
ATOM   745 N  N   . ASN A 1 94  ? 6.506   7.382   -6.180  1.00 7.61  ? 1200 ASN A N   1 
ATOM   746 C  CA  . ASN A 1 94  ? 6.682   8.044   -7.469  1.00 8.32  ? 1200 ASN A CA  1 
ATOM   747 C  C   . ASN A 1 94  ? 6.061   7.276   -8.652  1.00 8.50  ? 1200 ASN A C   1 
ATOM   748 O  O   . ASN A 1 94  ? 5.431   7.898   -9.523  1.00 8.90  ? 1200 ASN A O   1 
ATOM   749 C  CB  . ASN A 1 94  ? 8.152   8.309   -7.750  1.00 8.58  ? 1200 ASN A CB  1 
ATOM   750 C  CG  . ASN A 1 94  ? 8.722   9.430   -6.906  1.00 9.15  ? 1200 ASN A CG  1 
ATOM   751 O  OD1 . ASN A 1 94  ? 8.020   10.323  -6.408  1.00 10.07 ? 1200 ASN A OD1 1 
ATOM   752 N  ND2 . ASN A 1 94  ? 10.055  9.431   -6.791  1.00 10.45 ? 1200 ASN A ND2 1 
ATOM   753 N  N   . ILE A 1 95  ? 6.231   5.955   -8.677  1.00 8.27  ? 1201 ILE A N   1 
ATOM   754 C  CA  . ILE A 1 95  ? 5.625   5.123   -9.724  1.00 8.87  ? 1201 ILE A CA  1 
ATOM   755 C  C   . ILE A 1 95  ? 4.109   5.217   -9.656  1.00 8.67  ? 1201 ILE A C   1 
ATOM   756 O  O   . ILE A 1 95  ? 3.425   5.398   -10.676 1.00 8.65  ? 1201 ILE A O   1 
ATOM   757 C  CB  . ILE A 1 95  ? 6.108   3.660   -9.619  1.00 9.89  ? 1201 ILE A CB  1 
ATOM   758 C  CG1 . ILE A 1 95  ? 7.587   3.558   -10.020 1.00 11.60 ? 1201 ILE A CG1 1 
ATOM   759 C  CG2 . ILE A 1 95  ? 5.244   2.715   -10.435 1.00 10.34 ? 1201 ILE A CG2 1 
ATOM   760 C  CD1 . ILE A 1 95  ? 7.972   4.107   -11.380 1.00 13.14 ? 1201 ILE A CD1 1 
ATOM   761 N  N   . ALA A 1 96  ? 3.570   5.117   -8.436  1.00 7.82  ? 1202 ALA A N   1 
ATOM   762 C  CA  . ALA A 1 96  ? 2.120   5.254   -8.263  1.00 7.96  ? 1202 ALA A CA  1 
ATOM   763 C  C   . ALA A 1 96  ? 1.632   6.654   -8.672  1.00 8.48  ? 1202 ALA A C   1 
ATOM   764 O  O   . ALA A 1 96  ? 0.643   6.801   -9.391  1.00 8.05  ? 1202 ALA A O   1 
ATOM   765 C  CB  . ALA A 1 96  ? 1.738   4.969   -6.826  1.00 8.18  ? 1202 ALA A CB  1 
ATOM   766 N  N   . HIS A 1 97  ? 2.334   7.700   -8.214  1.00 8.39  ? 1203 HIS A N   1 
ATOM   767 C  CA  . HIS A 1 97  ? 2.001   9.079   -8.611  1.00 9.41  ? 1203 HIS A CA  1 
ATOM   768 C  C   . HIS A 1 97  ? 2.004   9.289   -10.130 1.00 9.63  ? 1203 HIS A C   1 
ATOM   769 O  O   . HIS A 1 97  ? 1.139   9.980   -10.696 1.00 8.92  ? 1203 HIS A O   1 
ATOM   770 C  CB  . HIS A 1 97  ? 3.060   10.016  -8.033  1.00 9.60  ? 1203 HIS A CB  1 
ATOM   771 C  CG  . HIS A 1 97  ? 2.678   11.449  -8.109  1.00 10.89 ? 1203 HIS A CG  1 
ATOM   772 N  ND1 . HIS A 1 97  ? 2.070   12.111  -7.065  1.00 12.99 ? 1203 HIS A ND1 1 
ATOM   773 C  CD2 . HIS A 1 97  ? 2.768   12.329  -9.128  1.00 11.75 ? 1203 HIS A CD2 1 
ATOM   774 C  CE1 . HIS A 1 97  ? 1.823   13.351  -7.435  1.00 13.91 ? 1203 HIS A CE1 1 
ATOM   775 N  NE2 . HIS A 1 97  ? 2.260   13.506  -8.669  1.00 13.20 ? 1203 HIS A NE2 1 
ATOM   776 N  N   . GLN A 1 98  ? 3.019   8.735   -10.787 1.00 10.26 ? 1204 GLN A N   1 
ATOM   777 C  CA  . GLN A 1 98  ? 3.112   8.829   -12.274 1.00 11.03 ? 1204 GLN A CA  1 
ATOM   778 C  C   . GLN A 1 98  ? 1.911   8.139   -12.951 1.00 10.98 ? 1204 GLN A C   1 
ATOM   779 O  O   . GLN A 1 98  ? 1.331   8.656   -13.913 1.00 11.50 ? 1204 GLN A O   1 
ATOM   780 C  CB  . GLN A 1 98  ? 4.431   8.246   -12.735 1.00 12.84 ? 1204 GLN A CB  1 
ATOM   781 C  CG  . GLN A 1 98  ? 5.630   9.144   -12.396 1.00 14.94 ? 1204 GLN A CG  1 
ATOM   782 C  CD  . GLN A 1 98  ? 6.972   8.415   -12.232 1.00 17.29 ? 1204 GLN A CD  1 
ATOM   783 O  OE1 . GLN A 1 98  ? 7.165   7.297   -12.703 1.00 19.33 ? 1204 GLN A OE1 1 
ATOM   784 N  NE2 . GLN A 1 98  ? 7.923   9.075   -11.554 1.00 18.24 ? 1204 GLN A NE2 1 
ATOM   785 N  N   . ASN A 1 99  ? 1.532   6.978   -12.431 1.00 10.29 ? 1205 ASN A N   1 
ATOM   786 C  CA  . ASN A 1 99  ? 0.406   6.237   -12.981 1.00 9.82  ? 1205 ASN A CA  1 
ATOM   787 C  C   . ASN A 1 99  ? -0.896  6.978   -12.721 1.00 9.73  ? 1205 ASN A C   1 
ATOM   788 O  O   . ASN A 1 99  ? -1.756  7.050   -13.602 1.00 10.44 ? 1205 ASN A O   1 
ATOM   789 C  CB  . ASN A 1 99  ? 0.343   4.801   -12.430 1.00 9.64  ? 1205 ASN A CB  1 
ATOM   790 C  CG  . ASN A 1 99  ? -0.782  3.996   -13.049 1.00 10.14 ? 1205 ASN A CG  1 
ATOM   791 O  OD1 . ASN A 1 99  ? -1.786  3.727   -12.419 1.00 10.27 ? 1205 ASN A OD1 1 
ATOM   792 N  ND2 . ASN A 1 99  ? -0.624  3.642   -14.325 1.00 10.60 ? 1205 ASN A ND2 1 
ATOM   793 N  N   . LYS A 1 100 ? -1.024  7.540   -11.530 1.00 9.42  ? 1206 LYS A N   1 
ATOM   794 C  CA  . LYS A 1 100 ? -2.274  8.177   -11.102 1.00 9.35  ? 1206 LYS A CA  1 
ATOM   795 C  C   . LYS A 1 100 ? -2.521  9.480   -11.866 1.00 10.72 ? 1206 LYS A C   1 
ATOM   796 O  O   . LYS A 1 100 ? -3.638  9.746   -12.333 1.00 10.24 ? 1206 LYS A O   1 
ATOM   797 C  CB  . LYS A 1 100 ? -2.266  8.468   -9.610  1.00 8.48  ? 1206 LYS A CB  1 
ATOM   798 C  CG  . LYS A 1 100 ? -3.642  8.917   -9.048  1.00 8.11  ? 1206 LYS A CG  1 
ATOM   799 C  CD  . LYS A 1 100 ? -3.680  8.898   -7.541  1.00 8.26  ? 1206 LYS A CD  1 
ATOM   800 C  CE  . LYS A 1 100 ? -4.989  9.445   -6.957  1.00 8.15  ? 1206 LYS A CE  1 
ATOM   801 N  NZ  . LYS A 1 100 ? -6.146  8.501   -6.969  1.00 8.47  ? 1206 LYS A NZ  1 
ATOM   802 N  N   . PHE A 1 101 ? -1.497  10.313  -11.921 1.00 12.48 ? 1207 PHE A N   1 
ATOM   803 C  CA  . PHE A 1 101 ? -1.623  11.682  -12.472 1.00 14.82 ? 1207 PHE A CA  1 
ATOM   804 C  C   . PHE A 1 101 ? -1.153  11.850  -13.919 1.00 18.34 ? 1207 PHE A C   1 
ATOM   805 O  O   . PHE A 1 101 ? -1.262  12.967  -14.472 1.00 21.43 ? 1207 PHE A O   1 
ATOM   806 C  CB  . PHE A 1 101 ? -0.965  12.661  -11.488 1.00 14.55 ? 1207 PHE A CB  1 
ATOM   807 C  CG  . PHE A 1 101 ? -1.632  12.668  -10.124 1.00 14.57 ? 1207 PHE A CG  1 
ATOM   808 C  CD1 . PHE A 1 101 ? -2.902  13.210  -9.952  1.00 15.18 ? 1207 PHE A CD1 1 
ATOM   809 C  CD2 . PHE A 1 101 ? -1.013  12.097  -9.007  1.00 15.33 ? 1207 PHE A CD2 1 
ATOM   810 C  CE1 . PHE A 1 101 ? -3.517  13.193  -8.710  1.00 14.63 ? 1207 PHE A CE1 1 
ATOM   811 C  CE2 . PHE A 1 101 ? -1.628  12.067  -7.770  1.00 15.73 ? 1207 PHE A CE2 1 
ATOM   812 C  CZ  . PHE A 1 101 ? -2.896  12.591  -7.619  1.00 15.55 ? 1207 PHE A CZ  1 
ATOM   813 N  N   . GLY A 1 102 ? -0.703  10.762  -14.559 1.00 20.49 ? 1208 GLY A N   1 
ATOM   814 C  CA  . GLY A 1 102 ? -0.461  10.720  -16.015 1.00 20.05 ? 1208 GLY A CA  1 
HETATM 815 ZN ZN  . ZN  B 2 .   ? 1.032   -8.546  0.940   1.00 6.14  ? 1301 ZN  A ZN  1 
HETATM 816 ZN ZN  . ZN  C 2 .   ? -12.524 -5.634  -1.085  1.00 6.17  ? 1302 ZN  A ZN  1 
HETATM 817 ZN ZN  . ZN  D 2 .   ? 5.963   -0.365  11.243  1.00 6.06  ? 1303 ZN  A ZN  1 
HETATM 818 C  C4  . 6T7 E 3 .   ? -7.405  -0.638  12.505  1.00 19.83 ? 1304 6T7 A C4  1 
HETATM 819 C  C5  . 6T7 E 3 .   ? -6.068  2.052   9.570   1.00 15.08 ? 1304 6T7 A C5  1 
HETATM 820 C  C6  . 6T7 E 3 .   ? -5.238  3.910   7.647   1.00 14.89 ? 1304 6T7 A C6  1 
HETATM 821 N  N1  . 6T7 E 3 .   ? -5.819  1.579   8.367   1.00 14.54 ? 1304 6T7 A N1  1 
HETATM 822 C  C7  . 6T7 E 3 .   ? -5.537  4.324   8.960   1.00 14.17 ? 1304 6T7 A C7  1 
HETATM 823 C  C8  . 6T7 E 3 .   ? -5.925  3.448   9.892   1.00 14.59 ? 1304 6T7 A C8  1 
HETATM 824 N  N2  . 6T7 E 3 .   ? -5.403  2.513   7.416   1.00 14.27 ? 1304 6T7 A N2  1 
HETATM 825 C  C9  . 6T7 E 3 .   ? -5.199  2.029   6.046   1.00 14.14 ? 1304 6T7 A C9  1 
HETATM 826 C  C10 . 6T7 E 3 .   ? -5.345  0.535   5.876   1.00 12.65 ? 1304 6T7 A C10 1 
HETATM 827 C  C11 . 6T7 E 3 .   ? -6.760  0.038   5.757   1.00 11.37 ? 1304 6T7 A C11 1 
HETATM 828 O  O1  . 6T7 E 3 .   ? -7.004  -1.119  5.931   1.00 10.37 ? 1304 6T7 A O1  1 
HETATM 829 O  O2  . 6T7 E 3 .   ? -7.674  0.934   5.507   1.00 10.67 ? 1304 6T7 A O2  1 
HETATM 830 O  O   . 6T7 E 3 .   ? -4.878  4.633   6.746   1.00 15.48 ? 1304 6T7 A O   1 
HETATM 831 C  C2  . 6T7 E 3 .   ? -6.562  1.079   10.563  1.00 17.21 ? 1304 6T7 A C2  1 
HETATM 832 C  C1  . 6T7 E 3 .   ? -6.246  -0.269  10.476  1.00 17.84 ? 1304 6T7 A C1  1 
HETATM 833 C  C3  . 6T7 E 3 .   ? -7.310  1.489   11.660  1.00 18.76 ? 1304 6T7 A C3  1 
HETATM 834 N  N   . 6T7 E 3 .   ? -7.712  0.660   12.628  1.00 20.06 ? 1304 6T7 A N   1 
HETATM 835 C  C   . 6T7 E 3 .   ? -6.691  -1.147  11.446  1.00 19.98 ? 1304 6T7 A C   1 
HETATM 836 X  UNK . UNX F 4 .   ? -17.871 -0.504  4.850   1.00 8.89  ? 1305 UNX A UNK 1 
HETATM 837 X  UNK . UNX G 4 .   ? -12.961 -12.871 -5.636  1.00 19.26 ? 1306 UNX A UNK 1 
HETATM 838 X  UNK . UNX H 4 .   ? -19.201 -0.315  2.915   1.00 16.54 ? 1307 UNX A UNK 1 
HETATM 839 X  UNK . UNX I 4 .   ? 6.105   -8.080  -13.101 1.00 13.63 ? 1308 UNX A UNK 1 
HETATM 840 X  UNK . UNX J 4 .   ? 15.059  0.171   6.567   1.00 17.96 ? 1309 UNX A UNK 1 
HETATM 841 X  UNK . UNX K 4 .   ? 2.186   15.164  -9.891  1.00 3.97  ? 1310 UNX A UNK 1 
HETATM 842 X  UNK . UNX L 4 .   ? -15.224 5.834   -2.915  1.00 21.63 ? 1311 UNX A UNK 1 
HETATM 843 X  UNK . UNX M 4 .   ? -13.056 7.139   -2.244  1.00 21.50 ? 1312 UNX A UNK 1 
HETATM 844 X  UNK . UNX N 4 .   ? -5.370  2.834   -16.642 1.00 15.84 ? 1313 UNX A UNK 1 
HETATM 845 X  UNK . UNX O 4 .   ? -19.179 -2.052  1.054   1.00 18.23 ? 1314 UNX A UNK 1 
HETATM 846 X  UNK . UNX P 4 .   ? -7.827  -11.676 1.190   1.00 25.93 ? 1315 UNX A UNK 1 
HETATM 847 X  UNK . UNX Q 4 .   ? 5.346   -9.901  -14.765 1.00 24.41 ? 1316 UNX A UNK 1 
HETATM 848 X  UNK . UNX R 4 .   ? -5.503  -11.525 1.428   1.00 17.45 ? 1317 UNX A UNK 1 
HETATM 849 X  UNK . UNX S 4 .   ? 2.490   14.379  -12.260 1.00 26.55 ? 1318 UNX A UNK 1 
HETATM 850 X  UNK . UNX T 4 .   ? 1.355   10.135  4.978   1.00 11.37 ? 1319 UNX A UNK 1 
HETATM 851 O  O   . HOH U 5 .   ? -12.629 -12.425 1.867   1.00 30.14 ? 1401 HOH A O   1 
HETATM 852 O  O   . HOH U 5 .   ? 6.055   5.598   -14.321 1.00 20.46 ? 1402 HOH A O   1 
HETATM 853 O  O   . HOH U 5 .   ? 2.122   8.965   13.883  1.00 26.66 ? 1403 HOH A O   1 
HETATM 854 O  O   . HOH U 5 .   ? -6.882  4.183   -0.566  1.00 16.11 ? 1404 HOH A O   1 
HETATM 855 O  O   . HOH U 5 .   ? -14.805 -3.427  -10.521 1.00 11.41 ? 1405 HOH A O   1 
HETATM 856 O  O   . HOH U 5 .   ? 3.440   3.972   16.421  1.00 26.29 ? 1406 HOH A O   1 
HETATM 857 O  O   . HOH U 5 .   ? -8.367  9.484   -5.916  1.00 17.81 ? 1407 HOH A O   1 
HETATM 858 O  O   . HOH U 5 .   ? -9.267  4.676   10.589  1.00 16.39 ? 1408 HOH A O   1 
HETATM 859 O  O   . HOH U 5 .   ? -8.750  -2.823  4.815   1.00 6.23  ? 1409 HOH A O   1 
HETATM 860 O  O   . HOH U 5 .   ? 1.701   -11.185 -5.079  1.00 13.17 ? 1410 HOH A O   1 
HETATM 861 O  O   . HOH U 5 .   ? 12.699  0.619   -0.963  1.00 23.17 ? 1411 HOH A O   1 
HETATM 862 O  O   . HOH U 5 .   ? -10.536 -8.293  -8.415  1.00 17.66 ? 1412 HOH A O   1 
HETATM 863 O  O   . HOH U 5 .   ? 3.017   8.083   4.044   1.00 5.05  ? 1413 HOH A O   1 
HETATM 864 O  O   . HOH U 5 .   ? -0.827  -7.234  13.413  1.00 10.54 ? 1414 HOH A O   1 
HETATM 865 O  O   . HOH U 5 .   ? -1.561  7.174   -16.293 1.00 22.62 ? 1415 HOH A O   1 
HETATM 866 O  O   . HOH U 5 .   ? -7.812  1.160   -7.280  1.00 8.68  ? 1416 HOH A O   1 
HETATM 867 O  O   . HOH U 5 .   ? 2.167   -4.821  -10.116 1.00 16.18 ? 1417 HOH A O   1 
HETATM 868 O  O   . HOH U 5 .   ? -4.580  0.521   14.234  1.00 28.96 ? 1418 HOH A O   1 
HETATM 869 O  O   . HOH U 5 .   ? -4.050  3.095   -14.307 1.00 27.42 ? 1419 HOH A O   1 
HETATM 870 O  O   . HOH U 5 .   ? 2.901   -14.508 4.826   1.00 25.34 ? 1420 HOH A O   1 
HETATM 871 O  O   . HOH U 5 .   ? -4.348  10.667  -14.797 1.00 10.07 ? 1421 HOH A O   1 
HETATM 872 O  O   . HOH U 5 .   ? -18.195 -7.974  -4.674  1.00 18.07 ? 1422 HOH A O   1 
HETATM 873 O  O   . HOH U 5 .   ? -5.007  12.400  -4.081  1.00 33.64 ? 1423 HOH A O   1 
HETATM 874 O  O   . HOH U 5 .   ? -13.693 -3.023  7.275   1.00 27.36 ? 1424 HOH A O   1 
HETATM 875 O  O   . HOH U 5 .   ? -18.605 -4.848  4.410   1.00 22.19 ? 1425 HOH A O   1 
HETATM 876 O  O   . HOH U 5 .   ? -15.908 -10.385 -0.905  1.00 32.42 ? 1426 HOH A O   1 
HETATM 877 O  O   . HOH U 5 .   ? -1.345  -2.238  -8.944  1.00 6.55  ? 1427 HOH A O   1 
HETATM 878 O  O   . HOH U 5 .   ? 6.367   -0.864  -16.076 1.00 23.19 ? 1428 HOH A O   1 
HETATM 879 O  O   . HOH U 5 .   ? 13.062  -2.620  1.979   1.00 25.37 ? 1429 HOH A O   1 
HETATM 880 O  O   . HOH U 5 .   ? 4.438   -4.392  3.426   1.00 7.80  ? 1430 HOH A O   1 
HETATM 881 O  O   . HOH U 5 .   ? 3.965   4.524   -13.260 1.00 11.34 ? 1431 HOH A O   1 
HETATM 882 O  O   . HOH U 5 .   ? -6.564  -6.947  -7.655  1.00 8.90  ? 1432 HOH A O   1 
HETATM 883 O  O   . HOH U 5 .   ? -1.988  -16.632 3.938   1.00 33.37 ? 1433 HOH A O   1 
HETATM 884 O  O   . HOH U 5 .   ? -11.105 -6.716  7.757   1.00 20.58 ? 1434 HOH A O   1 
HETATM 885 O  O   . HOH U 5 .   ? -0.066  0.433   -14.823 1.00 21.84 ? 1435 HOH A O   1 
HETATM 886 O  O   . HOH U 5 .   ? 0.457   -4.092  -7.980  1.00 11.98 ? 1436 HOH A O   1 
HETATM 887 O  O   . HOH U 5 .   ? -8.123  4.667   -8.593  1.00 10.46 ? 1437 HOH A O   1 
HETATM 888 O  O   . HOH U 5 .   ? 12.880  -0.979  8.915   1.00 7.51  ? 1438 HOH A O   1 
HETATM 889 O  O   . HOH U 5 .   ? 5.745   -13.119 2.907   1.00 20.65 ? 1439 HOH A O   1 
HETATM 890 O  O   . HOH U 5 .   ? 6.668   -6.549  14.234  1.00 16.85 ? 1440 HOH A O   1 
HETATM 891 O  O   . HOH U 5 .   ? 9.987   2.343   -2.921  1.00 12.67 ? 1441 HOH A O   1 
HETATM 892 O  O   . HOH U 5 .   ? -16.089 -7.343  4.883   1.00 26.72 ? 1442 HOH A O   1 
HETATM 893 O  O   . HOH U 5 .   ? -6.328  -7.968  10.408  1.00 20.23 ? 1443 HOH A O   1 
HETATM 894 O  O   . HOH U 5 .   ? 9.582   -7.599  -11.705 1.00 16.36 ? 1444 HOH A O   1 
HETATM 895 O  O   . HOH U 5 .   ? -11.816 5.480   -4.303  1.00 22.69 ? 1445 HOH A O   1 
HETATM 896 O  O   . HOH U 5 .   ? -1.477  -7.074  -8.187  1.00 19.65 ? 1446 HOH A O   1 
HETATM 897 O  O   . HOH U 5 .   ? 12.967  4.865   -2.885  1.00 14.95 ? 1447 HOH A O   1 
HETATM 898 O  O   . HOH U 5 .   ? -6.878  7.102   -9.336  1.00 9.62  ? 1448 HOH A O   1 
HETATM 899 O  O   . HOH U 5 .   ? -16.414 -0.674  6.888   1.00 17.54 ? 1449 HOH A O   1 
HETATM 900 O  O   . HOH U 5 .   ? 4.780   -11.421 7.243   1.00 17.01 ? 1450 HOH A O   1 
HETATM 901 O  O   . HOH U 5 .   ? 13.161  -8.053  5.477   1.00 18.61 ? 1451 HOH A O   1 
HETATM 902 O  O   . HOH U 5 .   ? -11.417 2.642   3.170   1.00 11.44 ? 1452 HOH A O   1 
HETATM 903 O  O   . HOH U 5 .   ? 10.312  5.297   -8.990  1.00 24.06 ? 1453 HOH A O   1 
HETATM 904 O  O   . HOH U 5 .   ? 0.911   11.949  -0.908  1.00 24.94 ? 1454 HOH A O   1 
HETATM 905 O  O   . HOH U 5 .   ? 1.464   -0.298  17.792  1.00 29.97 ? 1455 HOH A O   1 
HETATM 906 O  O   . HOH U 5 .   ? 2.747   10.657  1.076   1.00 15.70 ? 1456 HOH A O   1 
HETATM 907 O  O   . HOH U 5 .   ? -4.292  5.687   -13.674 1.00 10.34 ? 1457 HOH A O   1 
HETATM 908 O  O   . HOH U 5 .   ? 10.177  -5.968  10.770  1.00 10.35 ? 1458 HOH A O   1 
HETATM 909 O  O   . HOH U 5 .   ? -8.992  3.694   2.741   1.00 25.59 ? 1459 HOH A O   1 
HETATM 910 O  O   . HOH U 5 .   ? -7.575  -1.350  -13.719 1.00 16.91 ? 1460 HOH A O   1 
HETATM 911 O  O   . HOH U 5 .   ? 12.998  -3.723  -1.727  1.00 17.85 ? 1461 HOH A O   1 
HETATM 912 O  O   . HOH U 5 .   ? 16.946  6.054   7.985   1.00 17.96 ? 1462 HOH A O   1 
HETATM 913 O  O   . HOH U 5 .   ? -10.274 2.793   -9.069  1.00 15.00 ? 1463 HOH A O   1 
HETATM 914 O  O   . HOH U 5 .   ? 16.147  9.169   -3.185  1.00 22.64 ? 1464 HOH A O   1 
HETATM 915 O  O   . HOH U 5 .   ? 14.016  -2.888  10.801  1.00 19.42 ? 1465 HOH A O   1 
HETATM 916 O  O   . HOH U 5 .   ? -4.547  -8.170  -6.085  1.00 7.80  ? 1466 HOH A O   1 
HETATM 917 O  O   . HOH U 5 .   ? -1.626  7.078   13.796  1.00 34.22 ? 1467 HOH A O   1 
HETATM 918 O  O   . HOH U 5 .   ? 11.695  7.372   -8.183  1.00 24.50 ? 1468 HOH A O   1 
HETATM 919 O  O   . HOH U 5 .   ? 11.266  -5.907  -10.522 1.00 16.65 ? 1469 HOH A O   1 
HETATM 920 O  O   . HOH U 5 .   ? -9.205  2.717   -5.392  1.00 9.35  ? 1470 HOH A O   1 
HETATM 921 O  O   . HOH U 5 .   ? 14.427  9.033   4.806   1.00 15.75 ? 1471 HOH A O   1 
HETATM 922 O  O   . HOH U 5 .   ? -5.985  7.954   9.759   1.00 22.94 ? 1472 HOH A O   1 
HETATM 923 O  O   . HOH U 5 .   ? 0.444   8.400   11.825  1.00 14.03 ? 1473 HOH A O   1 
HETATM 924 O  O   . HOH U 5 .   ? -3.296  -0.955  12.249  1.00 21.18 ? 1474 HOH A O   1 
HETATM 925 O  O   . HOH U 5 .   ? -0.857  -5.858  4.395   1.00 26.86 ? 1475 HOH A O   1 
HETATM 926 O  O   . HOH U 5 .   ? -8.460  -14.124 5.354   1.00 24.48 ? 1476 HOH A O   1 
HETATM 927 O  O   . HOH U 5 .   ? 1.872   -8.872  -7.425  1.00 19.99 ? 1477 HOH A O   1 
HETATM 928 O  O   . HOH U 5 .   ? -18.256 1.728   -7.110  1.00 22.46 ? 1478 HOH A O   1 
HETATM 929 O  O   . HOH U 5 .   ? 12.030  -1.498  -6.870  1.00 24.45 ? 1479 HOH A O   1 
HETATM 930 O  O   . HOH U 5 .   ? 3.739   1.738   -13.346 1.00 14.53 ? 1480 HOH A O   1 
HETATM 931 O  O   . HOH U 5 .   ? -5.425  -10.602 -5.125  1.00 20.67 ? 1481 HOH A O   1 
HETATM 932 O  O   . HOH U 5 .   ? 2.010   4.652   -15.527 1.00 21.04 ? 1482 HOH A O   1 
HETATM 933 O  O   . HOH U 5 .   ? -18.969 -3.121  -1.674  1.00 29.09 ? 1483 HOH A O   1 
HETATM 934 O  O   . HOH U 5 .   ? -6.497  7.015   2.030   1.00 22.27 ? 1484 HOH A O   1 
HETATM 935 O  O   . HOH U 5 .   ? 8.141   -0.623  -12.143 1.00 30.99 ? 1485 HOH A O   1 
HETATM 936 O  O   . HOH U 5 .   ? 14.386  2.499   -2.954  1.00 27.41 ? 1486 HOH A O   1 
HETATM 937 O  O   . HOH U 5 .   ? 2.114   -13.444 -3.313  1.00 31.59 ? 1487 HOH A O   1 
HETATM 938 O  O   . HOH U 5 .   ? -16.958 -0.815  -7.584  1.00 14.35 ? 1488 HOH A O   1 
HETATM 939 O  O   . HOH U 5 .   ? 2.525   0.481   -15.752 1.00 28.61 ? 1489 HOH A O   1 
HETATM 940 O  O   A HOH U 5 .   ? 11.902  -1.300  -2.758  0.50 15.61 ? 1490 HOH A O   1 
HETATM 941 O  O   B HOH U 5 .   ? 10.230  -0.700  -3.366  0.50 17.00 ? 1490 HOH A O   1 
HETATM 942 O  O   . HOH U 5 .   ? -8.456  5.515   -5.942  1.00 26.50 ? 1491 HOH A O   1 
HETATM 943 O  O   . HOH U 5 .   ? 0.804   12.789  -3.957  1.00 21.48 ? 1492 HOH A O   1 
HETATM 944 O  O   . HOH U 5 .   ? -19.162 -2.444  5.643   1.00 21.66 ? 1493 HOH A O   1 
HETATM 945 O  O   . HOH U 5 .   ? -17.026 -8.133  0.228   1.00 18.87 ? 1494 HOH A O   1 
HETATM 946 O  O   . HOH U 5 .   ? 4.424   -3.685  16.377  1.00 23.36 ? 1495 HOH A O   1 
HETATM 947 O  O   . HOH U 5 .   ? -17.053 -10.740 -3.456  1.00 32.39 ? 1496 HOH A O   1 
HETATM 948 O  O   . HOH U 5 .   ? -0.365  10.935  11.086  1.00 23.61 ? 1497 HOH A O   1 
HETATM 949 O  O   . HOH U 5 .   ? -19.297 1.173   5.753   1.00 20.37 ? 1498 HOH A O   1 
HETATM 950 O  O   . HOH U 5 .   ? -2.975  -9.264  -7.859  1.00 22.23 ? 1499 HOH A O   1 
HETATM 951 O  O   . HOH U 5 .   ? 9.530   12.305  -12.686 1.00 34.33 ? 1500 HOH A O   1 
HETATM 952 O  O   . HOH U 5 .   ? 5.758   -1.394  15.974  1.00 11.95 ? 1501 HOH A O   1 
HETATM 953 O  O   . HOH U 5 .   ? 6.526   0.988   -13.830 1.00 20.25 ? 1502 HOH A O   1 
HETATM 954 O  O   . HOH U 5 .   ? -3.655  9.113   -16.926 1.00 25.72 ? 1503 HOH A O   1 
HETATM 955 O  O   . HOH U 5 .   ? 1.462   -14.484 2.278   1.00 26.44 ? 1504 HOH A O   1 
HETATM 956 O  O   . HOH U 5 .   ? -17.565 -2.869  7.559   1.00 24.21 ? 1505 HOH A O   1 
HETATM 957 O  O   . HOH U 5 .   ? -14.094 5.695   -5.950  1.00 27.32 ? 1506 HOH A O   1 
HETATM 958 O  O   . HOH U 5 .   ? -7.855  -8.375  -9.520  1.00 19.05 ? 1507 HOH A O   1 
HETATM 959 O  O   . HOH U 5 .   ? -8.012  -0.754  -16.770 1.00 21.55 ? 1508 HOH A O   1 
HETATM 960 O  O   . HOH U 5 .   ? -21.860 -3.005  1.216   1.00 31.70 ? 1509 HOH A O   1 
HETATM 961 O  O   A HOH U 5 .   ? 6.277   13.260  -11.491 0.50 13.24 ? 1510 HOH A O   1 
HETATM 962 O  O   B HOH U 5 .   ? 7.095   11.496  -9.816  0.50 15.80 ? 1510 HOH A O   1 
HETATM 963 O  O   . HOH U 5 .   ? -0.732  11.979  8.577   1.00 27.35 ? 1511 HOH A O   1 
HETATM 964 O  O   . HOH U 5 .   ? 2.553   7.290   15.949  1.00 28.36 ? 1512 HOH A O   1 
HETATM 965 O  O   . HOH U 5 .   ? 2.941   -7.272  -11.433 1.00 25.29 ? 1513 HOH A O   1 
HETATM 966 O  O   . HOH U 5 .   ? 15.331  -4.522  -1.915  1.00 30.09 ? 1514 HOH A O   1 
HETATM 967 O  O   . HOH U 5 .   ? 3.724   -8.959  -9.168  1.00 23.10 ? 1515 HOH A O   1 
# 
loop_
_pdbx_poly_seq_scheme.asym_id 
_pdbx_poly_seq_scheme.entity_id 
_pdbx_poly_seq_scheme.seq_id 
_pdbx_poly_seq_scheme.mon_id 
_pdbx_poly_seq_scheme.ndb_seq_num 
_pdbx_poly_seq_scheme.pdb_seq_num 
_pdbx_poly_seq_scheme.auth_seq_num 
_pdbx_poly_seq_scheme.pdb_mon_id 
_pdbx_poly_seq_scheme.auth_mon_id 
_pdbx_poly_seq_scheme.pdb_strand_id 
_pdbx_poly_seq_scheme.pdb_ins_code 
_pdbx_poly_seq_scheme.hetero 
A 1 1   GLY 1   1107 ?    ?   ?   A . n 
A 1 2   SER 2   1108 1108 SER SER A . n 
A 1 3   PRO 3   1109 1109 PRO PRO A . n 
A 1 4   LEU 4   1110 1110 LEU LEU A . n 
A 1 5   PRO 5   1111 1111 PRO PRO A . n 
A 1 6   TRP 6   1112 1112 TRP TRP A . n 
A 1 7   CYS 7   1113 1113 CYS CYS A . n 
A 1 8   PRO 8   1114 1114 PRO PRO A . n 
A 1 9   HIS 9   1115 1115 HIS HIS A . n 
A 1 10  LEU 10  1116 1116 LEU LEU A . n 
A 1 11  VAL 11  1117 1117 VAL VAL A . n 
A 1 12  ALA 12  1118 1118 ALA ALA A . n 
A 1 13  VAL 13  1119 1119 VAL VAL A . n 
A 1 14  CYS 14  1120 1120 CYS CYS A . n 
A 1 15  PRO 15  1121 1121 PRO PRO A . n 
A 1 16  ILE 16  1122 1122 ILE ILE A . n 
A 1 17  PRO 17  1123 1123 PRO PRO A . n 
A 1 18  ALA 18  1124 1124 ALA ALA A . n 
A 1 19  ALA 19  1125 1125 ALA ALA A . n 
A 1 20  GLY 20  1126 1126 GLY GLY A . n 
A 1 21  LEU 21  1127 1127 LEU LEU A . n 
A 1 22  ASP 22  1128 1128 ASP ASP A . n 
A 1 23  VAL 23  1129 1129 VAL VAL A . n 
A 1 24  THR 24  1130 1130 THR THR A . n 
A 1 25  GLN 25  1131 1131 GLN GLN A . n 
A 1 26  PRO 26  1132 1132 PRO PRO A . n 
A 1 27  CYS 27  1133 1133 CYS CYS A . n 
A 1 28  GLY 28  1134 1134 GLY GLY A . n 
A 1 29  ASP 29  1135 1135 ASP ASP A . n 
A 1 30  CYS 30  1136 1136 CYS CYS A . n 
A 1 31  GLY 31  1137 1137 GLY GLY A . n 
A 1 32  THR 32  1138 1138 THR THR A . n 
A 1 33  ILE 33  1139 1139 ILE ILE A . n 
A 1 34  GLN 34  1140 1140 GLN GLN A . n 
A 1 35  GLU 35  1141 1141 GLU GLU A . n 
A 1 36  ASN 36  1142 1142 ASN ASN A . n 
A 1 37  TRP 37  1143 1143 TRP TRP A . n 
A 1 38  VAL 38  1144 1144 VAL VAL A . n 
A 1 39  CYS 39  1145 1145 CYS CYS A . n 
A 1 40  LEU 40  1146 1146 LEU LEU A . n 
A 1 41  SER 41  1147 1147 SER SER A . n 
A 1 42  CYS 42  1148 1148 CYS CYS A . n 
A 1 43  TYR 43  1149 1149 TYR TYR A . n 
A 1 44  GLN 44  1150 1150 GLN GLN A . n 
A 1 45  VAL 45  1151 1151 VAL VAL A . n 
A 1 46  TYR 46  1152 1152 TYR TYR A . n 
A 1 47  CYS 47  1153 1153 CYS CYS A . n 
A 1 48  GLY 48  1154 1154 GLY GLY A . n 
A 1 49  ARG 49  1155 1155 ARG ARG A . n 
A 1 50  TYR 50  1156 1156 TYR TYR A . n 
A 1 51  ILE 51  1157 1157 ILE ILE A . n 
A 1 52  ASN 52  1158 1158 ASN ASN A . n 
A 1 53  GLY 53  1159 1159 GLY GLY A . n 
A 1 54  HIS 54  1160 1160 HIS HIS A . n 
A 1 55  MET 55  1161 1161 MET MET A . n 
A 1 56  LEU 56  1162 1162 LEU LEU A . n 
A 1 57  GLN 57  1163 1163 GLN GLN A . n 
A 1 58  HIS 58  1164 1164 HIS HIS A . n 
A 1 59  HIS 59  1165 1165 HIS HIS A . n 
A 1 60  GLY 60  1166 1166 GLY GLY A . n 
A 1 61  ASN 61  1167 1167 ASN ASN A . n 
A 1 62  SER 62  1168 1168 SER SER A . n 
A 1 63  GLY 63  1169 1169 GLY GLY A . n 
A 1 64  HIS 64  1170 1170 HIS HIS A . n 
A 1 65  PRO 65  1171 1171 PRO PRO A . n 
A 1 66  LEU 66  1172 1172 LEU LEU A . n 
A 1 67  VAL 67  1173 1173 VAL VAL A . n 
A 1 68  LEU 68  1174 1174 LEU LEU A . n 
A 1 69  SER 69  1175 1175 SER SER A . n 
A 1 70  TYR 70  1176 1176 TYR TYR A . n 
A 1 71  ILE 71  1177 1177 ILE ILE A . n 
A 1 72  ASP 72  1178 1178 ASP ASP A . n 
A 1 73  LEU 73  1179 1179 LEU LEU A . n 
A 1 74  SER 74  1180 1180 SER SER A . n 
A 1 75  ALA 75  1181 1181 ALA ALA A . n 
A 1 76  TRP 76  1182 1182 TRP TRP A . n 
A 1 77  CYS 77  1183 1183 CYS CYS A . n 
A 1 78  TYR 78  1184 1184 TYR TYR A . n 
A 1 79  TYR 79  1185 1185 TYR TYR A . n 
A 1 80  CYS 80  1186 1186 CYS CYS A . n 
A 1 81  GLN 81  1187 1187 GLN GLN A . n 
A 1 82  ALA 82  1188 1188 ALA ALA A . n 
A 1 83  TYR 83  1189 1189 TYR TYR A . n 
A 1 84  VAL 84  1190 1190 VAL VAL A . n 
A 1 85  HIS 85  1191 1191 HIS HIS A . n 
A 1 86  HIS 86  1192 1192 HIS HIS A . n 
A 1 87  GLN 87  1193 1193 GLN GLN A . n 
A 1 88  ALA 88  1194 1194 ALA ALA A . n 
A 1 89  LEU 89  1195 1195 LEU LEU A . n 
A 1 90  LEU 90  1196 1196 LEU LEU A . n 
A 1 91  ASP 91  1197 1197 ASP ASP A . n 
A 1 92  VAL 92  1198 1198 VAL VAL A . n 
A 1 93  LYS 93  1199 1199 LYS LYS A . n 
A 1 94  ASN 94  1200 1200 ASN ASN A . n 
A 1 95  ILE 95  1201 1201 ILE ILE A . n 
A 1 96  ALA 96  1202 1202 ALA ALA A . n 
A 1 97  HIS 97  1203 1203 HIS HIS A . n 
A 1 98  GLN 98  1204 1204 GLN GLN A . n 
A 1 99  ASN 99  1205 1205 ASN ASN A . n 
A 1 100 LYS 100 1206 1206 LYS LYS A . n 
A 1 101 PHE 101 1207 1207 PHE PHE A . n 
A 1 102 GLY 102 1208 1208 GLY GLY A . n 
A 1 103 GLU 103 1209 ?    ?   ?   A . n 
A 1 104 ASP 104 1210 ?    ?   ?   A . n 
A 1 105 MET 105 1211 ?    ?   ?   A . n 
A 1 106 PRO 106 1212 ?    ?   ?   A . n 
A 1 107 HIS 107 1213 ?    ?   ?   A . n 
# 
_pdbx_SG_project.id                    1 
_pdbx_SG_project.project_name          ? 
_pdbx_SG_project.full_name_of_center   'Structural Genomics Consortium' 
_pdbx_SG_project.initial_of_center     SGC 
# 
loop_
_pdbx_nonpoly_scheme.asym_id 
_pdbx_nonpoly_scheme.entity_id 
_pdbx_nonpoly_scheme.mon_id 
_pdbx_nonpoly_scheme.ndb_seq_num 
_pdbx_nonpoly_scheme.pdb_seq_num 
_pdbx_nonpoly_scheme.auth_seq_num 
_pdbx_nonpoly_scheme.pdb_mon_id 
_pdbx_nonpoly_scheme.auth_mon_id 
_pdbx_nonpoly_scheme.pdb_strand_id 
_pdbx_nonpoly_scheme.pdb_ins_code 
B 2 ZN  1   1301 1301 ZN  ZN  A . 
C 2 ZN  1   1302 1302 ZN  ZN  A . 
D 2 ZN  1   1303 1303 ZN  ZN  A . 
E 3 6T7 1   1304 1    6T7 XXX A . 
F 4 UNX 1   1305 1    UNX UNX A . 
G 4 UNX 1   1306 2    UNX UNX A . 
H 4 UNX 1   1307 3    UNX UNX A . 
I 4 UNX 1   1308 4    UNX UNX A . 
J 4 UNX 1   1309 5    UNX UNX A . 
K 4 UNX 1   1310 6    UNX UNX A . 
L 4 UNX 1   1311 8    UNX UNX A . 
M 4 UNX 1   1312 9    UNX UNX A . 
N 4 UNX 1   1313 10   UNX UNX A . 
O 4 UNX 1   1314 12   UNX UNX A . 
P 4 UNX 1   1315 13   UNX UNX A . 
Q 4 UNX 1   1316 14   UNX UNX A . 
R 4 UNX 1   1317 15   UNX UNX A . 
S 4 UNX 1   1318 16   UNX UNX A . 
T 4 UNX 1   1319 18   UNX UNX A . 
U 5 HOH 1   1401 92   HOH HOH A . 
U 5 HOH 2   1402 51   HOH HOH A . 
U 5 HOH 3   1403 80   HOH HOH A . 
U 5 HOH 4   1404 54   HOH HOH A . 
U 5 HOH 5   1405 19   HOH HOH A . 
U 5 HOH 6   1406 115  HOH HOH A . 
U 5 HOH 7   1407 41   HOH HOH A . 
U 5 HOH 8   1408 36   HOH HOH A . 
U 5 HOH 9   1409 2    HOH HOH A . 
U 5 HOH 10  1410 49   HOH HOH A . 
U 5 HOH 11  1411 26   HOH HOH A . 
U 5 HOH 12  1412 37   HOH HOH A . 
U 5 HOH 13  1413 5    HOH HOH A . 
U 5 HOH 14  1414 15   HOH HOH A . 
U 5 HOH 15  1415 105  HOH HOH A . 
U 5 HOH 16  1416 6    HOH HOH A . 
U 5 HOH 17  1417 25   HOH HOH A . 
U 5 HOH 18  1418 61   HOH HOH A . 
U 5 HOH 19  1419 120  HOH HOH A . 
U 5 HOH 20  1420 109  HOH HOH A . 
U 5 HOH 21  1421 11   HOH HOH A . 
U 5 HOH 22  1422 58   HOH HOH A . 
U 5 HOH 23  1423 112  HOH HOH A . 
U 5 HOH 24  1424 118  HOH HOH A . 
U 5 HOH 25  1425 100  HOH HOH A . 
U 5 HOH 26  1426 93   HOH HOH A . 
U 5 HOH 27  1427 7    HOH HOH A . 
U 5 HOH 28  1428 91   HOH HOH A . 
U 5 HOH 29  1429 124  HOH HOH A . 
U 5 HOH 30  1430 1    HOH HOH A . 
U 5 HOH 31  1431 14   HOH HOH A . 
U 5 HOH 32  1432 3    HOH HOH A . 
U 5 HOH 33  1433 107  HOH HOH A . 
U 5 HOH 34  1434 60   HOH HOH A . 
U 5 HOH 35  1435 75   HOH HOH A . 
U 5 HOH 36  1436 30   HOH HOH A . 
U 5 HOH 37  1437 48   HOH HOH A . 
U 5 HOH 38  1438 13   HOH HOH A . 
U 5 HOH 39  1439 57   HOH HOH A . 
U 5 HOH 40  1440 44   HOH HOH A . 
U 5 HOH 41  1441 20   HOH HOH A . 
U 5 HOH 42  1442 79   HOH HOH A . 
U 5 HOH 43  1443 46   HOH HOH A . 
U 5 HOH 44  1444 27   HOH HOH A . 
U 5 HOH 45  1445 62   HOH HOH A . 
U 5 HOH 46  1446 63   HOH HOH A . 
U 5 HOH 47  1447 9    HOH HOH A . 
U 5 HOH 48  1448 8    HOH HOH A . 
U 5 HOH 49  1449 38   HOH HOH A . 
U 5 HOH 50  1450 39   HOH HOH A . 
U 5 HOH 51  1451 55   HOH HOH A . 
U 5 HOH 52  1452 16   HOH HOH A . 
U 5 HOH 53  1453 117  HOH HOH A . 
U 5 HOH 54  1454 98   HOH HOH A . 
U 5 HOH 55  1455 113  HOH HOH A . 
U 5 HOH 56  1456 22   HOH HOH A . 
U 5 HOH 57  1457 33   HOH HOH A . 
U 5 HOH 58  1458 4    HOH HOH A . 
U 5 HOH 59  1459 122  HOH HOH A . 
U 5 HOH 60  1460 65   HOH HOH A . 
U 5 HOH 61  1461 40   HOH HOH A . 
U 5 HOH 62  1462 34   HOH HOH A . 
U 5 HOH 63  1463 32   HOH HOH A . 
U 5 HOH 64  1464 125  HOH HOH A . 
U 5 HOH 65  1465 66   HOH HOH A . 
U 5 HOH 66  1466 10   HOH HOH A . 
U 5 HOH 67  1467 83   HOH HOH A . 
U 5 HOH 68  1468 116  HOH HOH A . 
U 5 HOH 69  1469 24   HOH HOH A . 
U 5 HOH 70  1470 28   HOH HOH A . 
U 5 HOH 71  1471 31   HOH HOH A . 
U 5 HOH 72  1472 74   HOH HOH A . 
U 5 HOH 73  1473 17   HOH HOH A . 
U 5 HOH 74  1474 56   HOH HOH A . 
U 5 HOH 75  1475 106  HOH HOH A . 
U 5 HOH 76  1476 103  HOH HOH A . 
U 5 HOH 77  1477 47   HOH HOH A . 
U 5 HOH 78  1478 87   HOH HOH A . 
U 5 HOH 79  1479 68   HOH HOH A . 
U 5 HOH 80  1480 21   HOH HOH A . 
U 5 HOH 81  1481 71   HOH HOH A . 
U 5 HOH 82  1482 53   HOH HOH A . 
U 5 HOH 83  1483 102  HOH HOH A . 
U 5 HOH 84  1484 111  HOH HOH A . 
U 5 HOH 85  1485 90   HOH HOH A . 
U 5 HOH 86  1486 89   HOH HOH A . 
U 5 HOH 87  1487 121  HOH HOH A . 
U 5 HOH 88  1488 50   HOH HOH A . 
U 5 HOH 89  1489 59   HOH HOH A . 
U 5 HOH 90  1490 88   HOH HOH A . 
U 5 HOH 91  1491 110  HOH HOH A . 
U 5 HOH 92  1492 45   HOH HOH A . 
U 5 HOH 93  1493 119  HOH HOH A . 
U 5 HOH 94  1494 67   HOH HOH A . 
U 5 HOH 95  1495 69   HOH HOH A . 
U 5 HOH 96  1496 94   HOH HOH A . 
U 5 HOH 97  1497 77   HOH HOH A . 
U 5 HOH 98  1498 99   HOH HOH A . 
U 5 HOH 99  1499 97   HOH HOH A . 
U 5 HOH 100 1500 84   HOH HOH A . 
U 5 HOH 101 1501 18   HOH HOH A . 
U 5 HOH 102 1502 73   HOH HOH A . 
U 5 HOH 103 1503 104  HOH HOH A . 
U 5 HOH 104 1504 108  HOH HOH A . 
U 5 HOH 105 1505 101  HOH HOH A . 
U 5 HOH 106 1506 95   HOH HOH A . 
U 5 HOH 107 1507 43   HOH HOH A . 
U 5 HOH 108 1508 114  HOH HOH A . 
U 5 HOH 109 1509 86   HOH HOH A . 
U 5 HOH 110 1510 78   HOH HOH A . 
U 5 HOH 111 1511 85   HOH HOH A . 
U 5 HOH 112 1512 81   HOH HOH A . 
U 5 HOH 113 1513 123  HOH HOH A . 
U 5 HOH 114 1514 82   HOH HOH A . 
U 5 HOH 115 1515 76   HOH HOH A . 
# 
_pdbx_struct_assembly.id                   1 
_pdbx_struct_assembly.details              author_and_software_defined_assembly 
_pdbx_struct_assembly.method_details       PISA 
_pdbx_struct_assembly.oligomeric_details   monomeric 
_pdbx_struct_assembly.oligomeric_count     1 
# 
_pdbx_struct_assembly_gen.assembly_id       1 
_pdbx_struct_assembly_gen.oper_expression   1 
_pdbx_struct_assembly_gen.asym_id_list      A,B,C,D,E,F,G,H,I,J,K,L,M,N,O,P,Q,R,S,T,U 
# 
loop_
_pdbx_struct_assembly_prop.biol_id 
_pdbx_struct_assembly_prop.type 
_pdbx_struct_assembly_prop.value 
_pdbx_struct_assembly_prop.details 
1 'ABSA (A^2)' 0    ? 
1 MORE         0    ? 
1 'SSA (A^2)'  6010 ? 
# 
_pdbx_struct_oper_list.id                   1 
_pdbx_struct_oper_list.type                 'identity operation' 
_pdbx_struct_oper_list.name                 1_555 
_pdbx_struct_oper_list.symmetry_operation   x,y,z 
_pdbx_struct_oper_list.matrix[1][1]         1.0000000000 
_pdbx_struct_oper_list.matrix[1][2]         0.0000000000 
_pdbx_struct_oper_list.matrix[1][3]         0.0000000000 
_pdbx_struct_oper_list.vector[1]            0.0000000000 
_pdbx_struct_oper_list.matrix[2][1]         0.0000000000 
_pdbx_struct_oper_list.matrix[2][2]         1.0000000000 
_pdbx_struct_oper_list.matrix[2][3]         0.0000000000 
_pdbx_struct_oper_list.vector[2]            0.0000000000 
_pdbx_struct_oper_list.matrix[3][1]         0.0000000000 
_pdbx_struct_oper_list.matrix[3][2]         0.0000000000 
_pdbx_struct_oper_list.matrix[3][3]         1.0000000000 
_pdbx_struct_oper_list.vector[3]            0.0000000000 
# 
loop_
_pdbx_struct_conn_angle.id 
_pdbx_struct_conn_angle.ptnr1_label_atom_id 
_pdbx_struct_conn_angle.ptnr1_label_alt_id 
_pdbx_struct_conn_angle.ptnr1_label_asym_id 
_pdbx_struct_conn_angle.ptnr1_label_comp_id 
_pdbx_struct_conn_angle.ptnr1_label_seq_id 
_pdbx_struct_conn_angle.ptnr1_auth_atom_id 
_pdbx_struct_conn_angle.ptnr1_auth_asym_id 
_pdbx_struct_conn_angle.ptnr1_auth_comp_id 
_pdbx_struct_conn_angle.ptnr1_auth_seq_id 
_pdbx_struct_conn_angle.ptnr1_PDB_ins_code 
_pdbx_struct_conn_angle.ptnr1_symmetry 
_pdbx_struct_conn_angle.ptnr2_label_atom_id 
_pdbx_struct_conn_angle.ptnr2_label_alt_id 
_pdbx_struct_conn_angle.ptnr2_label_asym_id 
_pdbx_struct_conn_angle.ptnr2_label_comp_id 
_pdbx_struct_conn_angle.ptnr2_label_seq_id 
_pdbx_struct_conn_angle.ptnr2_auth_atom_id 
_pdbx_struct_conn_angle.ptnr2_auth_asym_id 
_pdbx_struct_conn_angle.ptnr2_auth_comp_id 
_pdbx_struct_conn_angle.ptnr2_auth_seq_id 
_pdbx_struct_conn_angle.ptnr2_PDB_ins_code 
_pdbx_struct_conn_angle.ptnr2_symmetry 
_pdbx_struct_conn_angle.ptnr3_label_atom_id 
_pdbx_struct_conn_angle.ptnr3_label_alt_id 
_pdbx_struct_conn_angle.ptnr3_label_asym_id 
_pdbx_struct_conn_angle.ptnr3_label_comp_id 
_pdbx_struct_conn_angle.ptnr3_label_seq_id 
_pdbx_struct_conn_angle.ptnr3_auth_atom_id 
_pdbx_struct_conn_angle.ptnr3_auth_asym_id 
_pdbx_struct_conn_angle.ptnr3_auth_comp_id 
_pdbx_struct_conn_angle.ptnr3_auth_seq_id 
_pdbx_struct_conn_angle.ptnr3_PDB_ins_code 
_pdbx_struct_conn_angle.ptnr3_symmetry 
_pdbx_struct_conn_angle.value 
_pdbx_struct_conn_angle.value_esd 
1  SG  ? A CYS 7  ? A CYS 1113 ? 1_555 ZN ? D ZN . ? A ZN 1303 ? 1_555 ND1 ? A HIS 9  ? A HIS 1115 ? 1_555 109.7 ? 
2  SG  ? A CYS 7  ? A CYS 1113 ? 1_555 ZN ? D ZN . ? A ZN 1303 ? 1_555 SG  ? A CYS 77 ? A CYS 1183 ? 1_555 115.6 ? 
3  ND1 ? A HIS 9  ? A HIS 1115 ? 1_555 ZN ? D ZN . ? A ZN 1303 ? 1_555 SG  ? A CYS 77 ? A CYS 1183 ? 1_555 98.4  ? 
4  SG  ? A CYS 7  ? A CYS 1113 ? 1_555 ZN ? D ZN . ? A ZN 1303 ? 1_555 SG  ? A CYS 80 ? A CYS 1186 ? 1_555 113.7 ? 
5  ND1 ? A HIS 9  ? A HIS 1115 ? 1_555 ZN ? D ZN . ? A ZN 1303 ? 1_555 SG  ? A CYS 80 ? A CYS 1186 ? 1_555 104.3 ? 
6  SG  ? A CYS 77 ? A CYS 1183 ? 1_555 ZN ? D ZN . ? A ZN 1303 ? 1_555 SG  ? A CYS 80 ? A CYS 1186 ? 1_555 113.2 ? 
7  SG  ? A CYS 27 ? A CYS 1133 ? 1_555 ZN ? C ZN . ? A ZN 1302 ? 1_555 SG  ? A CYS 30 ? A CYS 1136 ? 1_555 109.1 ? 
8  SG  ? A CYS 27 ? A CYS 1133 ? 1_555 ZN ? C ZN . ? A ZN 1302 ? 1_555 SG  ? A CYS 47 ? A CYS 1153 ? 1_555 112.7 ? 
9  SG  ? A CYS 30 ? A CYS 1136 ? 1_555 ZN ? C ZN . ? A ZN 1302 ? 1_555 SG  ? A CYS 47 ? A CYS 1153 ? 1_555 115.5 ? 
10 SG  ? A CYS 27 ? A CYS 1133 ? 1_555 ZN ? C ZN . ? A ZN 1302 ? 1_555 ND1 ? A HIS 54 ? A HIS 1160 ? 1_555 106.0 ? 
11 SG  ? A CYS 30 ? A CYS 1136 ? 1_555 ZN ? C ZN . ? A ZN 1302 ? 1_555 ND1 ? A HIS 54 ? A HIS 1160 ? 1_555 112.6 ? 
12 SG  ? A CYS 47 ? A CYS 1153 ? 1_555 ZN ? C ZN . ? A ZN 1302 ? 1_555 ND1 ? A HIS 54 ? A HIS 1160 ? 1_555 100.3 ? 
13 SG  ? A CYS 39 ? A CYS 1145 ? 1_555 ZN ? B ZN . ? A ZN 1301 ? 1_555 SG  ? A CYS 42 ? A CYS 1148 ? 1_555 116.3 ? 
14 SG  ? A CYS 39 ? A CYS 1145 ? 1_555 ZN ? B ZN . ? A ZN 1301 ? 1_555 NE2 ? A HIS 58 ? A HIS 1164 ? 1_555 111.6 ? 
15 SG  ? A CYS 42 ? A CYS 1148 ? 1_555 ZN ? B ZN . ? A ZN 1301 ? 1_555 NE2 ? A HIS 58 ? A HIS 1164 ? 1_555 100.5 ? 
16 SG  ? A CYS 39 ? A CYS 1145 ? 1_555 ZN ? B ZN . ? A ZN 1301 ? 1_555 ND1 ? A HIS 64 ? A HIS 1170 ? 1_555 108.9 ? 
17 SG  ? A CYS 42 ? A CYS 1148 ? 1_555 ZN ? B ZN . ? A ZN 1301 ? 1_555 ND1 ? A HIS 64 ? A HIS 1170 ? 1_555 109.2 ? 
18 NE2 ? A HIS 58 ? A HIS 1164 ? 1_555 ZN ? B ZN . ? A ZN 1301 ? 1_555 ND1 ? A HIS 64 ? A HIS 1170 ? 1_555 110.1 ? 
# 
loop_
_pdbx_audit_revision_history.ordinal 
_pdbx_audit_revision_history.data_content_type 
_pdbx_audit_revision_history.major_revision 
_pdbx_audit_revision_history.minor_revision 
_pdbx_audit_revision_history.revision_date 
1 'Structure model' 1 0 2016-07-27 
2 'Structure model' 1 1 2018-03-21 
3 'Structure model' 1 2 2019-02-27 
4 'Structure model' 1 3 2023-09-27 
# 
_pdbx_audit_revision_details.ordinal             1 
_pdbx_audit_revision_details.revision_ordinal    1 
_pdbx_audit_revision_details.data_content_type   'Structure model' 
_pdbx_audit_revision_details.provider            repository 
_pdbx_audit_revision_details.type                'Initial release' 
_pdbx_audit_revision_details.description         ? 
_pdbx_audit_revision_details.details             ? 
# 
loop_
_pdbx_audit_revision_group.ordinal 
_pdbx_audit_revision_group.revision_ordinal 
_pdbx_audit_revision_group.data_content_type 
_pdbx_audit_revision_group.group 
1 2 'Structure model' 'Database references'    
2 2 'Structure model' 'Derived calculations'   
3 3 'Structure model' 'Data collection'        
4 3 'Structure model' 'Database references'    
5 4 'Structure model' 'Data collection'        
6 4 'Structure model' 'Database references'    
7 4 'Structure model' 'Refinement description' 
# 
loop_
_pdbx_audit_revision_category.ordinal 
_pdbx_audit_revision_category.revision_ordinal 
_pdbx_audit_revision_category.data_content_type 
_pdbx_audit_revision_category.category 
1 2 'Structure model' citation                      
2 2 'Structure model' citation_author               
3 2 'Structure model' pdbx_struct_oper_list         
4 3 'Structure model' citation_author               
5 4 'Structure model' chem_comp_atom                
6 4 'Structure model' chem_comp_bond                
7 4 'Structure model' database_2                    
8 4 'Structure model' diffrn_radiation_wavelength   
9 4 'Structure model' pdbx_initial_refinement_model 
# 
loop_
_pdbx_audit_revision_item.ordinal 
_pdbx_audit_revision_item.revision_ordinal 
_pdbx_audit_revision_item.data_content_type 
_pdbx_audit_revision_item.item 
1  2 'Structure model' '_citation.country'                         
2  2 'Structure model' '_citation.journal_abbrev'                  
3  2 'Structure model' '_citation.journal_id_ASTM'                 
4  2 'Structure model' '_citation.journal_id_CSD'                  
5  2 'Structure model' '_citation.journal_id_ISSN'                 
6  2 'Structure model' '_citation.journal_volume'                  
7  2 'Structure model' '_citation.page_first'                      
8  2 'Structure model' '_citation.page_last'                       
9  2 'Structure model' '_citation.pdbx_database_id_DOI'            
10 2 'Structure model' '_citation.pdbx_database_id_PubMed'         
11 2 'Structure model' '_citation.title'                           
12 2 'Structure model' '_citation.year'                            
13 2 'Structure model' '_pdbx_struct_oper_list.symmetry_operation' 
14 3 'Structure model' '_citation_author.identifier_ORCID'         
15 4 'Structure model' '_database_2.pdbx_DOI'                      
16 4 'Structure model' '_database_2.pdbx_database_accession'       
# 
loop_
_software.citation_id 
_software.classification 
_software.compiler_name 
_software.compiler_version 
_software.contact_author 
_software.contact_author_email 
_software.date 
_software.description 
_software.dependencies 
_software.hardware 
_software.language 
_software.location 
_software.mods 
_software.name 
_software.os 
_software.os_version 
_software.type 
_software.version 
_software.pdbx_ordinal 
? refinement        ? ? ? ? ? ? ? ? ? ? ? REFMAC      ? ? ? 5.8.0151 1 
? 'data scaling'    ? ? ? ? ? ? ? ? ? ? ? Aimless     ? ? ? 0.5.25   2 
? 'data extraction' ? ? ? ? ? ? ? ? ? ? ? PDB_EXTRACT ? ? ? 3.20     3 
? 'data reduction'  ? ? ? ? ? ? ? ? ? ? ? XDS         ? ? ? .        4 
# 
_pdbx_validate_close_contact.id               1 
_pdbx_validate_close_contact.PDB_model_num    1 
_pdbx_validate_close_contact.auth_atom_id_1   NE2 
_pdbx_validate_close_contact.auth_asym_id_1   A 
_pdbx_validate_close_contact.auth_comp_id_1   HIS 
_pdbx_validate_close_contact.auth_seq_id_1    1203 
_pdbx_validate_close_contact.PDB_ins_code_1   ? 
_pdbx_validate_close_contact.label_alt_id_1   ? 
_pdbx_validate_close_contact.auth_atom_id_2   UNK 
_pdbx_validate_close_contact.auth_asym_id_2   A 
_pdbx_validate_close_contact.auth_comp_id_2   UNX 
_pdbx_validate_close_contact.auth_seq_id_2    1310 
_pdbx_validate_close_contact.PDB_ins_code_2   ? 
_pdbx_validate_close_contact.label_alt_id_2   ? 
_pdbx_validate_close_contact.dist             2.06 
# 
_pdbx_validate_symm_contact.id                1 
_pdbx_validate_symm_contact.PDB_model_num     1 
_pdbx_validate_symm_contact.auth_atom_id_1    N 
_pdbx_validate_symm_contact.auth_asym_id_1    A 
_pdbx_validate_symm_contact.auth_comp_id_1    6T7 
_pdbx_validate_symm_contact.auth_seq_id_1     1304 
_pdbx_validate_symm_contact.PDB_ins_code_1    ? 
_pdbx_validate_symm_contact.label_alt_id_1    ? 
_pdbx_validate_symm_contact.site_symmetry_1   1_555 
_pdbx_validate_symm_contact.auth_atom_id_2    UNK 
_pdbx_validate_symm_contact.auth_asym_id_2    A 
_pdbx_validate_symm_contact.auth_comp_id_2    UNX 
_pdbx_validate_symm_contact.auth_seq_id_2     1310 
_pdbx_validate_symm_contact.PDB_ins_code_2    ? 
_pdbx_validate_symm_contact.label_alt_id_2    ? 
_pdbx_validate_symm_contact.site_symmetry_2   3_555 
_pdbx_validate_symm_contact.dist              2.04 
# 
loop_
_pdbx_validate_torsion.id 
_pdbx_validate_torsion.PDB_model_num 
_pdbx_validate_torsion.auth_comp_id 
_pdbx_validate_torsion.auth_asym_id 
_pdbx_validate_torsion.auth_seq_id 
_pdbx_validate_torsion.PDB_ins_code 
_pdbx_validate_torsion.label_alt_id 
_pdbx_validate_torsion.phi 
_pdbx_validate_torsion.psi 
1 1 ASP A 1135 ? A -96.23 -65.85  
2 1 ILE A 1157 ? ? -98.26 -100.91 
# 
loop_
_pdbx_unobs_or_zero_occ_atoms.id 
_pdbx_unobs_or_zero_occ_atoms.PDB_model_num 
_pdbx_unobs_or_zero_occ_atoms.polymer_flag 
_pdbx_unobs_or_zero_occ_atoms.occupancy_flag 
_pdbx_unobs_or_zero_occ_atoms.auth_asym_id 
_pdbx_unobs_or_zero_occ_atoms.auth_comp_id 
_pdbx_unobs_or_zero_occ_atoms.auth_seq_id 
_pdbx_unobs_or_zero_occ_atoms.PDB_ins_code 
_pdbx_unobs_or_zero_occ_atoms.auth_atom_id 
_pdbx_unobs_or_zero_occ_atoms.label_alt_id 
_pdbx_unobs_or_zero_occ_atoms.label_asym_id 
_pdbx_unobs_or_zero_occ_atoms.label_comp_id 
_pdbx_unobs_or_zero_occ_atoms.label_seq_id 
_pdbx_unobs_or_zero_occ_atoms.label_atom_id 
1 1 Y 1 A SER 1108 ? N   ? A SER 2   N   
2 1 Y 1 A SER 1108 ? CA  ? A SER 2   CA  
3 1 Y 1 A SER 1108 ? CB  ? A SER 2   CB  
4 1 Y 1 A SER 1108 ? OG  ? A SER 2   OG  
5 1 Y 1 A GLU 1141 ? CD  ? A GLU 35  CD  
6 1 Y 1 A GLU 1141 ? OE1 ? A GLU 35  OE1 
7 1 Y 1 A GLU 1141 ? OE2 ? A GLU 35  OE2 
8 1 Y 1 A GLY 1208 ? C   ? A GLY 102 C   
9 1 Y 1 A GLY 1208 ? O   ? A GLY 102 O   
# 
loop_
_pdbx_unobs_or_zero_occ_residues.id 
_pdbx_unobs_or_zero_occ_residues.PDB_model_num 
_pdbx_unobs_or_zero_occ_residues.polymer_flag 
_pdbx_unobs_or_zero_occ_residues.occupancy_flag 
_pdbx_unobs_or_zero_occ_residues.auth_asym_id 
_pdbx_unobs_or_zero_occ_residues.auth_comp_id 
_pdbx_unobs_or_zero_occ_residues.auth_seq_id 
_pdbx_unobs_or_zero_occ_residues.PDB_ins_code 
_pdbx_unobs_or_zero_occ_residues.label_asym_id 
_pdbx_unobs_or_zero_occ_residues.label_comp_id 
_pdbx_unobs_or_zero_occ_residues.label_seq_id 
1 1 Y 1 A GLY 1107 ? A GLY 1   
2 1 Y 1 A GLU 1209 ? A GLU 103 
3 1 Y 1 A ASP 1210 ? A ASP 104 
4 1 Y 1 A MET 1211 ? A MET 105 
5 1 Y 1 A PRO 1212 ? A PRO 106 
6 1 Y 1 A HIS 1213 ? A HIS 107 
# 
loop_
_chem_comp_atom.comp_id 
_chem_comp_atom.atom_id 
_chem_comp_atom.type_symbol 
_chem_comp_atom.pdbx_aromatic_flag 
_chem_comp_atom.pdbx_stereo_config 
_chem_comp_atom.pdbx_ordinal 
6T7 C4   C  Y N 1   
6T7 C5   C  N N 2   
6T7 C6   C  N N 3   
6T7 N1   N  N N 4   
6T7 C7   C  N N 5   
6T7 C8   C  N N 6   
6T7 N2   N  N N 7   
6T7 C9   C  N N 8   
6T7 C10  C  N N 9   
6T7 C11  C  N N 10  
6T7 O1   O  N N 11  
6T7 O2   O  N N 12  
6T7 O    O  N N 13  
6T7 C2   C  Y N 14  
6T7 C1   C  Y N 15  
6T7 C3   C  Y N 16  
6T7 N    N  Y N 17  
6T7 C    C  Y N 18  
6T7 H3   H  N N 19  
6T7 H4   H  N N 20  
6T7 H5   H  N N 21  
6T7 H7   H  N N 22  
6T7 H6   H  N N 23  
6T7 H9   H  N N 24  
6T7 H8   H  N N 25  
6T7 H10  H  N N 26  
6T7 H1   H  N N 27  
6T7 H2   H  N N 28  
6T7 H    H  N N 29  
ALA N    N  N N 30  
ALA CA   C  N S 31  
ALA C    C  N N 32  
ALA O    O  N N 33  
ALA CB   C  N N 34  
ALA OXT  O  N N 35  
ALA H    H  N N 36  
ALA H2   H  N N 37  
ALA HA   H  N N 38  
ALA HB1  H  N N 39  
ALA HB2  H  N N 40  
ALA HB3  H  N N 41  
ALA HXT  H  N N 42  
ARG N    N  N N 43  
ARG CA   C  N S 44  
ARG C    C  N N 45  
ARG O    O  N N 46  
ARG CB   C  N N 47  
ARG CG   C  N N 48  
ARG CD   C  N N 49  
ARG NE   N  N N 50  
ARG CZ   C  N N 51  
ARG NH1  N  N N 52  
ARG NH2  N  N N 53  
ARG OXT  O  N N 54  
ARG H    H  N N 55  
ARG H2   H  N N 56  
ARG HA   H  N N 57  
ARG HB2  H  N N 58  
ARG HB3  H  N N 59  
ARG HG2  H  N N 60  
ARG HG3  H  N N 61  
ARG HD2  H  N N 62  
ARG HD3  H  N N 63  
ARG HE   H  N N 64  
ARG HH11 H  N N 65  
ARG HH12 H  N N 66  
ARG HH21 H  N N 67  
ARG HH22 H  N N 68  
ARG HXT  H  N N 69  
ASN N    N  N N 70  
ASN CA   C  N S 71  
ASN C    C  N N 72  
ASN O    O  N N 73  
ASN CB   C  N N 74  
ASN CG   C  N N 75  
ASN OD1  O  N N 76  
ASN ND2  N  N N 77  
ASN OXT  O  N N 78  
ASN H    H  N N 79  
ASN H2   H  N N 80  
ASN HA   H  N N 81  
ASN HB2  H  N N 82  
ASN HB3  H  N N 83  
ASN HD21 H  N N 84  
ASN HD22 H  N N 85  
ASN HXT  H  N N 86  
ASP N    N  N N 87  
ASP CA   C  N S 88  
ASP C    C  N N 89  
ASP O    O  N N 90  
ASP CB   C  N N 91  
ASP CG   C  N N 92  
ASP OD1  O  N N 93  
ASP OD2  O  N N 94  
ASP OXT  O  N N 95  
ASP H    H  N N 96  
ASP H2   H  N N 97  
ASP HA   H  N N 98  
ASP HB2  H  N N 99  
ASP HB3  H  N N 100 
ASP HD2  H  N N 101 
ASP HXT  H  N N 102 
CYS N    N  N N 103 
CYS CA   C  N R 104 
CYS C    C  N N 105 
CYS O    O  N N 106 
CYS CB   C  N N 107 
CYS SG   S  N N 108 
CYS OXT  O  N N 109 
CYS H    H  N N 110 
CYS H2   H  N N 111 
CYS HA   H  N N 112 
CYS HB2  H  N N 113 
CYS HB3  H  N N 114 
CYS HG   H  N N 115 
CYS HXT  H  N N 116 
GLN N    N  N N 117 
GLN CA   C  N S 118 
GLN C    C  N N 119 
GLN O    O  N N 120 
GLN CB   C  N N 121 
GLN CG   C  N N 122 
GLN CD   C  N N 123 
GLN OE1  O  N N 124 
GLN NE2  N  N N 125 
GLN OXT  O  N N 126 
GLN H    H  N N 127 
GLN H2   H  N N 128 
GLN HA   H  N N 129 
GLN HB2  H  N N 130 
GLN HB3  H  N N 131 
GLN HG2  H  N N 132 
GLN HG3  H  N N 133 
GLN HE21 H  N N 134 
GLN HE22 H  N N 135 
GLN HXT  H  N N 136 
GLU N    N  N N 137 
GLU CA   C  N S 138 
GLU C    C  N N 139 
GLU O    O  N N 140 
GLU CB   C  N N 141 
GLU CG   C  N N 142 
GLU CD   C  N N 143 
GLU OE1  O  N N 144 
GLU OE2  O  N N 145 
GLU OXT  O  N N 146 
GLU H    H  N N 147 
GLU H2   H  N N 148 
GLU HA   H  N N 149 
GLU HB2  H  N N 150 
GLU HB3  H  N N 151 
GLU HG2  H  N N 152 
GLU HG3  H  N N 153 
GLU HE2  H  N N 154 
GLU HXT  H  N N 155 
GLY N    N  N N 156 
GLY CA   C  N N 157 
GLY C    C  N N 158 
GLY O    O  N N 159 
GLY OXT  O  N N 160 
GLY H    H  N N 161 
GLY H2   H  N N 162 
GLY HA2  H  N N 163 
GLY HA3  H  N N 164 
GLY HXT  H  N N 165 
HIS N    N  N N 166 
HIS CA   C  N S 167 
HIS C    C  N N 168 
HIS O    O  N N 169 
HIS CB   C  N N 170 
HIS CG   C  Y N 171 
HIS ND1  N  Y N 172 
HIS CD2  C  Y N 173 
HIS CE1  C  Y N 174 
HIS NE2  N  Y N 175 
HIS OXT  O  N N 176 
HIS H    H  N N 177 
HIS H2   H  N N 178 
HIS HA   H  N N 179 
HIS HB2  H  N N 180 
HIS HB3  H  N N 181 
HIS HD1  H  N N 182 
HIS HD2  H  N N 183 
HIS HE1  H  N N 184 
HIS HE2  H  N N 185 
HIS HXT  H  N N 186 
HOH O    O  N N 187 
HOH H1   H  N N 188 
HOH H2   H  N N 189 
ILE N    N  N N 190 
ILE CA   C  N S 191 
ILE C    C  N N 192 
ILE O    O  N N 193 
ILE CB   C  N S 194 
ILE CG1  C  N N 195 
ILE CG2  C  N N 196 
ILE CD1  C  N N 197 
ILE OXT  O  N N 198 
ILE H    H  N N 199 
ILE H2   H  N N 200 
ILE HA   H  N N 201 
ILE HB   H  N N 202 
ILE HG12 H  N N 203 
ILE HG13 H  N N 204 
ILE HG21 H  N N 205 
ILE HG22 H  N N 206 
ILE HG23 H  N N 207 
ILE HD11 H  N N 208 
ILE HD12 H  N N 209 
ILE HD13 H  N N 210 
ILE HXT  H  N N 211 
LEU N    N  N N 212 
LEU CA   C  N S 213 
LEU C    C  N N 214 
LEU O    O  N N 215 
LEU CB   C  N N 216 
LEU CG   C  N N 217 
LEU CD1  C  N N 218 
LEU CD2  C  N N 219 
LEU OXT  O  N N 220 
LEU H    H  N N 221 
LEU H2   H  N N 222 
LEU HA   H  N N 223 
LEU HB2  H  N N 224 
LEU HB3  H  N N 225 
LEU HG   H  N N 226 
LEU HD11 H  N N 227 
LEU HD12 H  N N 228 
LEU HD13 H  N N 229 
LEU HD21 H  N N 230 
LEU HD22 H  N N 231 
LEU HD23 H  N N 232 
LEU HXT  H  N N 233 
LYS N    N  N N 234 
LYS CA   C  N S 235 
LYS C    C  N N 236 
LYS O    O  N N 237 
LYS CB   C  N N 238 
LYS CG   C  N N 239 
LYS CD   C  N N 240 
LYS CE   C  N N 241 
LYS NZ   N  N N 242 
LYS OXT  O  N N 243 
LYS H    H  N N 244 
LYS H2   H  N N 245 
LYS HA   H  N N 246 
LYS HB2  H  N N 247 
LYS HB3  H  N N 248 
LYS HG2  H  N N 249 
LYS HG3  H  N N 250 
LYS HD2  H  N N 251 
LYS HD3  H  N N 252 
LYS HE2  H  N N 253 
LYS HE3  H  N N 254 
LYS HZ1  H  N N 255 
LYS HZ2  H  N N 256 
LYS HZ3  H  N N 257 
LYS HXT  H  N N 258 
MET N    N  N N 259 
MET CA   C  N S 260 
MET C    C  N N 261 
MET O    O  N N 262 
MET CB   C  N N 263 
MET CG   C  N N 264 
MET SD   S  N N 265 
MET CE   C  N N 266 
MET OXT  O  N N 267 
MET H    H  N N 268 
MET H2   H  N N 269 
MET HA   H  N N 270 
MET HB2  H  N N 271 
MET HB3  H  N N 272 
MET HG2  H  N N 273 
MET HG3  H  N N 274 
MET HE1  H  N N 275 
MET HE2  H  N N 276 
MET HE3  H  N N 277 
MET HXT  H  N N 278 
PHE N    N  N N 279 
PHE CA   C  N S 280 
PHE C    C  N N 281 
PHE O    O  N N 282 
PHE CB   C  N N 283 
PHE CG   C  Y N 284 
PHE CD1  C  Y N 285 
PHE CD2  C  Y N 286 
PHE CE1  C  Y N 287 
PHE CE2  C  Y N 288 
PHE CZ   C  Y N 289 
PHE OXT  O  N N 290 
PHE H    H  N N 291 
PHE H2   H  N N 292 
PHE HA   H  N N 293 
PHE HB2  H  N N 294 
PHE HB3  H  N N 295 
PHE HD1  H  N N 296 
PHE HD2  H  N N 297 
PHE HE1  H  N N 298 
PHE HE2  H  N N 299 
PHE HZ   H  N N 300 
PHE HXT  H  N N 301 
PRO N    N  N N 302 
PRO CA   C  N S 303 
PRO C    C  N N 304 
PRO O    O  N N 305 
PRO CB   C  N N 306 
PRO CG   C  N N 307 
PRO CD   C  N N 308 
PRO OXT  O  N N 309 
PRO H    H  N N 310 
PRO HA   H  N N 311 
PRO HB2  H  N N 312 
PRO HB3  H  N N 313 
PRO HG2  H  N N 314 
PRO HG3  H  N N 315 
PRO HD2  H  N N 316 
PRO HD3  H  N N 317 
PRO HXT  H  N N 318 
SER N    N  N N 319 
SER CA   C  N S 320 
SER C    C  N N 321 
SER O    O  N N 322 
SER CB   C  N N 323 
SER OG   O  N N 324 
SER OXT  O  N N 325 
SER H    H  N N 326 
SER H2   H  N N 327 
SER HA   H  N N 328 
SER HB2  H  N N 329 
SER HB3  H  N N 330 
SER HG   H  N N 331 
SER HXT  H  N N 332 
THR N    N  N N 333 
THR CA   C  N S 334 
THR C    C  N N 335 
THR O    O  N N 336 
THR CB   C  N R 337 
THR OG1  O  N N 338 
THR CG2  C  N N 339 
THR OXT  O  N N 340 
THR H    H  N N 341 
THR H2   H  N N 342 
THR HA   H  N N 343 
THR HB   H  N N 344 
THR HG1  H  N N 345 
THR HG21 H  N N 346 
THR HG22 H  N N 347 
THR HG23 H  N N 348 
THR HXT  H  N N 349 
TRP N    N  N N 350 
TRP CA   C  N S 351 
TRP C    C  N N 352 
TRP O    O  N N 353 
TRP CB   C  N N 354 
TRP CG   C  Y N 355 
TRP CD1  C  Y N 356 
TRP CD2  C  Y N 357 
TRP NE1  N  Y N 358 
TRP CE2  C  Y N 359 
TRP CE3  C  Y N 360 
TRP CZ2  C  Y N 361 
TRP CZ3  C  Y N 362 
TRP CH2  C  Y N 363 
TRP OXT  O  N N 364 
TRP H    H  N N 365 
TRP H2   H  N N 366 
TRP HA   H  N N 367 
TRP HB2  H  N N 368 
TRP HB3  H  N N 369 
TRP HD1  H  N N 370 
TRP HE1  H  N N 371 
TRP HE3  H  N N 372 
TRP HZ2  H  N N 373 
TRP HZ3  H  N N 374 
TRP HH2  H  N N 375 
TRP HXT  H  N N 376 
TYR N    N  N N 377 
TYR CA   C  N S 378 
TYR C    C  N N 379 
TYR O    O  N N 380 
TYR CB   C  N N 381 
TYR CG   C  Y N 382 
TYR CD1  C  Y N 383 
TYR CD2  C  Y N 384 
TYR CE1  C  Y N 385 
TYR CE2  C  Y N 386 
TYR CZ   C  Y N 387 
TYR OH   O  N N 388 
TYR OXT  O  N N 389 
TYR H    H  N N 390 
TYR H2   H  N N 391 
TYR HA   H  N N 392 
TYR HB2  H  N N 393 
TYR HB3  H  N N 394 
TYR HD1  H  N N 395 
TYR HD2  H  N N 396 
TYR HE1  H  N N 397 
TYR HE2  H  N N 398 
TYR HH   H  N N 399 
TYR HXT  H  N N 400 
VAL N    N  N N 401 
VAL CA   C  N S 402 
VAL C    C  N N 403 
VAL O    O  N N 404 
VAL CB   C  N N 405 
VAL CG1  C  N N 406 
VAL CG2  C  N N 407 
VAL OXT  O  N N 408 
VAL H    H  N N 409 
VAL H2   H  N N 410 
VAL HA   H  N N 411 
VAL HB   H  N N 412 
VAL HG11 H  N N 413 
VAL HG12 H  N N 414 
VAL HG13 H  N N 415 
VAL HG21 H  N N 416 
VAL HG22 H  N N 417 
VAL HG23 H  N N 418 
VAL HXT  H  N N 419 
ZN  ZN   ZN N N 420 
# 
loop_
_chem_comp_bond.comp_id 
_chem_comp_bond.atom_id_1 
_chem_comp_bond.atom_id_2 
_chem_comp_bond.value_order 
_chem_comp_bond.pdbx_aromatic_flag 
_chem_comp_bond.pdbx_stereo_config 
_chem_comp_bond.pdbx_ordinal 
6T7 C4  C    doub Y N 1   
6T7 C4  N    sing Y N 2   
6T7 C   C1   sing Y N 3   
6T7 N   C3   doub Y N 4   
6T7 C1  C2   doub Y N 5   
6T7 C3  C2   sing Y N 6   
6T7 C2  C5   sing N N 7   
6T7 C5  N1   doub N N 8   
6T7 C5  C8   sing N N 9   
6T7 N1  N2   sing N N 10  
6T7 C8  C7   doub N N 11  
6T7 O1  C11  doub N N 12  
6T7 C10 C11  sing N N 13  
6T7 C10 C9   sing N N 14  
6T7 N2  C9   sing N N 15  
6T7 N2  C6   sing N N 16  
6T7 C11 O2   sing N N 17  
6T7 C7  C6   sing N N 18  
6T7 C6  O    doub N N 19  
6T7 C4  H3   sing N N 20  
6T7 C7  H4   sing N N 21  
6T7 C8  H5   sing N N 22  
6T7 C9  H7   sing N N 23  
6T7 C9  H6   sing N N 24  
6T7 C10 H9   sing N N 25  
6T7 C10 H8   sing N N 26  
6T7 O2  H10  sing N N 27  
6T7 C1  H1   sing N N 28  
6T7 C3  H2   sing N N 29  
6T7 C   H    sing N N 30  
ALA N   CA   sing N N 31  
ALA N   H    sing N N 32  
ALA N   H2   sing N N 33  
ALA CA  C    sing N N 34  
ALA CA  CB   sing N N 35  
ALA CA  HA   sing N N 36  
ALA C   O    doub N N 37  
ALA C   OXT  sing N N 38  
ALA CB  HB1  sing N N 39  
ALA CB  HB2  sing N N 40  
ALA CB  HB3  sing N N 41  
ALA OXT HXT  sing N N 42  
ARG N   CA   sing N N 43  
ARG N   H    sing N N 44  
ARG N   H2   sing N N 45  
ARG CA  C    sing N N 46  
ARG CA  CB   sing N N 47  
ARG CA  HA   sing N N 48  
ARG C   O    doub N N 49  
ARG C   OXT  sing N N 50  
ARG CB  CG   sing N N 51  
ARG CB  HB2  sing N N 52  
ARG CB  HB3  sing N N 53  
ARG CG  CD   sing N N 54  
ARG CG  HG2  sing N N 55  
ARG CG  HG3  sing N N 56  
ARG CD  NE   sing N N 57  
ARG CD  HD2  sing N N 58  
ARG CD  HD3  sing N N 59  
ARG NE  CZ   sing N N 60  
ARG NE  HE   sing N N 61  
ARG CZ  NH1  sing N N 62  
ARG CZ  NH2  doub N N 63  
ARG NH1 HH11 sing N N 64  
ARG NH1 HH12 sing N N 65  
ARG NH2 HH21 sing N N 66  
ARG NH2 HH22 sing N N 67  
ARG OXT HXT  sing N N 68  
ASN N   CA   sing N N 69  
ASN N   H    sing N N 70  
ASN N   H2   sing N N 71  
ASN CA  C    sing N N 72  
ASN CA  CB   sing N N 73  
ASN CA  HA   sing N N 74  
ASN C   O    doub N N 75  
ASN C   OXT  sing N N 76  
ASN CB  CG   sing N N 77  
ASN CB  HB2  sing N N 78  
ASN CB  HB3  sing N N 79  
ASN CG  OD1  doub N N 80  
ASN CG  ND2  sing N N 81  
ASN ND2 HD21 sing N N 82  
ASN ND2 HD22 sing N N 83  
ASN OXT HXT  sing N N 84  
ASP N   CA   sing N N 85  
ASP N   H    sing N N 86  
ASP N   H2   sing N N 87  
ASP CA  C    sing N N 88  
ASP CA  CB   sing N N 89  
ASP CA  HA   sing N N 90  
ASP C   O    doub N N 91  
ASP C   OXT  sing N N 92  
ASP CB  CG   sing N N 93  
ASP CB  HB2  sing N N 94  
ASP CB  HB3  sing N N 95  
ASP CG  OD1  doub N N 96  
ASP CG  OD2  sing N N 97  
ASP OD2 HD2  sing N N 98  
ASP OXT HXT  sing N N 99  
CYS N   CA   sing N N 100 
CYS N   H    sing N N 101 
CYS N   H2   sing N N 102 
CYS CA  C    sing N N 103 
CYS CA  CB   sing N N 104 
CYS CA  HA   sing N N 105 
CYS C   O    doub N N 106 
CYS C   OXT  sing N N 107 
CYS CB  SG   sing N N 108 
CYS CB  HB2  sing N N 109 
CYS CB  HB3  sing N N 110 
CYS SG  HG   sing N N 111 
CYS OXT HXT  sing N N 112 
GLN N   CA   sing N N 113 
GLN N   H    sing N N 114 
GLN N   H2   sing N N 115 
GLN CA  C    sing N N 116 
GLN CA  CB   sing N N 117 
GLN CA  HA   sing N N 118 
GLN C   O    doub N N 119 
GLN C   OXT  sing N N 120 
GLN CB  CG   sing N N 121 
GLN CB  HB2  sing N N 122 
GLN CB  HB3  sing N N 123 
GLN CG  CD   sing N N 124 
GLN CG  HG2  sing N N 125 
GLN CG  HG3  sing N N 126 
GLN CD  OE1  doub N N 127 
GLN CD  NE2  sing N N 128 
GLN NE2 HE21 sing N N 129 
GLN NE2 HE22 sing N N 130 
GLN OXT HXT  sing N N 131 
GLU N   CA   sing N N 132 
GLU N   H    sing N N 133 
GLU N   H2   sing N N 134 
GLU CA  C    sing N N 135 
GLU CA  CB   sing N N 136 
GLU CA  HA   sing N N 137 
GLU C   O    doub N N 138 
GLU C   OXT  sing N N 139 
GLU CB  CG   sing N N 140 
GLU CB  HB2  sing N N 141 
GLU CB  HB3  sing N N 142 
GLU CG  CD   sing N N 143 
GLU CG  HG2  sing N N 144 
GLU CG  HG3  sing N N 145 
GLU CD  OE1  doub N N 146 
GLU CD  OE2  sing N N 147 
GLU OE2 HE2  sing N N 148 
GLU OXT HXT  sing N N 149 
GLY N   CA   sing N N 150 
GLY N   H    sing N N 151 
GLY N   H2   sing N N 152 
GLY CA  C    sing N N 153 
GLY CA  HA2  sing N N 154 
GLY CA  HA3  sing N N 155 
GLY C   O    doub N N 156 
GLY C   OXT  sing N N 157 
GLY OXT HXT  sing N N 158 
HIS N   CA   sing N N 159 
HIS N   H    sing N N 160 
HIS N   H2   sing N N 161 
HIS CA  C    sing N N 162 
HIS CA  CB   sing N N 163 
HIS CA  HA   sing N N 164 
HIS C   O    doub N N 165 
HIS C   OXT  sing N N 166 
HIS CB  CG   sing N N 167 
HIS CB  HB2  sing N N 168 
HIS CB  HB3  sing N N 169 
HIS CG  ND1  sing Y N 170 
HIS CG  CD2  doub Y N 171 
HIS ND1 CE1  doub Y N 172 
HIS ND1 HD1  sing N N 173 
HIS CD2 NE2  sing Y N 174 
HIS CD2 HD2  sing N N 175 
HIS CE1 NE2  sing Y N 176 
HIS CE1 HE1  sing N N 177 
HIS NE2 HE2  sing N N 178 
HIS OXT HXT  sing N N 179 
HOH O   H1   sing N N 180 
HOH O   H2   sing N N 181 
ILE N   CA   sing N N 182 
ILE N   H    sing N N 183 
ILE N   H2   sing N N 184 
ILE CA  C    sing N N 185 
ILE CA  CB   sing N N 186 
ILE CA  HA   sing N N 187 
ILE C   O    doub N N 188 
ILE C   OXT  sing N N 189 
ILE CB  CG1  sing N N 190 
ILE CB  CG2  sing N N 191 
ILE CB  HB   sing N N 192 
ILE CG1 CD1  sing N N 193 
ILE CG1 HG12 sing N N 194 
ILE CG1 HG13 sing N N 195 
ILE CG2 HG21 sing N N 196 
ILE CG2 HG22 sing N N 197 
ILE CG2 HG23 sing N N 198 
ILE CD1 HD11 sing N N 199 
ILE CD1 HD12 sing N N 200 
ILE CD1 HD13 sing N N 201 
ILE OXT HXT  sing N N 202 
LEU N   CA   sing N N 203 
LEU N   H    sing N N 204 
LEU N   H2   sing N N 205 
LEU CA  C    sing N N 206 
LEU CA  CB   sing N N 207 
LEU CA  HA   sing N N 208 
LEU C   O    doub N N 209 
LEU C   OXT  sing N N 210 
LEU CB  CG   sing N N 211 
LEU CB  HB2  sing N N 212 
LEU CB  HB3  sing N N 213 
LEU CG  CD1  sing N N 214 
LEU CG  CD2  sing N N 215 
LEU CG  HG   sing N N 216 
LEU CD1 HD11 sing N N 217 
LEU CD1 HD12 sing N N 218 
LEU CD1 HD13 sing N N 219 
LEU CD2 HD21 sing N N 220 
LEU CD2 HD22 sing N N 221 
LEU CD2 HD23 sing N N 222 
LEU OXT HXT  sing N N 223 
LYS N   CA   sing N N 224 
LYS N   H    sing N N 225 
LYS N   H2   sing N N 226 
LYS CA  C    sing N N 227 
LYS CA  CB   sing N N 228 
LYS CA  HA   sing N N 229 
LYS C   O    doub N N 230 
LYS C   OXT  sing N N 231 
LYS CB  CG   sing N N 232 
LYS CB  HB2  sing N N 233 
LYS CB  HB3  sing N N 234 
LYS CG  CD   sing N N 235 
LYS CG  HG2  sing N N 236 
LYS CG  HG3  sing N N 237 
LYS CD  CE   sing N N 238 
LYS CD  HD2  sing N N 239 
LYS CD  HD3  sing N N 240 
LYS CE  NZ   sing N N 241 
LYS CE  HE2  sing N N 242 
LYS CE  HE3  sing N N 243 
LYS NZ  HZ1  sing N N 244 
LYS NZ  HZ2  sing N N 245 
LYS NZ  HZ3  sing N N 246 
LYS OXT HXT  sing N N 247 
MET N   CA   sing N N 248 
MET N   H    sing N N 249 
MET N   H2   sing N N 250 
MET CA  C    sing N N 251 
MET CA  CB   sing N N 252 
MET CA  HA   sing N N 253 
MET C   O    doub N N 254 
MET C   OXT  sing N N 255 
MET CB  CG   sing N N 256 
MET CB  HB2  sing N N 257 
MET CB  HB3  sing N N 258 
MET CG  SD   sing N N 259 
MET CG  HG2  sing N N 260 
MET CG  HG3  sing N N 261 
MET SD  CE   sing N N 262 
MET CE  HE1  sing N N 263 
MET CE  HE2  sing N N 264 
MET CE  HE3  sing N N 265 
MET OXT HXT  sing N N 266 
PHE N   CA   sing N N 267 
PHE N   H    sing N N 268 
PHE N   H2   sing N N 269 
PHE CA  C    sing N N 270 
PHE CA  CB   sing N N 271 
PHE CA  HA   sing N N 272 
PHE C   O    doub N N 273 
PHE C   OXT  sing N N 274 
PHE CB  CG   sing N N 275 
PHE CB  HB2  sing N N 276 
PHE CB  HB3  sing N N 277 
PHE CG  CD1  doub Y N 278 
PHE CG  CD2  sing Y N 279 
PHE CD1 CE1  sing Y N 280 
PHE CD1 HD1  sing N N 281 
PHE CD2 CE2  doub Y N 282 
PHE CD2 HD2  sing N N 283 
PHE CE1 CZ   doub Y N 284 
PHE CE1 HE1  sing N N 285 
PHE CE2 CZ   sing Y N 286 
PHE CE2 HE2  sing N N 287 
PHE CZ  HZ   sing N N 288 
PHE OXT HXT  sing N N 289 
PRO N   CA   sing N N 290 
PRO N   CD   sing N N 291 
PRO N   H    sing N N 292 
PRO CA  C    sing N N 293 
PRO CA  CB   sing N N 294 
PRO CA  HA   sing N N 295 
PRO C   O    doub N N 296 
PRO C   OXT  sing N N 297 
PRO CB  CG   sing N N 298 
PRO CB  HB2  sing N N 299 
PRO CB  HB3  sing N N 300 
PRO CG  CD   sing N N 301 
PRO CG  HG2  sing N N 302 
PRO CG  HG3  sing N N 303 
PRO CD  HD2  sing N N 304 
PRO CD  HD3  sing N N 305 
PRO OXT HXT  sing N N 306 
SER N   CA   sing N N 307 
SER N   H    sing N N 308 
SER N   H2   sing N N 309 
SER CA  C    sing N N 310 
SER CA  CB   sing N N 311 
SER CA  HA   sing N N 312 
SER C   O    doub N N 313 
SER C   OXT  sing N N 314 
SER CB  OG   sing N N 315 
SER CB  HB2  sing N N 316 
SER CB  HB3  sing N N 317 
SER OG  HG   sing N N 318 
SER OXT HXT  sing N N 319 
THR N   CA   sing N N 320 
THR N   H    sing N N 321 
THR N   H2   sing N N 322 
THR CA  C    sing N N 323 
THR CA  CB   sing N N 324 
THR CA  HA   sing N N 325 
THR C   O    doub N N 326 
THR C   OXT  sing N N 327 
THR CB  OG1  sing N N 328 
THR CB  CG2  sing N N 329 
THR CB  HB   sing N N 330 
THR OG1 HG1  sing N N 331 
THR CG2 HG21 sing N N 332 
THR CG2 HG22 sing N N 333 
THR CG2 HG23 sing N N 334 
THR OXT HXT  sing N N 335 
TRP N   CA   sing N N 336 
TRP N   H    sing N N 337 
TRP N   H2   sing N N 338 
TRP CA  C    sing N N 339 
TRP CA  CB   sing N N 340 
TRP CA  HA   sing N N 341 
TRP C   O    doub N N 342 
TRP C   OXT  sing N N 343 
TRP CB  CG   sing N N 344 
TRP CB  HB2  sing N N 345 
TRP CB  HB3  sing N N 346 
TRP CG  CD1  doub Y N 347 
TRP CG  CD2  sing Y N 348 
TRP CD1 NE1  sing Y N 349 
TRP CD1 HD1  sing N N 350 
TRP CD2 CE2  doub Y N 351 
TRP CD2 CE3  sing Y N 352 
TRP NE1 CE2  sing Y N 353 
TRP NE1 HE1  sing N N 354 
TRP CE2 CZ2  sing Y N 355 
TRP CE3 CZ3  doub Y N 356 
TRP CE3 HE3  sing N N 357 
TRP CZ2 CH2  doub Y N 358 
TRP CZ2 HZ2  sing N N 359 
TRP CZ3 CH2  sing Y N 360 
TRP CZ3 HZ3  sing N N 361 
TRP CH2 HH2  sing N N 362 
TRP OXT HXT  sing N N 363 
TYR N   CA   sing N N 364 
TYR N   H    sing N N 365 
TYR N   H2   sing N N 366 
TYR CA  C    sing N N 367 
TYR CA  CB   sing N N 368 
TYR CA  HA   sing N N 369 
TYR C   O    doub N N 370 
TYR C   OXT  sing N N 371 
TYR CB  CG   sing N N 372 
TYR CB  HB2  sing N N 373 
TYR CB  HB3  sing N N 374 
TYR CG  CD1  doub Y N 375 
TYR CG  CD2  sing Y N 376 
TYR CD1 CE1  sing Y N 377 
TYR CD1 HD1  sing N N 378 
TYR CD2 CE2  doub Y N 379 
TYR CD2 HD2  sing N N 380 
TYR CE1 CZ   doub Y N 381 
TYR CE1 HE1  sing N N 382 
TYR CE2 CZ   sing Y N 383 
TYR CE2 HE2  sing N N 384 
TYR CZ  OH   sing N N 385 
TYR OH  HH   sing N N 386 
TYR OXT HXT  sing N N 387 
VAL N   CA   sing N N 388 
VAL N   H    sing N N 389 
VAL N   H2   sing N N 390 
VAL CA  C    sing N N 391 
VAL CA  CB   sing N N 392 
VAL CA  HA   sing N N 393 
VAL C   O    doub N N 394 
VAL C   OXT  sing N N 395 
VAL CB  CG1  sing N N 396 
VAL CB  CG2  sing N N 397 
VAL CB  HB   sing N N 398 
VAL CG1 HG11 sing N N 399 
VAL CG1 HG12 sing N N 400 
VAL CG1 HG13 sing N N 401 
VAL CG2 HG21 sing N N 402 
VAL CG2 HG22 sing N N 403 
VAL CG2 HG23 sing N N 404 
VAL OXT HXT  sing N N 405 
# 
loop_
_pdbx_entity_nonpoly.entity_id 
_pdbx_entity_nonpoly.name 
_pdbx_entity_nonpoly.comp_id 
2 'ZINC ION'                                                        ZN  
3 '3-(6-oxidanylidene-3-pyridin-3-yl-pyridazin-1-yl)propanoic acid' 6T7 
4 'UNKNOWN ATOM OR ION'                                             UNX 
5 water                                                             HOH 
# 
_pdbx_initial_refinement_model.id               1 
_pdbx_initial_refinement_model.entity_id_list   ? 
_pdbx_initial_refinement_model.type             'experimental model' 
_pdbx_initial_refinement_model.source_name      PDB 
_pdbx_initial_refinement_model.accession_code   3C5K 
_pdbx_initial_refinement_model.details          'pdbid 3C5K' 
# 
